data_9CMA
#
_entry.id   9CMA
#
_cell.length_a   1.00
_cell.length_b   1.00
_cell.length_c   1.00
_cell.angle_alpha   90.00
_cell.angle_beta   90.00
_cell.angle_gamma   90.00
#
_symmetry.space_group_name_H-M   'P 1'
#
loop_
_entity.id
_entity.type
_entity.pdbx_description
1 polymer 'Fanconi-associated nuclease 1'
2 polymer 'Proliferating cell nuclear antigen'
3 polymer 'DNA (46-MER) with (CAG)2 extrusion'
4 polymer 'DNA (40-MER)'
#
loop_
_entity_poly.entity_id
_entity_poly.type
_entity_poly.pdbx_seq_one_letter_code
_entity_poly.pdbx_strand_id
1 'polypeptide(L)'
;HPYYLRSFLVVLKTVLENEDDMLLFDEQEKGIVTKFYQLSATGQKLYVRLFQRKLSWIKMTKLEYEEIALDLTPVIEELT
NAGFLQTESELQELSEVLELLSAPELKSLAKTFHLVNPNGQKQQLVDAFLKLAKQHSVCTWGKNKPGIGAVILKRAKALA
GQSVRICKGPRAVFSRILLLFSLTDSMEDEDAACGGQGQLSTVLLVNLGRMEFPSYTINRKTHIFQDRDDLIRYAAATHM
LSDISSAMANGNWEEAKELAQCAKRDWNRLKNHPSLRCHEDLPLFLRCFTVGWIYTRILSRFVEILQRLHMYEEAVRELE
SLLSQRIYCPDSRGRWWDRLALNLHQHLKRLEPTIKCITEGLADPEVRTGHRLSLYQRAVRLRESPSCKKFKHLFQQLPE
MAVQDVKHVTITGRLCPQRGMCKSVFVMEAGEAADPTTVLCSVEELALAHYRRSGFDQGIHGEGSTFSTLYGLLLWDIIF
MDGIPDVFRNACQAFPLDLCTDSFFTSRRPALEARLQLIHDAPEESLRAWVAATWHEQEGRVASLVSWDRFTSLQQAQDL
VSCLGGPVLSGVCRHLAADFRHCRGGLPDLVVWNSQSRHFKLVEVKGPNDRLSHKQMIWLAELQKLGAEVEVCHVVAVGA
KSQSLS
;
A
2 'polypeptide(L)'
;MFEARLVQGSILKKVLEALKDLINEACWDISSSGVNLQSMDSSHVSLVQLTLRSEGFDTYRCDRNLAMGVNLTSMSKILK
CAGNEDIITLRAEDNADTLALVFEAPNQEKVSDYEMKLMDLDVEQLGIPEQEYSCVVKMPSGEFARICRDLSHIGDAVVI
SCAKDGVKFSASGELGNGNIKLSQTSNVDKEEEAVTIEMNEPVQLTFALRYLNFFTKATPLSSTVTLSMSADVPLVVEYK
IADMGHLKYYLAPKIEDEEGS
;
B,C,D
3 'polydeoxyribonucleotide'
;(DC)(DG)(DA)(DA)(DT)(DT)(DT)(DC)(DT)(DA)(DG)(DA)(DC)(DT)(DC)(DG)(DA)(DG)(DA)(DT)
(DC)(DA)(DG)(DC)(DA)(DG)(DC)(DT)(DG)(DC)(DT)(DA)(DG)(DG)(DT)(DC)(DG)(DA)(DG)(DT)
(DC)(DT)(DA)(DG)(DA)(DG)
;
E
4 'polydeoxyribonucleotide'
;(DC)(DT)(DC)(DT)(DA)(DG)(DA)(DC)(DT)(DC)(DG)(DA)(DC)(DC)(DT)(DA)(DG)(DC)(DA)(DG)
(DA)(DT)(DC)(DT)(DC)(DG)(DA)(DG)(DT)(DC)(DT)(DA)(DG)(DA)(DA)(DA)(DT)(DT)(DC)(DG)
;
F
#
loop_
_chem_comp.id
_chem_comp.type
_chem_comp.name
_chem_comp.formula
DA DNA linking 2'-DEOXYADENOSINE-5'-MONOPHOSPHATE 'C10 H14 N5 O6 P'
DC DNA linking 2'-DEOXYCYTIDINE-5'-MONOPHOSPHATE 'C9 H14 N3 O7 P'
DG DNA linking 2'-DEOXYGUANOSINE-5'-MONOPHOSPHATE 'C10 H14 N5 O7 P'
DT DNA linking THYMIDINE-5'-MONOPHOSPHATE 'C10 H15 N2 O8 P'
#
# COMPACT_ATOMS: atom_id res chain seq x y z
N HIS A 1 17.87 -1.74 33.57
CA HIS A 1 17.73 -2.89 34.47
C HIS A 1 18.99 -3.09 35.31
N PRO A 2 18.80 -3.36 36.60
CA PRO A 2 19.96 -3.71 37.43
C PRO A 2 20.64 -4.98 36.97
N TYR A 3 19.91 -5.84 36.25
CA TYR A 3 20.50 -7.06 35.69
C TYR A 3 21.60 -6.71 34.71
N TYR A 4 21.38 -5.68 33.89
CA TYR A 4 22.29 -5.40 32.78
C TYR A 4 23.58 -4.78 33.29
N LEU A 5 23.49 -3.94 34.34
CA LEU A 5 24.68 -3.40 34.96
C LEU A 5 25.57 -4.50 35.51
N ARG A 6 25.02 -5.40 36.32
CA ARG A 6 25.83 -6.46 36.89
C ARG A 6 26.33 -7.42 35.83
N SER A 7 25.50 -7.73 34.83
CA SER A 7 25.80 -8.81 33.89
C SER A 7 27.04 -8.50 33.06
N PHE A 8 27.02 -7.38 32.33
CA PHE A 8 28.12 -7.04 31.44
C PHE A 8 29.40 -6.80 32.23
N LEU A 9 29.27 -6.12 33.37
CA LEU A 9 30.41 -5.89 34.24
C LEU A 9 30.96 -7.20 34.77
N VAL A 10 30.10 -8.14 35.15
CA VAL A 10 30.58 -9.45 35.58
C VAL A 10 31.34 -10.14 34.45
N VAL A 11 30.80 -10.07 33.24
CA VAL A 11 31.47 -10.67 32.08
C VAL A 11 32.87 -10.12 31.94
N LEU A 12 33.00 -8.79 31.99
CA LEU A 12 34.31 -8.18 31.79
C LEU A 12 35.26 -8.52 32.93
N LYS A 13 34.82 -8.33 34.18
CA LYS A 13 35.68 -8.57 35.32
C LYS A 13 36.05 -10.05 35.47
N THR A 14 35.28 -10.95 34.85
CA THR A 14 35.66 -12.36 34.84
C THR A 14 36.60 -12.70 33.70
N VAL A 15 36.41 -12.13 32.52
CA VAL A 15 37.33 -12.39 31.43
C VAL A 15 38.66 -11.67 31.63
N LEU A 16 38.73 -10.73 32.58
CA LEU A 16 39.99 -10.05 32.84
C LEU A 16 41.07 -11.03 33.29
N GLU A 17 40.78 -11.86 34.30
CA GLU A 17 41.78 -12.77 34.85
C GLU A 17 42.00 -13.94 33.89
N ASN A 18 42.62 -13.61 32.76
CA ASN A 18 43.05 -14.62 31.79
C ASN A 18 44.23 -14.01 31.03
N GLU A 19 45.43 -14.52 31.30
CA GLU A 19 46.62 -13.97 30.65
C GLU A 19 46.58 -14.14 29.14
N ASP A 20 45.92 -15.20 28.64
CA ASP A 20 45.67 -15.29 27.21
C ASP A 20 44.78 -14.16 26.71
N ASP A 21 43.83 -13.73 27.53
CA ASP A 21 42.94 -12.63 27.14
C ASP A 21 43.75 -11.38 26.84
N MET A 22 44.71 -11.05 27.70
CA MET A 22 45.59 -9.93 27.42
C MET A 22 46.56 -10.24 26.30
N LEU A 23 46.96 -11.51 26.16
CA LEU A 23 47.87 -11.90 25.09
C LEU A 23 47.27 -11.67 23.72
N LEU A 24 45.97 -11.83 23.57
CA LEU A 24 45.33 -11.76 22.26
C LEU A 24 44.74 -10.39 21.97
N PHE A 25 44.96 -9.42 22.86
CA PHE A 25 44.47 -8.06 22.69
C PHE A 25 45.64 -7.09 22.77
N ASP A 26 45.64 -6.11 21.87
CA ASP A 26 46.73 -5.16 21.80
C ASP A 26 46.60 -4.13 22.93
N GLU A 27 47.68 -3.39 23.16
CA GLU A 27 47.67 -2.36 24.18
C GLU A 27 46.66 -1.27 23.86
N GLN A 28 46.41 -1.02 22.57
CA GLN A 28 45.38 -0.06 22.19
C GLN A 28 44.01 -0.50 22.70
N GLU A 29 43.62 -1.75 22.43
CA GLU A 29 42.35 -2.25 22.91
C GLU A 29 42.31 -2.30 24.43
N LYS A 30 43.46 -2.55 25.06
CA LYS A 30 43.53 -2.50 26.51
C LYS A 30 43.19 -1.10 27.01
N GLY A 31 43.77 -0.07 26.38
CA GLY A 31 43.40 1.28 26.73
C GLY A 31 41.93 1.56 26.49
N ILE A 32 41.39 1.00 25.41
CA ILE A 32 39.98 1.18 25.11
C ILE A 32 39.11 0.65 26.24
N VAL A 33 39.37 -0.60 26.66
CA VAL A 33 38.54 -1.21 27.68
C VAL A 33 38.74 -0.51 29.02
N THR A 34 39.98 -0.07 29.32
CA THR A 34 40.18 0.67 30.56
C THR A 34 39.44 2.00 30.53
N LYS A 35 39.37 2.65 29.37
CA LYS A 35 38.68 3.92 29.32
C LYS A 35 37.17 3.74 29.31
N PHE A 36 36.70 2.53 28.98
CA PHE A 36 35.35 2.14 29.40
C PHE A 36 35.26 1.99 30.92
N TYR A 37 36.28 1.41 31.54
CA TYR A 37 36.21 1.18 32.98
C TYR A 37 36.10 2.49 33.75
N GLN A 38 36.93 3.47 33.38
CA GLN A 38 36.88 4.75 34.07
C GLN A 38 35.62 5.54 33.75
N LEU A 39 34.86 5.12 32.74
CA LEU A 39 33.65 5.81 32.37
C LEU A 39 32.65 5.79 33.53
N SER A 40 31.78 6.79 33.54
CA SER A 40 30.83 6.95 34.63
C SER A 40 29.93 5.72 34.75
N ALA A 41 29.62 5.35 36.00
CA ALA A 41 28.78 4.19 36.25
C ALA A 41 27.41 4.37 35.63
N THR A 42 26.80 5.55 35.80
CA THR A 42 25.53 5.83 35.16
C THR A 42 25.69 6.02 33.65
N GLY A 43 26.90 6.30 33.17
CA GLY A 43 27.17 6.35 31.75
C GLY A 43 27.38 5.00 31.11
N GLN A 44 27.61 3.96 31.92
CA GLN A 44 27.72 2.61 31.38
C GLN A 44 26.40 2.17 30.74
N LYS A 45 25.28 2.49 31.39
CA LYS A 45 23.99 1.94 31.00
C LYS A 45 23.64 2.30 29.55
N LEU A 46 23.95 3.53 29.14
CA LEU A 46 23.59 3.97 27.80
C LEU A 46 24.28 3.12 26.74
N TYR A 47 25.58 2.84 26.92
CA TYR A 47 26.26 1.98 25.96
C TYR A 47 25.82 0.53 26.11
N VAL A 48 25.47 0.10 27.32
CA VAL A 48 25.03 -1.28 27.50
C VAL A 48 23.74 -1.54 26.73
N ARG A 49 22.73 -0.69 26.91
CA ARG A 49 21.45 -0.92 26.25
C ARG A 49 21.59 -0.87 24.73
N LEU A 50 22.34 0.11 24.23
CA LEU A 50 22.49 0.26 22.79
C LEU A 50 23.32 -0.87 22.19
N PHE A 51 24.30 -1.38 22.93
CA PHE A 51 25.15 -2.43 22.37
C PHE A 51 24.33 -3.67 22.04
N GLN A 52 23.54 -4.16 23.00
CA GLN A 52 22.58 -5.22 22.73
C GLN A 52 21.29 -4.64 22.14
N ARG A 53 21.46 -3.93 21.03
CA ARG A 53 20.36 -3.45 20.22
C ARG A 53 20.86 -3.35 18.79
N LYS A 54 19.92 -3.16 17.87
CA LYS A 54 20.26 -3.18 16.44
C LYS A 54 21.21 -2.04 16.09
N LEU A 55 22.05 -2.29 15.10
CA LEU A 55 23.02 -1.31 14.64
C LEU A 55 22.36 -0.45 13.56
N SER A 56 21.85 0.72 13.95
CA SER A 56 21.16 1.60 13.02
C SER A 56 21.10 2.99 13.61
N TRP A 57 21.10 3.99 12.74
CA TRP A 57 20.98 5.39 13.17
C TRP A 57 19.63 5.58 13.83
N ILE A 58 19.63 6.09 15.06
CA ILE A 58 18.41 6.31 15.81
C ILE A 58 18.47 7.69 16.45
N LYS A 59 17.34 8.39 16.44
CA LYS A 59 17.24 9.68 17.10
C LYS A 59 16.93 9.50 18.58
N MET A 60 17.63 10.28 19.41
CA MET A 60 17.37 10.24 20.84
C MET A 60 15.96 10.73 21.17
N THR A 61 15.38 11.55 20.28
CA THR A 61 13.98 11.94 20.47
C THR A 61 13.07 10.72 20.44
N LYS A 62 13.37 9.76 19.56
CA LYS A 62 12.67 8.48 19.59
C LYS A 62 12.94 7.73 20.88
N LEU A 63 14.17 7.81 21.39
CA LEU A 63 14.55 7.08 22.58
C LEU A 63 13.77 7.58 23.79
N GLU A 64 13.52 6.67 24.74
CA GLU A 64 12.79 7.01 25.96
C GLU A 64 13.45 6.50 27.23
N TYR A 65 14.67 5.96 27.16
CA TYR A 65 15.34 5.43 28.34
C TYR A 65 15.40 6.47 29.44
N GLU A 66 14.74 6.17 30.56
CA GLU A 66 14.48 7.16 31.61
C GLU A 66 15.22 6.88 32.91
N GLU A 67 15.62 5.63 33.18
CA GLU A 67 16.16 5.27 34.48
C GLU A 67 17.50 5.94 34.78
N ILE A 68 18.14 6.55 33.79
CA ILE A 68 19.32 7.37 34.05
C ILE A 68 18.86 8.78 34.37
N ALA A 69 18.18 9.42 33.42
CA ALA A 69 17.62 10.75 33.61
C ALA A 69 16.71 11.08 32.45
N LEU A 70 15.73 11.95 32.70
CA LEU A 70 14.98 12.54 31.61
C LEU A 70 15.86 13.39 30.71
N ASP A 71 16.95 13.92 31.26
CA ASP A 71 17.91 14.76 30.55
C ASP A 71 19.31 14.22 30.73
N LEU A 72 19.51 12.96 30.35
CA LEU A 72 20.81 12.31 30.37
C LEU A 72 21.71 12.76 29.22
N THR A 73 21.30 13.82 28.52
CA THR A 73 22.08 14.35 27.40
C THR A 73 23.54 14.63 27.74
N PRO A 74 23.88 15.28 28.86
CA PRO A 74 25.30 15.49 29.17
C PRO A 74 26.10 14.20 29.14
N VAL A 75 25.51 13.09 29.57
CA VAL A 75 26.15 11.79 29.37
C VAL A 75 26.33 11.51 27.88
N ILE A 76 25.37 11.96 27.06
CA ILE A 76 25.51 11.72 25.62
C ILE A 76 26.72 12.45 25.06
N GLU A 77 26.89 13.74 25.35
CA GLU A 77 28.08 14.42 24.83
C GLU A 77 29.35 13.90 25.47
N GLU A 78 29.29 13.52 26.75
CA GLU A 78 30.48 12.95 27.39
C GLU A 78 30.93 11.69 26.66
N LEU A 79 30.00 10.79 26.39
CA LEU A 79 30.36 9.53 25.76
C LEU A 79 30.69 9.74 24.28
N THR A 80 30.10 10.75 23.65
CA THR A 80 30.51 11.12 22.31
C THR A 80 31.95 11.60 22.29
N ASN A 81 32.33 12.42 23.27
CA ASN A 81 33.72 12.82 23.41
C ASN A 81 34.62 11.63 23.72
N ALA A 82 34.05 10.61 24.38
CA ALA A 82 34.81 9.39 24.62
C ALA A 82 35.17 8.69 23.32
N GLY A 83 34.46 8.99 22.24
CA GLY A 83 34.81 8.45 20.94
C GLY A 83 34.03 7.21 20.55
N PHE A 84 32.78 7.10 21.02
CA PHE A 84 31.95 5.94 20.70
C PHE A 84 30.66 6.31 19.99
N LEU A 85 29.84 7.17 20.58
CA LEU A 85 28.55 7.55 19.99
C LEU A 85 28.79 8.64 18.96
N GLN A 86 29.11 8.21 17.74
CA GLN A 86 29.23 9.15 16.63
C GLN A 86 27.90 9.85 16.42
N THR A 87 27.84 11.13 16.74
CA THR A 87 26.60 11.88 16.65
C THR A 87 26.35 12.25 15.19
N GLU A 88 25.36 13.11 14.96
CA GLU A 88 24.99 13.50 13.60
C GLU A 88 26.22 13.85 12.77
N SER A 89 27.01 14.83 13.22
CA SER A 89 28.41 15.01 12.84
C SER A 89 28.74 14.56 11.41
N GLU A 90 29.59 13.53 11.30
CA GLU A 90 29.92 12.91 10.03
C GLU A 90 28.77 12.00 9.62
N LEU A 91 27.90 12.51 8.75
CA LEU A 91 26.70 11.80 8.34
C LEU A 91 26.47 11.83 6.84
N GLN A 92 27.51 12.13 6.06
CA GLN A 92 27.36 12.31 4.61
C GLN A 92 27.18 10.94 3.94
N GLU A 93 26.00 10.35 4.18
CA GLU A 93 25.63 9.10 3.54
C GLU A 93 24.12 9.08 3.43
N LEU A 94 23.61 9.30 2.21
CA LEU A 94 22.18 9.51 2.02
C LEU A 94 21.37 8.27 2.40
N SER A 95 21.91 7.09 2.13
CA SER A 95 21.17 5.87 2.42
C SER A 95 20.87 5.75 3.91
N GLU A 96 21.86 6.04 4.76
CA GLU A 96 21.67 5.90 6.19
C GLU A 96 20.61 6.86 6.71
N VAL A 97 20.65 8.12 6.26
CA VAL A 97 19.67 9.09 6.74
C VAL A 97 18.28 8.75 6.23
N LEU A 98 18.20 8.26 4.99
CA LEU A 98 16.91 7.76 4.50
C LEU A 98 16.40 6.62 5.38
N GLU A 99 17.32 5.76 5.84
CA GLU A 99 16.92 4.70 6.75
C GLU A 99 16.38 5.27 8.06
N LEU A 100 17.07 6.27 8.61
CA LEU A 100 16.53 6.97 9.78
C LEU A 100 15.22 7.66 9.45
N LEU A 101 15.11 8.18 8.24
CA LEU A 101 13.94 8.94 7.84
C LEU A 101 12.69 8.07 7.85
N SER A 102 11.59 8.63 8.33
CA SER A 102 10.34 7.87 8.40
C SER A 102 9.43 8.21 7.22
N ALA A 103 8.50 7.29 6.95
CA ALA A 103 7.67 7.39 5.74
C ALA A 103 6.82 8.65 5.65
N PRO A 104 6.12 9.11 6.70
CA PRO A 104 5.27 10.30 6.52
C PRO A 104 6.05 11.52 6.04
N GLU A 105 7.11 11.90 6.74
CA GLU A 105 7.89 13.04 6.27
C GLU A 105 8.66 12.68 5.01
N LEU A 106 8.90 11.39 4.77
CA LEU A 106 9.37 10.97 3.45
C LEU A 106 8.35 11.34 2.38
N LYS A 107 7.07 11.09 2.66
CA LYS A 107 6.04 11.48 1.71
C LYS A 107 6.00 12.99 1.53
N SER A 108 6.18 13.74 2.62
CA SER A 108 6.19 15.19 2.52
C SER A 108 7.35 15.68 1.65
N LEU A 109 8.54 15.10 1.84
CA LEU A 109 9.68 15.46 1.02
C LEU A 109 9.46 15.07 -0.43
N ALA A 110 8.76 13.96 -0.64
CA ALA A 110 8.34 13.61 -2.00
C ALA A 110 7.45 14.70 -2.59
N LYS A 111 6.54 15.23 -1.76
CA LYS A 111 5.61 16.25 -2.23
C LYS A 111 6.34 17.50 -2.68
N THR A 112 7.32 17.95 -1.90
CA THR A 112 8.07 19.15 -2.28
C THR A 112 8.98 18.91 -3.47
N PHE A 113 9.15 17.67 -3.91
CA PHE A 113 9.84 17.34 -5.14
C PHE A 113 8.83 16.90 -6.19
N HIS A 114 9.35 16.50 -7.35
CA HIS A 114 8.51 16.25 -8.51
C HIS A 114 8.47 14.77 -8.88
N LEU A 115 9.12 13.94 -8.08
CA LEU A 115 9.45 12.58 -8.49
C LEU A 115 8.19 11.80 -8.85
N VAL A 116 8.37 10.77 -9.66
CA VAL A 116 7.29 10.00 -10.26
C VAL A 116 6.61 9.18 -9.17
N ASN A 117 5.29 9.24 -9.14
CA ASN A 117 4.48 8.51 -8.16
C ASN A 117 4.97 8.80 -6.75
N PRO A 118 4.72 10.00 -6.22
CA PRO A 118 5.10 10.27 -4.83
C PRO A 118 4.11 9.66 -3.85
N ASN A 119 3.70 8.42 -4.12
CA ASN A 119 2.91 7.64 -3.19
C ASN A 119 3.19 6.17 -3.49
N GLY A 120 4.15 5.60 -2.79
CA GLY A 120 4.52 4.20 -2.99
C GLY A 120 4.81 3.53 -1.68
N GLN A 121 5.81 2.65 -1.67
CA GLN A 121 6.21 1.95 -0.46
C GLN A 121 7.64 2.31 -0.12
N LYS A 122 8.06 1.90 1.08
CA LYS A 122 9.22 2.47 1.74
C LYS A 122 10.49 2.36 0.89
N GLN A 123 10.82 1.14 0.47
CA GLN A 123 12.11 0.91 -0.17
C GLN A 123 12.18 1.48 -1.58
N GLN A 124 11.15 1.30 -2.41
CA GLN A 124 11.28 1.75 -3.79
C GLN A 124 11.32 3.26 -3.85
N LEU A 125 10.67 3.93 -2.90
CA LEU A 125 10.89 5.36 -2.71
C LEU A 125 12.36 5.65 -2.39
N VAL A 126 12.98 4.81 -1.57
CA VAL A 126 14.38 5.03 -1.18
C VAL A 126 15.28 4.96 -2.40
N ASP A 127 15.16 3.88 -3.18
CA ASP A 127 16.03 3.83 -4.35
C ASP A 127 15.57 4.79 -5.43
N ALA A 128 14.32 5.25 -5.41
CA ALA A 128 13.94 6.35 -6.29
C ALA A 128 14.74 7.60 -5.97
N PHE A 129 14.84 7.93 -4.68
CA PHE A 129 15.72 9.02 -4.27
C PHE A 129 17.16 8.71 -4.66
N LEU A 130 17.55 7.44 -4.63
CA LEU A 130 18.91 7.09 -5.02
C LEU A 130 19.17 7.31 -6.51
N LYS A 131 18.15 7.12 -7.36
CA LYS A 131 18.31 7.51 -8.77
C LYS A 131 18.59 8.99 -8.90
N LEU A 132 18.22 9.78 -7.90
CA LEU A 132 18.59 11.19 -7.94
C LEU A 132 20.09 11.40 -7.78
N ALA A 133 20.84 10.37 -7.38
CA ALA A 133 22.29 10.50 -7.42
C ALA A 133 22.79 10.65 -8.85
N LYS A 134 22.11 10.05 -9.82
CA LYS A 134 22.52 10.18 -11.23
C LYS A 134 22.25 11.60 -11.69
N GLN A 135 23.28 12.44 -11.66
CA GLN A 135 23.17 13.87 -11.91
C GLN A 135 24.53 14.38 -12.37
N HIS A 136 24.75 15.69 -12.20
CA HIS A 136 26.00 16.40 -12.53
C HIS A 136 26.10 16.64 -14.02
N SER A 137 24.95 16.76 -14.70
CA SER A 137 24.92 17.25 -16.06
C SER A 137 23.81 18.29 -16.18
N VAL A 138 22.84 18.24 -15.28
CA VAL A 138 21.76 19.23 -15.21
C VAL A 138 22.02 20.12 -14.01
N CYS A 139 22.75 19.61 -13.02
CA CYS A 139 23.21 20.46 -11.92
C CYS A 139 24.36 21.35 -12.37
N THR A 140 25.23 20.85 -13.24
CA THR A 140 26.30 21.64 -13.85
C THR A 140 25.80 22.51 -15.00
N TRP A 141 24.48 22.62 -15.16
CA TRP A 141 23.91 23.41 -16.24
C TRP A 141 24.34 24.88 -16.13
N GLY A 142 24.18 25.46 -14.94
CA GLY A 142 24.72 26.77 -14.68
C GLY A 142 26.03 26.65 -13.92
N LYS A 143 26.05 27.07 -12.67
CA LYS A 143 27.18 26.79 -11.80
C LYS A 143 27.21 25.30 -11.48
N ASN A 144 28.42 24.76 -11.38
CA ASN A 144 28.62 23.32 -11.40
C ASN A 144 27.90 22.62 -10.23
N LYS A 145 28.36 22.88 -9.00
CA LYS A 145 27.72 22.45 -7.75
C LYS A 145 27.09 21.05 -7.85
N PRO A 146 27.88 19.99 -7.91
CA PRO A 146 27.32 18.64 -8.10
C PRO A 146 26.62 18.08 -6.88
N GLY A 147 26.58 18.81 -5.77
CA GLY A 147 26.01 18.32 -4.54
C GLY A 147 24.50 18.34 -4.47
N ILE A 148 23.84 17.79 -5.50
CA ILE A 148 22.39 17.65 -5.45
C ILE A 148 22.00 16.70 -4.32
N GLY A 149 22.71 15.60 -4.19
CA GLY A 149 22.50 14.72 -3.04
C GLY A 149 22.84 15.42 -1.74
N ALA A 150 23.80 16.35 -1.78
CA ALA A 150 24.09 17.15 -0.59
C ALA A 150 22.88 17.98 -0.21
N VAL A 151 22.21 18.59 -1.19
CA VAL A 151 20.98 19.31 -0.90
C VAL A 151 19.92 18.37 -0.35
N ILE A 152 19.81 17.19 -0.94
CA ILE A 152 18.84 16.20 -0.48
C ILE A 152 19.06 15.88 0.98
N LEU A 153 20.30 15.57 1.36
CA LEU A 153 20.58 15.21 2.74
C LEU A 153 20.46 16.41 3.66
N LYS A 154 20.74 17.62 3.17
CA LYS A 154 20.54 18.81 3.99
C LYS A 154 19.08 18.97 4.37
N ARG A 155 18.20 18.90 3.38
CA ARG A 155 16.77 18.99 3.69
C ARG A 155 16.30 17.79 4.52
N ALA A 156 16.89 16.62 4.30
CA ALA A 156 16.53 15.47 5.12
C ALA A 156 16.88 15.70 6.58
N LYS A 157 18.09 16.21 6.84
CA LYS A 157 18.49 16.52 8.21
C LYS A 157 17.61 17.60 8.80
N ALA A 158 17.27 18.61 8.00
CA ALA A 158 16.29 19.60 8.45
C ALA A 158 15.00 18.92 8.86
N LEU A 159 14.56 17.93 8.09
CA LEU A 159 13.39 17.14 8.48
C LEU A 159 13.70 16.23 9.66
N ALA A 160 14.83 15.51 9.60
CA ALA A 160 15.12 14.52 10.62
C ALA A 160 15.73 15.13 11.88
N GLY A 161 16.88 15.76 11.74
CA GLY A 161 17.52 16.40 12.88
C GLY A 161 18.78 15.71 13.36
N GLN A 162 18.74 15.24 14.61
CA GLN A 162 19.89 14.62 15.27
C GLN A 162 19.80 13.09 15.25
N SER A 163 20.95 12.46 15.41
CA SER A 163 21.05 11.01 15.55
C SER A 163 22.43 10.67 16.07
N VAL A 164 22.59 9.41 16.48
CA VAL A 164 23.85 8.90 17.00
C VAL A 164 24.09 7.49 16.44
N ARG A 165 25.35 7.06 16.50
CA ARG A 165 25.73 5.72 16.07
C ARG A 165 27.08 5.38 16.72
N ILE A 166 27.37 4.07 16.77
CA ILE A 166 28.60 3.57 17.38
C ILE A 166 29.64 3.30 16.30
N CYS A 167 30.88 3.65 16.59
CA CYS A 167 31.98 3.33 15.69
C CYS A 167 32.23 1.83 15.67
N LYS A 168 32.84 1.36 14.58
CA LYS A 168 32.94 -0.07 14.34
C LYS A 168 33.93 -0.75 15.29
N GLY A 169 35.01 -0.06 15.64
CA GLY A 169 36.05 -0.64 16.47
C GLY A 169 35.59 -1.14 17.83
N PRO A 170 34.92 -0.27 18.62
CA PRO A 170 34.44 -0.70 19.93
C PRO A 170 33.46 -1.86 19.86
N ARG A 171 32.56 -1.80 18.88
CA ARG A 171 31.61 -2.89 18.70
C ARG A 171 32.35 -4.18 18.39
N ALA A 172 33.36 -4.10 17.52
CA ALA A 172 34.12 -5.28 17.15
C ALA A 172 34.83 -5.88 18.36
N VAL A 173 35.44 -5.03 19.18
CA VAL A 173 36.21 -5.56 20.29
C VAL A 173 35.30 -6.17 21.36
N PHE A 174 34.16 -5.53 21.64
CA PHE A 174 33.23 -6.18 22.56
C PHE A 174 32.59 -7.43 21.98
N SER A 175 32.39 -7.49 20.65
CA SER A 175 31.95 -8.73 20.05
C SER A 175 32.97 -9.83 20.30
N ARG A 176 34.24 -9.52 20.11
CA ARG A 176 35.28 -10.51 20.35
C ARG A 176 35.30 -10.94 21.81
N ILE A 177 35.18 -9.99 22.74
CA ILE A 177 35.29 -10.35 24.15
C ILE A 177 34.07 -11.16 24.59
N LEU A 178 32.89 -10.83 24.06
CA LEU A 178 31.71 -11.60 24.41
C LEU A 178 31.77 -13.01 23.85
N LEU A 179 32.24 -13.17 22.61
CA LEU A 179 32.35 -14.52 22.08
C LEU A 179 33.43 -15.31 22.81
N LEU A 180 34.48 -14.63 23.26
CA LEU A 180 35.48 -15.30 24.09
C LEU A 180 34.87 -15.78 25.40
N PHE A 181 34.03 -14.95 26.03
CA PHE A 181 33.32 -15.41 27.22
C PHE A 181 32.41 -16.58 26.92
N SER A 182 31.68 -16.52 25.81
CA SER A 182 30.73 -17.56 25.45
C SER A 182 31.46 -18.89 25.24
N LEU A 183 32.34 -18.94 24.24
CA LEU A 183 33.12 -20.14 23.95
C LEU A 183 32.20 -21.34 23.83
N THR A 184 31.35 -21.34 22.82
CA THR A 184 30.38 -22.41 22.56
C THR A 184 29.45 -22.60 23.75
N LEU A 208 21.73 -13.92 34.35
CA LEU A 208 22.91 -14.70 34.01
C LEU A 208 23.95 -14.62 35.13
N GLY A 209 24.15 -13.41 35.66
CA GLY A 209 25.00 -13.28 36.83
C GLY A 209 24.39 -13.96 38.04
N ARG A 210 23.06 -14.12 38.03
CA ARG A 210 22.38 -14.81 39.13
C ARG A 210 22.80 -16.28 39.20
N MET A 211 23.26 -16.84 38.09
CA MET A 211 23.56 -18.27 38.04
C MET A 211 24.65 -18.66 39.03
N GLU A 212 24.30 -19.48 40.01
CA GLU A 212 25.29 -20.06 40.91
C GLU A 212 25.96 -21.24 40.20
N PHE A 213 27.18 -21.05 39.73
CA PHE A 213 27.87 -22.09 38.97
C PHE A 213 28.31 -23.22 39.88
N PRO A 214 28.56 -24.43 39.35
CA PRO A 214 28.79 -25.59 40.23
C PRO A 214 30.11 -25.55 40.96
N SER A 215 30.44 -26.65 41.65
CA SER A 215 31.71 -26.80 42.34
C SER A 215 32.70 -27.45 41.38
N TYR A 216 33.29 -26.63 40.51
CA TYR A 216 34.14 -27.13 39.43
C TYR A 216 35.53 -26.51 39.38
N THR A 217 35.78 -25.40 40.07
CA THR A 217 37.08 -24.73 40.06
C THR A 217 37.45 -24.37 38.62
N ILE A 218 38.57 -24.89 38.13
CA ILE A 218 39.03 -24.61 36.77
C ILE A 218 40.12 -25.59 36.37
N ASN A 219 40.22 -25.89 35.08
CA ASN A 219 41.30 -26.74 34.58
C ASN A 219 41.87 -26.26 33.26
N ARG A 220 41.77 -24.98 32.94
CA ARG A 220 42.22 -24.46 31.65
C ARG A 220 43.72 -24.63 31.48
N LYS A 221 44.12 -25.42 30.48
CA LYS A 221 45.52 -25.67 30.22
C LYS A 221 45.94 -25.20 28.84
N THR A 222 45.24 -25.64 27.80
CA THR A 222 45.67 -25.40 26.43
C THR A 222 44.78 -24.38 25.75
N HIS A 223 45.41 -23.45 25.03
CA HIS A 223 44.67 -22.47 24.24
C HIS A 223 44.02 -23.13 23.03
N ILE A 224 42.76 -22.76 22.76
CA ILE A 224 42.03 -23.38 21.65
C ILE A 224 42.62 -22.97 20.31
N PHE A 225 42.84 -21.67 20.13
CA PHE A 225 43.29 -21.14 18.86
C PHE A 225 44.81 -21.21 18.76
N GLN A 226 45.33 -20.66 17.65
CA GLN A 226 46.77 -20.62 17.41
C GLN A 226 47.31 -19.23 17.14
N ASP A 227 46.46 -18.27 16.75
CA ASP A 227 46.94 -16.94 16.43
C ASP A 227 45.77 -15.97 16.54
N ARG A 228 46.09 -14.68 16.64
CA ARG A 228 45.05 -13.66 16.68
C ARG A 228 44.43 -13.47 15.30
N ASP A 229 45.19 -13.74 14.24
CA ASP A 229 44.62 -13.67 12.90
C ASP A 229 43.56 -14.75 12.70
N ASP A 230 43.81 -15.95 13.21
CA ASP A 230 42.89 -17.06 13.02
C ASP A 230 41.52 -16.75 13.62
N LEU A 231 41.50 -16.19 14.83
CA LEU A 231 40.23 -15.94 15.50
C LEU A 231 39.40 -14.91 14.75
N ILE A 232 40.04 -14.01 14.01
CA ILE A 232 39.34 -12.98 13.25
C ILE A 232 38.44 -13.66 12.22
N ARG A 233 38.98 -14.67 11.56
CA ARG A 233 38.21 -15.36 10.53
C ARG A 233 36.97 -16.03 11.10
N TYR A 234 37.06 -16.58 12.32
CA TYR A 234 35.85 -17.03 13.00
C TYR A 234 34.89 -15.87 13.22
N ALA A 235 35.40 -14.75 13.70
CA ALA A 235 34.56 -13.57 13.86
C ALA A 235 33.95 -13.17 12.52
N ALA A 236 34.74 -13.22 11.46
CA ALA A 236 34.23 -12.97 10.11
C ALA A 236 33.17 -14.01 9.74
N ALA A 237 33.46 -15.28 10.05
CA ALA A 237 32.56 -16.36 9.70
C ALA A 237 31.30 -16.36 10.57
N THR A 238 31.47 -16.15 11.88
CA THR A 238 30.34 -16.16 12.80
C THR A 238 29.29 -15.16 12.35
N HIS A 239 29.73 -13.96 11.98
CA HIS A 239 28.85 -12.97 11.40
C HIS A 239 28.15 -13.53 10.17
N MET A 240 28.92 -14.13 9.27
CA MET A 240 28.34 -14.73 8.07
C MET A 240 27.39 -15.87 8.42
N LEU A 241 27.78 -16.70 9.37
CA LEU A 241 26.97 -17.88 9.72
C LEU A 241 25.61 -17.43 10.22
N SER A 242 25.59 -16.41 11.09
CA SER A 242 24.33 -15.84 11.51
C SER A 242 23.61 -15.20 10.32
N ASP A 243 24.37 -14.55 9.43
CA ASP A 243 23.78 -13.97 8.23
C ASP A 243 23.14 -15.04 7.35
N ILE A 244 23.84 -16.15 7.14
CA ILE A 244 23.30 -17.22 6.33
C ILE A 244 22.08 -17.84 7.01
N SER A 245 22.11 -17.91 8.34
CA SER A 245 20.96 -18.44 9.07
C SER A 245 19.71 -17.63 8.79
N SER A 246 19.84 -16.31 8.75
CA SER A 246 18.72 -15.46 8.40
C SER A 246 18.33 -15.63 6.93
N ALA A 247 19.32 -15.88 6.06
CA ALA A 247 19.04 -16.07 4.64
C ALA A 247 18.09 -17.25 4.42
N MET A 248 18.27 -18.31 5.20
CA MET A 248 17.40 -19.48 5.08
C MET A 248 15.98 -19.17 5.52
N ALA A 249 15.81 -18.19 6.40
CA ALA A 249 14.48 -17.79 6.85
C ALA A 249 13.93 -16.68 5.96
N ASN A 250 14.49 -16.56 4.76
CA ASN A 250 14.07 -15.52 3.83
C ASN A 250 13.62 -16.11 2.50
N GLY A 251 14.31 -17.17 2.07
CA GLY A 251 14.16 -17.69 0.73
C GLY A 251 15.14 -17.11 -0.26
N ASN A 252 16.22 -16.51 0.20
CA ASN A 252 17.14 -15.76 -0.64
C ASN A 252 18.55 -16.33 -0.58
N TRP A 253 18.68 -17.65 -0.76
CA TRP A 253 19.97 -18.30 -0.70
C TRP A 253 20.89 -17.82 -1.81
N GLU A 254 20.32 -17.17 -2.82
CA GLU A 254 21.08 -16.74 -3.99
C GLU A 254 22.20 -15.78 -3.60
N GLU A 255 21.92 -14.83 -2.71
CA GLU A 255 23.00 -13.98 -2.21
C GLU A 255 23.96 -14.76 -1.33
N ALA A 256 23.45 -15.77 -0.62
CA ALA A 256 24.25 -16.53 0.32
C ALA A 256 25.39 -17.27 -0.37
N LYS A 257 25.11 -17.86 -1.53
CA LYS A 257 26.11 -18.67 -2.21
C LYS A 257 27.30 -17.84 -2.65
N GLU A 258 27.05 -16.62 -3.15
CA GLU A 258 28.14 -15.78 -3.66
C GLU A 258 29.14 -15.49 -2.56
N LEU A 259 28.65 -15.12 -1.37
CA LEU A 259 29.54 -14.97 -0.23
C LEU A 259 30.04 -16.31 0.28
N ALA A 260 29.22 -17.36 0.18
CA ALA A 260 29.70 -18.69 0.51
C ALA A 260 30.78 -19.14 -0.46
N GLN A 261 30.66 -18.75 -1.74
CA GLN A 261 31.73 -18.94 -2.70
C GLN A 261 32.96 -18.20 -2.22
N CYS A 262 32.78 -16.96 -1.79
CA CYS A 262 33.86 -16.19 -1.19
C CYS A 262 34.32 -16.89 0.08
N ALA A 263 33.37 -17.37 0.89
CA ALA A 263 33.73 -18.17 2.06
C ALA A 263 34.47 -19.44 1.65
N LYS A 264 33.98 -20.11 0.61
CA LYS A 264 34.73 -21.23 0.05
C LYS A 264 36.07 -20.76 -0.49
N ARG A 265 36.08 -19.62 -1.20
CA ARG A 265 37.35 -19.00 -1.59
C ARG A 265 38.17 -18.64 -0.36
N ASP A 266 37.51 -18.12 0.67
CA ASP A 266 38.19 -17.89 1.93
C ASP A 266 38.70 -19.20 2.51
N TRP A 267 37.90 -20.25 2.42
CA TRP A 267 38.38 -21.58 2.74
C TRP A 267 39.53 -21.97 1.82
N ASN A 268 39.33 -21.81 0.51
CA ASN A 268 40.33 -22.18 -0.48
C ASN A 268 41.66 -21.51 -0.18
N ARG A 269 41.61 -20.22 0.14
CA ARG A 269 42.82 -19.48 0.50
C ARG A 269 43.42 -20.05 1.78
N LEU A 270 42.55 -20.41 2.74
CA LEU A 270 43.00 -20.87 4.04
C LEU A 270 42.90 -22.39 4.21
N LYS A 271 42.70 -23.14 3.12
CA LYS A 271 42.74 -24.59 3.23
C LYS A 271 44.12 -25.06 3.68
N ASN A 272 45.16 -24.43 3.16
CA ASN A 272 46.54 -24.71 3.55
C ASN A 272 46.95 -23.77 4.67
N HIS A 273 46.42 -24.06 5.86
CA HIS A 273 46.75 -23.26 7.04
C HIS A 273 46.89 -24.16 8.26
N PRO A 274 47.94 -23.99 9.05
CA PRO A 274 48.25 -24.96 10.11
C PRO A 274 47.32 -24.89 11.32
N SER A 275 46.48 -23.87 11.39
CA SER A 275 45.60 -23.70 12.55
C SER A 275 44.68 -24.89 12.72
N LEU A 276 44.08 -25.34 11.62
CA LEU A 276 43.21 -26.51 11.65
C LEU A 276 43.95 -27.77 12.06
N ARG A 277 45.24 -27.88 11.78
CA ARG A 277 46.01 -29.06 12.15
C ARG A 277 46.10 -29.18 13.68
N CYS A 278 46.25 -28.05 14.36
CA CYS A 278 46.19 -28.07 15.81
C CYS A 278 44.79 -28.43 16.32
N HIS A 279 43.75 -28.00 15.60
CA HIS A 279 42.41 -28.49 15.92
C HIS A 279 42.31 -29.98 15.70
N GLU A 280 42.97 -30.49 14.66
CA GLU A 280 43.09 -31.93 14.45
C GLU A 280 43.78 -32.53 15.66
N ASP A 281 44.80 -31.84 16.16
CA ASP A 281 45.45 -32.24 17.39
C ASP A 281 44.52 -32.09 18.59
N LEU A 282 43.63 -31.11 18.53
CA LEU A 282 42.65 -30.90 19.59
C LEU A 282 41.69 -32.09 19.67
N PRO A 283 41.25 -32.44 20.86
CA PRO A 283 40.24 -33.51 20.99
C PRO A 283 38.95 -33.15 20.27
N LEU A 284 38.12 -34.14 20.00
CA LEU A 284 36.92 -33.93 19.20
C LEU A 284 35.98 -32.92 19.85
N PHE A 285 35.94 -32.88 21.18
CA PHE A 285 35.12 -31.86 21.83
C PHE A 285 35.74 -30.48 21.68
N LEU A 286 37.05 -30.43 21.41
CA LEU A 286 37.68 -29.19 21.02
C LEU A 286 37.68 -29.02 19.50
N ARG A 287 37.45 -30.10 18.76
CA ARG A 287 37.29 -30.01 17.32
C ARG A 287 35.95 -29.43 16.91
N CYS A 288 35.07 -29.19 17.89
CA CYS A 288 33.69 -28.77 17.60
C CYS A 288 33.65 -27.56 16.69
N PHE A 289 34.57 -26.63 16.86
CA PHE A 289 34.72 -25.52 15.93
C PHE A 289 36.16 -25.47 15.41
N THR A 290 36.27 -25.41 14.09
CA THR A 290 37.55 -25.43 13.39
C THR A 290 37.40 -24.65 12.10
N VAL A 291 38.48 -23.99 11.68
CA VAL A 291 38.48 -23.17 10.47
C VAL A 291 37.83 -23.94 9.34
N GLY A 292 38.37 -25.12 9.04
CA GLY A 292 37.76 -26.00 8.06
C GLY A 292 36.35 -26.39 8.45
N TRP A 293 36.15 -26.77 9.72
CA TRP A 293 34.85 -27.19 10.21
C TRP A 293 33.83 -26.07 10.10
N ILE A 294 34.21 -24.84 10.48
CA ILE A 294 33.34 -23.70 10.27
C ILE A 294 33.05 -23.58 8.79
N TYR A 295 34.11 -23.61 7.98
CA TYR A 295 33.93 -23.56 6.53
C TYR A 295 33.14 -24.76 6.04
N THR A 296 33.31 -25.91 6.69
CA THR A 296 32.54 -27.10 6.36
C THR A 296 31.06 -26.86 6.64
N ARG A 297 30.75 -26.36 7.84
CA ARG A 297 29.37 -26.08 8.19
C ARG A 297 28.84 -24.97 7.29
N ILE A 298 29.71 -24.02 6.94
CA ILE A 298 29.37 -23.05 5.89
C ILE A 298 29.04 -23.79 4.60
N LEU A 299 29.92 -24.69 4.18
CA LEU A 299 29.64 -25.49 2.99
C LEU A 299 28.55 -26.51 3.23
N SER A 300 28.29 -26.88 4.49
CA SER A 300 27.16 -27.76 4.77
C SER A 300 25.84 -27.05 4.50
N ARG A 301 25.71 -25.81 4.96
CA ARG A 301 24.52 -25.03 4.65
C ARG A 301 24.42 -24.76 3.15
N PHE A 302 25.57 -24.63 2.49
CA PHE A 302 25.64 -24.51 1.04
C PHE A 302 24.90 -25.66 0.35
N VAL A 303 24.94 -26.85 0.94
CA VAL A 303 24.30 -28.01 0.35
C VAL A 303 22.79 -27.84 0.37
N GLU A 304 22.23 -27.47 1.52
CA GLU A 304 20.79 -27.23 1.58
C GLU A 304 20.43 -25.91 0.92
N ILE A 305 21.43 -25.05 0.70
CA ILE A 305 21.28 -23.93 -0.22
C ILE A 305 21.13 -24.50 -1.63
N LEU A 306 22.01 -25.43 -1.98
CA LEU A 306 22.01 -26.01 -3.32
C LEU A 306 20.77 -26.86 -3.57
N GLN A 307 20.42 -27.73 -2.62
CA GLN A 307 19.31 -28.66 -2.85
C GLN A 307 17.98 -27.92 -2.97
N ARG A 308 17.78 -26.89 -2.15
CA ARG A 308 16.50 -26.20 -2.15
C ARG A 308 16.31 -25.41 -3.44
N LEU A 309 17.40 -24.92 -4.02
CA LEU A 309 17.35 -24.27 -5.32
C LEU A 309 17.52 -25.32 -6.41
N HIS A 310 17.53 -26.58 -6.02
CA HIS A 310 17.52 -27.74 -6.92
C HIS A 310 18.79 -27.88 -7.74
N MET A 311 19.91 -27.35 -7.25
CA MET A 311 21.21 -27.65 -7.84
C MET A 311 21.81 -28.85 -7.13
N TYR A 312 21.07 -29.96 -7.13
CA TYR A 312 21.43 -31.11 -6.31
C TYR A 312 22.77 -31.72 -6.69
N GLU A 313 23.14 -31.66 -7.97
CA GLU A 313 24.36 -32.30 -8.46
C GLU A 313 25.61 -31.73 -7.81
N GLU A 314 25.67 -30.41 -7.65
CA GLU A 314 26.78 -29.81 -6.92
C GLU A 314 26.74 -30.21 -5.46
N ALA A 315 25.54 -30.22 -4.87
CA ALA A 315 25.39 -30.71 -3.50
C ALA A 315 25.89 -32.14 -3.39
N VAL A 316 25.70 -32.93 -4.43
CA VAL A 316 26.31 -34.26 -4.49
C VAL A 316 27.83 -34.15 -4.47
N ARG A 317 28.37 -33.20 -5.23
CA ARG A 317 29.81 -33.01 -5.31
C ARG A 317 30.38 -32.57 -3.97
N GLU A 318 29.71 -31.67 -3.27
CA GLU A 318 30.22 -31.12 -2.02
C GLU A 318 30.39 -32.19 -0.95
N LEU A 319 29.36 -33.02 -0.77
CA LEU A 319 29.42 -34.06 0.26
C LEU A 319 30.57 -35.02 -0.02
N GLU A 320 30.89 -35.23 -1.29
CA GLU A 320 31.99 -36.10 -1.66
C GLU A 320 33.30 -35.58 -1.08
N SER A 321 33.62 -34.31 -1.37
CA SER A 321 34.76 -33.68 -0.73
C SER A 321 34.59 -33.61 0.78
N LEU A 322 33.35 -33.45 1.24
CA LEU A 322 33.08 -33.56 2.67
C LEU A 322 33.47 -34.93 3.18
N LEU A 323 32.98 -35.98 2.52
CA LEU A 323 33.27 -37.35 2.94
C LEU A 323 34.76 -37.66 2.94
N SER A 324 35.55 -36.91 2.17
CA SER A 324 37.00 -37.06 2.26
C SER A 324 37.49 -36.72 3.66
N GLN A 325 36.91 -35.70 4.27
CA GLN A 325 37.22 -35.31 5.63
C GLN A 325 36.28 -36.00 6.61
N ARG A 326 36.83 -36.45 7.74
CA ARG A 326 36.02 -37.08 8.76
C ARG A 326 36.35 -36.51 10.14
N ILE A 327 37.55 -35.96 10.29
CA ILE A 327 38.07 -35.58 11.60
C ILE A 327 37.26 -34.48 12.27
N TYR A 328 36.87 -33.46 11.51
CA TYR A 328 36.15 -32.34 12.10
C TYR A 328 34.71 -32.74 12.37
N CYS A 329 34.38 -32.93 13.64
CA CYS A 329 33.09 -33.47 14.06
C CYS A 329 32.83 -34.80 13.37
N PRO A 330 33.41 -35.90 13.86
CA PRO A 330 33.18 -37.21 13.24
C PRO A 330 31.70 -37.51 13.04
N ASP A 331 30.83 -36.91 13.86
CA ASP A 331 29.40 -37.04 13.67
C ASP A 331 28.94 -36.07 12.58
N SER A 332 29.59 -36.15 11.42
CA SER A 332 29.20 -35.33 10.27
C SER A 332 29.23 -36.16 9.00
N ARG A 333 30.05 -37.20 8.97
CA ARG A 333 30.18 -38.02 7.78
C ARG A 333 28.89 -38.76 7.48
N GLY A 334 28.21 -39.22 8.54
CA GLY A 334 26.94 -39.91 8.38
C GLY A 334 25.88 -39.06 7.74
N ARG A 335 25.84 -37.77 8.11
CA ARG A 335 24.87 -36.85 7.53
C ARG A 335 25.08 -36.74 6.02
N TRP A 336 26.34 -36.65 5.60
CA TRP A 336 26.68 -36.57 4.19
C TRP A 336 26.30 -37.86 3.47
N TRP A 337 26.30 -38.98 4.19
CA TRP A 337 25.82 -40.23 3.60
C TRP A 337 24.33 -40.14 3.29
N ASP A 338 23.54 -39.61 4.23
CA ASP A 338 22.14 -39.35 3.95
C ASP A 338 21.97 -38.30 2.88
N ARG A 339 22.86 -37.31 2.84
CA ARG A 339 22.81 -36.29 1.80
C ARG A 339 22.89 -36.91 0.42
N LEU A 340 23.83 -37.82 0.22
CA LEU A 340 23.99 -38.46 -1.08
C LEU A 340 22.76 -39.27 -1.45
N ALA A 341 22.19 -39.99 -0.48
CA ALA A 341 20.99 -40.78 -0.71
C ALA A 341 19.80 -39.87 -1.04
N LEU A 342 19.58 -38.85 -0.21
CA LEU A 342 18.47 -37.94 -0.41
C LEU A 342 18.59 -37.20 -1.74
N ASN A 343 19.80 -36.73 -2.06
CA ASN A 343 20.03 -36.05 -3.32
C ASN A 343 19.74 -36.98 -4.50
N LEU A 344 20.15 -38.24 -4.37
CA LEU A 344 20.09 -39.16 -5.51
C LEU A 344 18.81 -39.96 -5.56
N HIS A 345 17.89 -39.70 -4.63
CA HIS A 345 16.62 -40.42 -4.65
C HIS A 345 15.44 -39.50 -4.94
N GLN A 346 15.27 -38.47 -4.13
CA GLN A 346 14.07 -37.65 -4.21
C GLN A 346 13.97 -36.91 -5.53
N HIS A 347 15.06 -36.30 -5.98
CA HIS A 347 14.98 -35.49 -7.19
C HIS A 347 15.92 -36.00 -8.27
N LEU A 348 17.20 -36.20 -7.94
CA LEU A 348 18.14 -36.69 -8.93
C LEU A 348 18.25 -38.20 -8.87
N LYS A 349 17.21 -38.91 -9.33
CA LYS A 349 17.25 -40.36 -9.34
C LYS A 349 18.48 -40.84 -10.10
N ARG A 350 19.44 -41.44 -9.37
CA ARG A 350 20.69 -41.92 -9.92
C ARG A 350 21.02 -43.19 -9.14
N LEU A 351 20.64 -44.33 -9.70
CA LEU A 351 20.76 -45.60 -8.99
C LEU A 351 22.20 -45.95 -8.70
N GLU A 352 23.01 -46.14 -9.74
CA GLU A 352 24.33 -46.74 -9.63
C GLU A 352 25.15 -46.15 -8.49
N PRO A 353 25.14 -44.81 -8.29
CA PRO A 353 25.80 -44.28 -7.09
C PRO A 353 25.05 -44.56 -5.79
N THR A 354 23.72 -44.42 -5.79
CA THR A 354 22.99 -44.44 -4.52
C THR A 354 23.02 -45.82 -3.88
N ILE A 355 23.09 -46.89 -4.67
CA ILE A 355 23.37 -48.21 -4.10
C ILE A 355 24.75 -48.23 -3.47
N LYS A 356 25.75 -47.68 -4.17
CA LYS A 356 27.09 -47.62 -3.59
C LYS A 356 27.07 -46.79 -2.32
N CYS A 357 26.30 -45.71 -2.30
CA CYS A 357 26.14 -44.88 -1.12
C CYS A 357 25.49 -45.65 0.03
N ILE A 358 24.34 -46.28 -0.23
CA ILE A 358 23.56 -46.86 0.84
C ILE A 358 24.32 -48.01 1.49
N THR A 359 25.10 -48.75 0.70
CA THR A 359 25.93 -49.82 1.23
C THR A 359 26.92 -49.29 2.25
N GLU A 360 27.79 -48.38 1.82
CA GLU A 360 28.77 -47.79 2.73
C GLU A 360 28.08 -46.97 3.83
N GLY A 361 26.90 -46.42 3.53
CA GLY A 361 26.18 -45.69 4.55
C GLY A 361 25.76 -46.56 5.71
N LEU A 362 25.26 -47.77 5.41
CA LEU A 362 24.90 -48.71 6.47
C LEU A 362 26.12 -49.22 7.23
N ALA A 363 27.32 -49.05 6.69
CA ALA A 363 28.54 -49.60 7.28
C ALA A 363 29.35 -48.59 8.06
N ASP A 364 29.20 -47.30 7.78
CA ASP A 364 30.02 -46.28 8.42
C ASP A 364 29.79 -46.25 9.93
N PRO A 365 30.85 -46.25 10.73
CA PRO A 365 30.67 -46.27 12.20
C PRO A 365 29.88 -45.11 12.74
N GLU A 366 30.04 -43.93 12.16
CA GLU A 366 29.32 -42.76 12.65
C GLU A 366 27.86 -42.82 12.36
N VAL A 367 27.46 -43.74 11.49
CA VAL A 367 26.07 -43.97 11.14
C VAL A 367 25.55 -45.05 12.07
N ARG A 368 24.61 -44.68 12.94
CA ARG A 368 24.19 -45.57 14.01
C ARG A 368 22.83 -45.15 14.53
N THR A 369 22.16 -46.07 15.20
CA THR A 369 20.85 -45.87 15.83
C THR A 369 19.87 -45.35 14.78
N GLY A 370 19.08 -44.35 15.15
CA GLY A 370 18.09 -43.77 14.26
C GLY A 370 18.69 -43.28 12.96
N HIS A 371 19.90 -42.75 13.04
CA HIS A 371 20.61 -42.29 11.85
C HIS A 371 20.81 -43.46 10.89
N ARG A 372 21.02 -44.66 11.41
CA ARG A 372 21.25 -45.82 10.55
C ARG A 372 20.02 -46.70 10.41
N LEU A 373 19.24 -46.87 11.48
CA LEU A 373 18.10 -47.78 11.40
C LEU A 373 17.07 -47.29 10.39
N SER A 374 16.98 -45.97 10.21
CA SER A 374 16.22 -45.46 9.09
C SER A 374 16.79 -45.93 7.76
N LEU A 375 18.13 -46.01 7.67
CA LEU A 375 18.76 -46.40 6.41
C LEU A 375 18.47 -47.85 6.03
N TYR A 376 18.42 -48.75 7.02
CA TYR A 376 18.09 -50.14 6.71
C TYR A 376 16.68 -50.25 6.14
N GLN A 377 15.71 -49.61 6.80
CA GLN A 377 14.37 -49.52 6.24
C GLN A 377 14.38 -48.75 4.93
N ARG A 378 15.23 -47.73 4.84
CA ARG A 378 15.45 -47.08 3.55
C ARG A 378 16.00 -48.08 2.53
N ALA A 379 16.94 -48.92 2.95
CA ALA A 379 17.44 -49.97 2.08
C ALA A 379 16.35 -50.96 1.71
N VAL A 380 15.54 -51.35 2.69
CA VAL A 380 14.42 -52.27 2.48
C VAL A 380 13.39 -51.63 1.57
N ARG A 381 13.05 -50.38 1.83
CA ARG A 381 12.07 -49.67 1.00
C ARG A 381 12.61 -49.48 -0.41
N LEU A 382 13.90 -49.16 -0.53
CA LEU A 382 14.48 -48.96 -1.86
C LEU A 382 14.56 -50.28 -2.64
N ARG A 383 14.96 -51.37 -1.97
CA ARG A 383 15.12 -52.64 -2.67
C ARG A 383 13.78 -53.19 -3.13
N GLU A 384 12.72 -52.95 -2.36
CA GLU A 384 11.40 -53.44 -2.74
C GLU A 384 10.84 -52.65 -3.92
N SER A 385 11.31 -51.42 -4.12
CA SER A 385 10.87 -50.60 -5.23
C SER A 385 11.28 -51.23 -6.55
N PRO A 386 10.45 -51.14 -7.59
CA PRO A 386 10.85 -51.70 -8.90
C PRO A 386 12.11 -51.07 -9.48
N SER A 387 12.39 -49.82 -9.15
CA SER A 387 13.57 -49.15 -9.70
C SER A 387 14.85 -49.86 -9.28
N CYS A 388 14.98 -50.18 -7.99
CA CYS A 388 16.16 -50.87 -7.47
C CYS A 388 15.92 -52.36 -7.27
N LYS A 389 14.79 -52.89 -7.73
CA LYS A 389 14.52 -54.32 -7.57
C LYS A 389 15.47 -55.15 -8.42
N LYS A 390 16.05 -54.55 -9.46
CA LYS A 390 17.04 -55.23 -10.29
C LYS A 390 18.36 -55.49 -9.58
N PHE A 391 18.73 -54.67 -8.60
CA PHE A 391 20.04 -54.74 -7.97
C PHE A 391 20.00 -55.47 -6.62
N LYS A 392 19.16 -56.51 -6.52
CA LYS A 392 19.13 -57.30 -5.29
C LYS A 392 20.50 -57.86 -4.95
N HIS A 393 21.29 -58.22 -5.98
CA HIS A 393 22.58 -58.85 -5.76
C HIS A 393 23.55 -57.95 -5.00
N LEU A 394 23.35 -56.63 -5.01
CA LEU A 394 24.15 -55.72 -4.22
C LEU A 394 23.51 -55.44 -2.86
N PHE A 395 22.37 -56.09 -2.57
CA PHE A 395 21.65 -55.85 -1.32
C PHE A 395 21.56 -57.10 -0.47
N GLN A 396 22.65 -57.84 -0.35
CA GLN A 396 22.66 -59.09 0.40
C GLN A 396 23.43 -58.97 1.72
N GLN A 397 23.63 -57.76 2.22
CA GLN A 397 24.32 -57.51 3.48
C GLN A 397 23.44 -56.69 4.41
N LEU A 398 22.17 -57.08 4.53
CA LEU A 398 21.19 -56.33 5.30
C LEU A 398 21.21 -56.79 6.75
N PRO A 399 21.46 -55.90 7.70
CA PRO A 399 21.34 -56.30 9.12
C PRO A 399 19.89 -56.43 9.53
N GLU A 400 19.65 -56.69 10.81
CA GLU A 400 18.27 -56.88 11.26
C GLU A 400 18.14 -56.33 12.67
N MET A 401 16.95 -55.81 12.96
CA MET A 401 16.58 -55.30 14.28
C MET A 401 15.20 -55.82 14.66
N ALA A 402 15.03 -57.13 14.56
CA ALA A 402 13.75 -57.77 14.89
C ALA A 402 13.23 -57.28 16.23
N VAL A 403 12.00 -56.80 16.23
CA VAL A 403 11.41 -56.12 17.38
C VAL A 403 10.24 -56.96 17.89
N GLN A 404 9.76 -56.61 19.08
CA GLN A 404 8.73 -57.37 19.77
C GLN A 404 7.64 -56.44 20.28
N ASP A 405 7.11 -55.58 19.40
CA ASP A 405 6.44 -54.33 19.76
C ASP A 405 5.66 -54.42 21.05
N VAL A 406 5.98 -53.52 21.98
CA VAL A 406 5.51 -53.56 23.36
C VAL A 406 3.99 -53.47 23.37
N LYS A 407 3.37 -54.19 24.32
CA LYS A 407 1.93 -54.19 24.50
C LYS A 407 1.33 -52.82 24.31
N HIS A 408 0.43 -52.72 23.33
CA HIS A 408 -0.14 -51.46 22.88
C HIS A 408 -1.43 -51.20 23.65
N VAL A 409 -1.28 -50.55 24.80
CA VAL A 409 -2.45 -50.18 25.61
C VAL A 409 -3.09 -48.98 24.93
N THR A 410 -4.15 -49.24 24.16
CA THR A 410 -4.80 -48.18 23.38
C THR A 410 -5.93 -47.58 24.21
N ILE A 411 -5.77 -46.31 24.58
CA ILE A 411 -6.70 -45.66 25.51
C ILE A 411 -7.50 -44.58 24.80
N THR A 412 -8.47 -44.00 25.51
CA THR A 412 -9.30 -42.93 24.99
C THR A 412 -9.14 -41.71 25.89
N GLY A 413 -9.92 -40.68 25.60
CA GLY A 413 -9.86 -39.42 26.31
C GLY A 413 -10.11 -38.28 25.35
N ARG A 414 -10.55 -37.15 25.90
CA ARG A 414 -10.97 -36.00 25.10
C ARG A 414 -9.77 -35.35 24.40
N LEU A 415 -10.05 -34.75 23.24
CA LEU A 415 -9.02 -34.09 22.45
C LEU A 415 -9.51 -32.71 22.04
N CYS A 416 -8.56 -31.77 21.94
CA CYS A 416 -8.83 -30.41 21.52
C CYS A 416 -8.19 -30.09 20.17
N PHE A 426 -4.39 -30.36 23.90
CA PHE A 426 -5.55 -31.23 24.05
C PHE A 426 -6.49 -30.70 25.13
N VAL A 427 -7.60 -31.39 25.34
CA VAL A 427 -8.58 -31.00 26.35
C VAL A 427 -8.79 -32.18 27.29
N MET A 428 -8.82 -31.90 28.58
CA MET A 428 -8.94 -32.93 29.60
C MET A 428 -10.19 -32.68 30.43
N GLU A 429 -10.90 -33.76 30.73
CA GLU A 429 -12.00 -33.73 31.69
C GLU A 429 -11.58 -34.28 33.05
N ALA A 430 -10.34 -34.01 33.46
CA ALA A 430 -9.79 -34.53 34.71
C ALA A 430 -10.68 -34.19 35.90
N GLY A 431 -10.74 -35.09 36.86
CA GLY A 431 -11.65 -34.94 37.98
C GLY A 431 -12.97 -35.66 37.75
N GLU A 432 -13.93 -35.36 38.61
CA GLU A 432 -15.26 -35.96 38.49
C GLU A 432 -15.94 -35.55 37.19
N ALA A 433 -16.73 -36.46 36.64
CA ALA A 433 -17.47 -36.20 35.41
C ALA A 433 -18.47 -35.06 35.60
N ALA A 434 -18.84 -34.80 36.85
CA ALA A 434 -19.76 -33.71 37.14
C ALA A 434 -19.16 -32.36 36.71
N ASP A 435 -17.83 -32.26 36.71
CA ASP A 435 -17.13 -31.06 36.25
C ASP A 435 -16.35 -31.39 34.99
N PRO A 436 -16.99 -31.41 33.82
CA PRO A 436 -16.25 -31.67 32.57
C PRO A 436 -15.63 -30.40 32.01
N THR A 437 -14.86 -29.69 32.84
CA THR A 437 -14.26 -28.43 32.41
C THR A 437 -13.23 -28.69 31.32
N THR A 438 -13.01 -27.67 30.47
CA THR A 438 -12.07 -27.82 29.37
C THR A 438 -10.63 -27.95 29.86
N VAL A 439 -10.09 -26.89 30.48
CA VAL A 439 -8.72 -26.83 30.96
C VAL A 439 -7.76 -27.51 29.99
N LEU A 440 -7.34 -26.77 28.95
CA LEU A 440 -6.54 -27.30 27.86
C LEU A 440 -5.32 -28.06 28.37
N CYS A 441 -5.07 -29.24 27.80
CA CYS A 441 -4.04 -30.15 28.31
C CYS A 441 -3.20 -30.75 27.19
N SER A 442 -2.43 -31.77 27.52
CA SER A 442 -1.67 -32.54 26.53
C SER A 442 -2.02 -34.01 26.67
N VAL A 443 -1.43 -34.83 25.79
CA VAL A 443 -1.68 -36.27 25.80
C VAL A 443 -1.24 -36.94 27.10
N GLU A 444 -0.35 -36.31 27.86
CA GLU A 444 0.17 -36.90 29.09
C GLU A 444 -0.92 -37.21 30.10
N GLU A 445 -1.74 -36.21 30.43
CA GLU A 445 -2.73 -36.35 31.50
C GLU A 445 -3.72 -37.47 31.20
N LEU A 446 -4.12 -37.60 29.93
CA LEU A 446 -5.02 -38.67 29.51
C LEU A 446 -4.50 -40.01 30.00
N ALA A 447 -3.27 -40.35 29.62
CA ALA A 447 -2.66 -41.59 30.10
C ALA A 447 -2.38 -41.50 31.60
N LEU A 448 -1.90 -40.35 32.06
CA LEU A 448 -1.61 -40.17 33.48
C LEU A 448 -2.83 -40.47 34.34
N ALA A 449 -3.98 -39.89 33.97
CA ALA A 449 -5.21 -40.16 34.71
C ALA A 449 -5.55 -41.64 34.65
N HIS A 450 -5.38 -42.26 33.48
CA HIS A 450 -5.61 -43.69 33.33
C HIS A 450 -4.69 -44.51 34.22
N TYR A 451 -3.42 -44.11 34.32
CA TYR A 451 -2.44 -44.93 35.00
C TYR A 451 -2.36 -44.60 36.49
N ARG A 452 -2.64 -43.34 36.86
CA ARG A 452 -2.63 -42.99 38.27
C ARG A 452 -3.73 -43.72 39.03
N ARG A 453 -4.90 -43.87 38.39
CA ARG A 453 -5.95 -44.68 38.99
C ARG A 453 -5.65 -46.16 38.87
N SER A 454 -4.62 -46.53 38.11
CA SER A 454 -4.18 -47.91 37.98
C SER A 454 -3.13 -48.23 39.04
N GLY A 455 -3.11 -47.46 40.12
CA GLY A 455 -2.14 -47.66 41.19
C GLY A 455 -0.72 -47.32 40.78
N PHE A 456 -0.56 -46.24 40.02
CA PHE A 456 0.75 -45.76 39.59
C PHE A 456 0.81 -44.24 39.74
N ASP A 457 0.44 -43.78 40.95
CA ASP A 457 0.18 -42.36 41.20
C ASP A 457 1.25 -41.44 40.62
N GLN A 458 2.49 -41.60 41.07
CA GLN A 458 3.54 -40.65 40.71
C GLN A 458 4.15 -40.99 39.35
N GLY A 459 5.07 -40.12 38.92
CA GLY A 459 5.77 -40.31 37.66
C GLY A 459 5.10 -39.56 36.53
N ILE A 460 5.67 -38.42 36.11
CA ILE A 460 4.97 -37.61 35.12
C ILE A 460 5.46 -37.94 33.72
N HIS A 461 6.69 -37.56 33.39
CA HIS A 461 7.23 -37.78 32.05
C HIS A 461 8.68 -37.31 32.03
N GLY A 462 9.26 -37.31 30.83
CA GLY A 462 10.56 -36.69 30.64
C GLY A 462 11.63 -37.52 29.97
N GLU A 463 11.21 -38.51 29.17
CA GLU A 463 12.11 -39.31 28.34
C GLU A 463 13.31 -39.84 29.12
N GLY A 464 14.50 -39.35 28.80
CA GLY A 464 15.70 -39.79 29.47
C GLY A 464 16.34 -38.71 30.33
N SER A 465 15.62 -37.61 30.52
CA SER A 465 16.12 -36.53 31.37
C SER A 465 16.31 -37.02 32.79
N THR A 466 15.33 -37.77 33.30
CA THR A 466 15.37 -38.29 34.65
C THR A 466 16.56 -39.23 34.84
N PHE A 467 16.79 -40.11 33.88
CA PHE A 467 17.93 -41.03 33.96
C PHE A 467 19.23 -40.25 34.00
N SER A 468 19.34 -39.22 33.16
CA SER A 468 20.48 -38.31 33.27
C SER A 468 20.48 -37.62 34.63
N THR A 469 19.30 -37.26 35.12
CA THR A 469 19.20 -36.67 36.45
C THR A 469 19.68 -37.64 37.51
N LEU A 470 19.29 -38.91 37.40
CA LEU A 470 19.84 -39.95 38.26
C LEU A 470 21.35 -40.05 38.08
N TYR A 471 21.80 -40.02 36.83
CA TYR A 471 23.22 -40.11 36.51
C TYR A 471 23.98 -38.94 37.11
N GLY A 472 23.38 -37.75 37.04
CA GLY A 472 24.02 -36.54 37.53
C GLY A 472 24.44 -36.59 38.98
N LEU A 473 23.48 -36.70 39.90
CA LEU A 473 23.76 -36.57 41.33
C LEU A 473 24.74 -37.62 41.83
N LEU A 474 24.47 -38.89 41.52
CA LEU A 474 25.28 -39.98 42.06
C LEU A 474 26.72 -39.94 41.58
N LEU A 475 26.91 -39.66 40.28
CA LEU A 475 28.26 -39.71 39.72
C LEU A 475 28.88 -38.33 39.55
N TRP A 476 28.28 -37.29 40.12
CA TRP A 476 28.62 -35.89 39.86
C TRP A 476 30.12 -35.62 39.86
N ASP A 477 30.79 -35.87 41.00
CA ASP A 477 32.22 -35.61 41.07
C ASP A 477 33.01 -36.54 40.16
N ILE A 478 32.55 -37.78 39.97
CA ILE A 478 33.14 -38.61 38.92
C ILE A 478 32.86 -37.99 37.56
N ILE A 479 31.62 -37.53 37.34
CA ILE A 479 31.27 -36.86 36.09
C ILE A 479 32.16 -35.64 35.89
N PHE A 480 32.36 -34.87 36.96
CA PHE A 480 33.17 -33.67 36.92
C PHE A 480 34.58 -33.87 37.43
N MET A 481 35.16 -35.06 37.29
CA MET A 481 36.54 -35.28 37.71
C MET A 481 37.45 -34.36 36.91
N ASP A 482 38.42 -33.74 37.60
CA ASP A 482 39.21 -32.69 36.96
C ASP A 482 40.69 -33.02 36.95
N GLY A 483 41.50 -32.08 36.46
CA GLY A 483 42.91 -32.33 36.25
C GLY A 483 43.18 -32.58 34.78
N ILE A 484 42.18 -33.13 34.09
CA ILE A 484 42.23 -33.31 32.64
C ILE A 484 42.21 -31.91 32.03
N PRO A 485 42.92 -31.67 30.92
CA PRO A 485 42.95 -30.33 30.34
C PRO A 485 41.58 -29.76 29.98
N ASP A 486 41.43 -28.45 30.16
CA ASP A 486 40.26 -27.66 29.76
C ASP A 486 38.93 -28.32 30.12
N VAL A 487 38.90 -29.05 31.23
CA VAL A 487 37.64 -29.60 31.72
C VAL A 487 36.69 -28.48 32.09
N PHE A 488 37.21 -27.47 32.78
CA PHE A 488 36.41 -26.32 33.19
C PHE A 488 37.07 -25.05 32.70
N ARG A 489 37.38 -25.03 31.41
CA ARG A 489 38.08 -23.93 30.75
C ARG A 489 37.61 -22.55 31.20
N ASN A 490 36.31 -22.29 31.09
CA ASN A 490 35.78 -20.99 31.47
C ASN A 490 35.73 -20.84 32.98
N ALA A 491 35.33 -19.66 33.43
CA ALA A 491 35.07 -19.43 34.84
C ALA A 491 33.60 -19.70 35.13
N CYS A 492 32.87 -20.16 34.12
CA CYS A 492 31.42 -20.32 34.27
C CYS A 492 30.91 -21.64 33.71
N GLN A 493 31.80 -22.56 33.33
CA GLN A 493 31.36 -23.81 32.71
C GLN A 493 30.69 -24.72 33.72
N ALA A 494 29.76 -25.54 33.23
CA ALA A 494 29.13 -26.57 34.04
C ALA A 494 29.40 -27.94 33.44
N PHE A 495 29.26 -28.06 32.12
CA PHE A 495 29.53 -29.32 31.44
C PHE A 495 30.94 -29.27 30.86
N PRO A 496 31.75 -30.30 31.06
CA PRO A 496 33.14 -30.22 30.59
C PRO A 496 33.32 -30.49 29.11
N LEU A 497 32.49 -29.86 28.27
CA LEU A 497 32.63 -29.95 26.82
C LEU A 497 32.48 -31.38 26.32
N ASP A 498 33.38 -32.26 26.74
CA ASP A 498 33.41 -33.64 26.25
C ASP A 498 32.19 -34.44 26.65
N LEU A 499 31.27 -33.84 27.41
CA LEU A 499 30.04 -34.52 27.81
C LEU A 499 29.31 -35.07 26.60
N CYS A 500 29.26 -34.30 25.51
CA CYS A 500 28.65 -34.78 24.28
C CYS A 500 29.43 -35.95 23.69
N THR A 501 30.76 -35.88 23.74
CA THR A 501 31.60 -36.83 23.04
C THR A 501 31.88 -38.07 23.88
N ASP A 502 32.07 -39.19 23.20
CA ASP A 502 32.32 -40.47 23.87
C ASP A 502 33.64 -40.49 24.61
N SER A 503 34.56 -39.59 24.27
CA SER A 503 35.86 -39.54 24.91
C SER A 503 35.73 -39.20 26.40
N PHE A 504 34.57 -38.66 26.79
CA PHE A 504 34.24 -38.48 28.19
C PHE A 504 34.38 -39.80 28.93
N PHE A 505 33.74 -40.85 28.40
CA PHE A 505 33.76 -42.16 29.04
C PHE A 505 35.14 -42.80 28.93
N THR A 506 35.76 -42.71 27.76
CA THR A 506 37.11 -43.26 27.57
C THR A 506 38.08 -42.64 28.55
N SER A 507 37.87 -41.36 28.89
CA SER A 507 38.69 -40.69 29.88
C SER A 507 38.59 -41.37 31.24
N ARG A 508 37.37 -41.74 31.62
CA ARG A 508 37.11 -42.30 32.95
C ARG A 508 36.50 -43.69 32.88
N ARG A 509 36.90 -44.48 31.89
CA ARG A 509 36.45 -45.85 31.76
C ARG A 509 36.70 -46.63 33.06
N PRO A 510 37.89 -46.55 33.67
CA PRO A 510 38.06 -47.21 34.98
C PRO A 510 37.28 -46.52 36.08
N ALA A 511 37.32 -45.18 36.12
CA ALA A 511 36.66 -44.45 37.18
C ALA A 511 35.14 -44.67 37.17
N LEU A 512 34.54 -44.65 35.99
CA LEU A 512 33.09 -44.79 35.90
C LEU A 512 32.64 -46.16 36.39
N GLU A 513 33.25 -47.21 35.87
CA GLU A 513 32.82 -48.58 36.16
C GLU A 513 32.92 -48.88 37.65
N ALA A 514 33.94 -48.34 38.30
CA ALA A 514 34.07 -48.49 39.74
C ALA A 514 32.86 -47.86 40.43
N ARG A 515 32.51 -46.64 40.03
CA ARG A 515 31.34 -45.98 40.61
C ARG A 515 30.07 -46.62 40.05
N LEU A 516 30.10 -46.99 38.77
CA LEU A 516 28.92 -47.57 38.13
C LEU A 516 28.51 -48.87 38.79
N GLN A 517 29.46 -49.79 38.96
CA GLN A 517 29.15 -51.09 39.55
C GLN A 517 28.78 -50.93 41.03
N LEU A 518 29.34 -49.91 41.68
CA LEU A 518 28.99 -49.64 43.06
C LEU A 518 27.51 -49.29 43.18
N ILE A 519 27.03 -48.44 42.27
CA ILE A 519 25.60 -48.14 42.22
C ILE A 519 24.81 -49.40 41.91
N HIS A 520 25.34 -50.21 41.00
CA HIS A 520 24.71 -51.48 40.65
C HIS A 520 24.55 -52.36 41.88
N ASP A 521 25.51 -52.28 42.80
CA ASP A 521 25.45 -53.06 44.03
C ASP A 521 24.84 -52.27 45.19
N ALA A 522 24.78 -50.95 45.07
CA ALA A 522 24.27 -50.11 46.14
C ALA A 522 22.79 -50.38 46.36
N PRO A 523 22.34 -50.52 47.60
CA PRO A 523 20.91 -50.64 47.89
C PRO A 523 20.24 -49.26 47.80
N GLU A 524 18.91 -49.28 47.95
CA GLU A 524 18.08 -48.10 47.77
C GLU A 524 18.46 -46.99 48.75
N GLU A 525 18.72 -47.36 50.00
CA GLU A 525 19.10 -46.40 51.02
C GLU A 525 20.40 -45.69 50.63
N SER A 526 21.35 -46.45 50.09
CA SER A 526 22.60 -45.85 49.64
C SER A 526 22.37 -44.85 48.53
N LEU A 527 21.50 -45.19 47.56
CA LEU A 527 21.20 -44.28 46.47
C LEU A 527 20.64 -42.96 47.00
N ARG A 528 19.77 -43.05 48.02
CA ARG A 528 19.21 -41.87 48.65
C ARG A 528 20.30 -40.92 49.14
N ALA A 529 21.43 -41.48 49.57
CA ALA A 529 22.54 -40.68 50.08
C ALA A 529 23.10 -39.75 49.01
N TRP A 530 23.68 -40.31 47.94
CA TRP A 530 24.29 -39.47 46.91
C TRP A 530 23.25 -38.62 46.19
N VAL A 531 21.99 -39.04 46.20
CA VAL A 531 20.93 -38.23 45.63
C VAL A 531 20.78 -36.97 46.47
N ALA A 532 20.44 -37.14 47.75
CA ALA A 532 20.19 -36.01 48.65
C ALA A 532 21.43 -35.17 48.86
N ALA A 533 22.59 -35.82 49.05
CA ALA A 533 23.83 -35.09 49.28
C ALA A 533 24.17 -34.19 48.10
N THR A 534 24.32 -34.79 46.92
CA THR A 534 24.63 -33.99 45.73
C THR A 534 23.52 -33.00 45.42
N TRP A 535 22.29 -33.33 45.81
CA TRP A 535 21.18 -32.40 45.70
C TRP A 535 21.48 -31.16 46.52
N HIS A 536 22.02 -31.36 47.72
CA HIS A 536 22.42 -30.27 48.60
C HIS A 536 23.84 -29.77 48.30
N GLU A 537 24.76 -30.68 48.04
CA GLU A 537 26.15 -30.32 47.76
C GLU A 537 26.23 -29.44 46.52
N GLN A 538 25.29 -29.61 45.60
CA GLN A 538 25.23 -28.80 44.39
C GLN A 538 23.88 -28.12 44.19
N GLU A 539 23.16 -27.85 45.28
CA GLU A 539 21.95 -27.04 45.16
C GLU A 539 22.31 -25.61 44.78
N GLY A 540 21.53 -25.03 43.87
CA GLY A 540 21.84 -23.70 43.38
C GLY A 540 22.99 -23.73 42.40
N ARG A 541 24.07 -24.42 42.77
CA ARG A 541 25.20 -24.67 41.88
C ARG A 541 24.68 -25.21 40.54
N VAL A 542 25.08 -24.57 39.45
CA VAL A 542 24.51 -24.87 38.12
C VAL A 542 24.67 -26.34 37.81
N ALA A 543 23.54 -27.02 37.60
CA ALA A 543 23.56 -28.46 37.37
C ALA A 543 23.58 -28.81 35.89
N SER A 544 24.51 -28.21 35.14
CA SER A 544 24.67 -28.45 33.70
C SER A 544 23.32 -28.63 33.01
N LEU A 545 23.04 -29.85 32.54
CA LEU A 545 21.75 -30.13 31.93
C LEU A 545 20.78 -30.81 32.90
N VAL A 546 21.23 -31.09 34.13
CA VAL A 546 20.40 -31.77 35.12
C VAL A 546 19.22 -30.90 35.49
N SER A 547 18.02 -31.49 35.48
CA SER A 547 16.78 -30.77 35.77
C SER A 547 16.24 -31.09 37.15
N TRP A 548 16.25 -30.11 38.06
CA TRP A 548 15.75 -30.32 39.41
C TRP A 548 14.26 -30.60 39.43
N ASP A 549 13.51 -30.01 38.49
CA ASP A 549 12.07 -30.20 38.48
C ASP A 549 11.69 -31.64 38.18
N ARG A 550 12.61 -32.40 37.57
CA ARG A 550 12.40 -33.84 37.42
C ARG A 550 12.16 -34.48 38.78
N PHE A 551 12.92 -34.04 39.77
CA PHE A 551 12.71 -34.45 41.16
C PHE A 551 11.94 -33.36 41.91
N THR A 552 10.62 -33.38 41.71
CA THR A 552 9.73 -32.38 42.29
C THR A 552 9.96 -32.26 43.80
N SER A 553 10.09 -33.40 44.46
CA SER A 553 10.51 -33.46 45.85
C SER A 553 11.77 -34.30 45.95
N LEU A 554 12.73 -33.85 46.76
CA LEU A 554 13.94 -34.63 46.96
C LEU A 554 13.63 -35.96 47.63
N GLN A 555 12.72 -35.94 48.62
CA GLN A 555 12.28 -37.18 49.23
C GLN A 555 11.61 -38.08 48.20
N GLN A 556 10.84 -37.49 47.29
CA GLN A 556 10.27 -38.25 46.18
C GLN A 556 11.37 -38.91 45.36
N ALA A 557 12.44 -38.16 45.07
CA ALA A 557 13.59 -38.74 44.40
C ALA A 557 14.21 -39.86 45.24
N GLN A 558 14.35 -39.61 46.54
CA GLN A 558 14.85 -40.65 47.44
C GLN A 558 13.85 -41.80 47.53
N ASP A 559 12.56 -41.49 47.39
CA ASP A 559 11.57 -42.55 47.27
C ASP A 559 11.59 -43.17 45.88
N LEU A 560 12.00 -42.39 44.87
CA LEU A 560 12.11 -42.94 43.52
C LEU A 560 13.25 -43.93 43.42
N VAL A 561 14.42 -43.57 43.97
CA VAL A 561 15.54 -44.51 43.97
C VAL A 561 15.24 -45.69 44.89
N SER A 562 14.30 -45.51 45.83
CA SER A 562 13.81 -46.64 46.61
C SER A 562 13.11 -47.64 45.72
N CYS A 563 12.50 -47.18 44.63
CA CYS A 563 11.95 -48.07 43.62
C CYS A 563 12.97 -48.51 42.58
N LEU A 564 14.03 -47.73 42.38
CA LEU A 564 15.07 -48.07 41.42
C LEU A 564 16.16 -48.90 42.08
N GLY A 565 17.27 -49.12 41.37
CA GLY A 565 18.39 -49.83 41.95
C GLY A 565 19.06 -50.82 41.01
N GLY A 566 20.39 -50.73 40.91
CA GLY A 566 21.17 -51.67 40.15
C GLY A 566 20.91 -51.67 38.66
N PRO A 567 20.63 -52.85 38.10
CA PRO A 567 20.54 -53.00 36.65
C PRO A 567 19.53 -52.09 35.99
N VAL A 568 18.50 -51.68 36.73
CA VAL A 568 17.40 -50.90 36.19
C VAL A 568 17.91 -49.67 35.46
N LEU A 569 18.79 -48.90 36.11
CA LEU A 569 19.33 -47.71 35.49
C LEU A 569 20.77 -47.89 35.04
N SER A 570 21.50 -48.84 35.64
CA SER A 570 22.89 -49.06 35.28
C SER A 570 22.99 -49.51 33.83
N GLY A 571 22.08 -50.37 33.40
CA GLY A 571 22.06 -50.78 31.99
C GLY A 571 21.89 -49.59 31.06
N VAL A 572 21.08 -48.62 31.49
CA VAL A 572 20.78 -47.45 30.69
C VAL A 572 22.05 -46.64 30.43
N CYS A 573 22.80 -46.34 31.49
CA CYS A 573 23.92 -45.41 31.35
C CYS A 573 25.06 -46.00 30.52
N ARG A 574 25.26 -47.32 30.61
CA ARG A 574 26.22 -48.01 29.75
C ARG A 574 25.97 -47.66 28.30
N HIS A 575 24.69 -47.61 27.92
CA HIS A 575 24.33 -47.24 26.57
C HIS A 575 24.51 -45.75 26.34
N LEU A 576 24.25 -44.95 27.38
CA LEU A 576 24.22 -43.50 27.28
C LEU A 576 25.56 -42.87 26.89
N ALA A 577 26.62 -43.21 27.63
CA ALA A 577 27.87 -42.47 27.56
C ALA A 577 28.47 -42.45 26.16
N ALA A 578 28.84 -43.63 25.65
CA ALA A 578 29.45 -43.71 24.33
C ALA A 578 28.47 -43.29 23.23
N ASP A 579 27.30 -43.92 23.21
CA ASP A 579 26.27 -43.62 22.22
C ASP A 579 25.48 -42.41 22.73
N PHE A 580 26.12 -41.24 22.65
CA PHE A 580 25.55 -40.09 23.34
C PHE A 580 25.04 -39.07 22.32
N ARG A 581 25.87 -38.75 21.32
CA ARG A 581 25.49 -37.80 20.26
C ARG A 581 24.14 -38.14 19.67
N HIS A 582 23.88 -39.43 19.49
CA HIS A 582 22.72 -39.89 18.74
C HIS A 582 21.61 -40.42 19.66
N CYS A 583 21.75 -40.26 20.98
CA CYS A 583 20.78 -40.86 21.88
C CYS A 583 20.39 -39.97 23.05
N ARG A 584 20.19 -38.68 22.78
CA ARG A 584 19.68 -37.78 23.80
C ARG A 584 18.25 -38.15 24.23
N GLY A 585 17.36 -38.35 23.26
CA GLY A 585 15.97 -38.59 23.57
C GLY A 585 15.47 -39.91 23.02
N GLY A 586 14.20 -39.96 22.61
CA GLY A 586 13.61 -41.19 22.13
C GLY A 586 13.18 -42.15 23.20
N LEU A 587 13.47 -41.87 24.46
CA LEU A 587 13.08 -42.78 25.53
C LEU A 587 11.58 -42.63 25.78
N PRO A 588 10.95 -43.62 26.44
CA PRO A 588 9.53 -43.50 26.80
C PRO A 588 9.19 -42.17 27.45
N ASP A 589 8.27 -41.43 26.83
CA ASP A 589 7.86 -40.12 27.33
C ASP A 589 7.44 -40.18 28.78
N LEU A 590 6.40 -40.96 29.07
CA LEU A 590 5.93 -41.10 30.44
C LEU A 590 6.88 -41.96 31.25
N VAL A 591 6.86 -41.76 32.56
CA VAL A 591 7.72 -42.49 33.47
C VAL A 591 6.86 -43.20 34.52
N VAL A 592 5.69 -42.62 34.79
CA VAL A 592 4.64 -43.11 35.69
C VAL A 592 5.09 -44.24 36.59
N TRP A 593 5.77 -43.90 37.69
CA TRP A 593 6.22 -44.89 38.66
C TRP A 593 5.37 -44.80 39.92
N ASN A 594 5.07 -45.94 40.53
CA ASN A 594 4.42 -45.94 41.83
C ASN A 594 5.41 -45.50 42.90
N SER A 595 5.05 -44.45 43.65
CA SER A 595 5.93 -43.91 44.68
C SER A 595 6.20 -44.92 45.78
N GLN A 596 5.16 -45.61 46.25
CA GLN A 596 5.27 -46.47 47.42
C GLN A 596 5.27 -47.96 47.06
N SER A 597 4.72 -48.33 45.91
CA SER A 597 4.63 -49.73 45.52
C SER A 597 5.74 -50.14 44.56
N ARG A 598 6.92 -49.51 44.67
CA ARG A 598 8.09 -49.82 43.83
C ARG A 598 7.75 -49.86 42.35
N HIS A 599 6.96 -50.86 41.94
CA HIS A 599 6.70 -51.15 40.53
C HIS A 599 6.33 -49.91 39.74
N PHE A 600 7.01 -49.71 38.61
CA PHE A 600 6.82 -48.53 37.78
C PHE A 600 6.05 -48.91 36.52
N LYS A 601 5.57 -47.91 35.80
CA LYS A 601 4.77 -48.13 34.59
C LYS A 601 5.28 -47.25 33.47
N LEU A 602 6.59 -47.34 33.19
CA LEU A 602 7.21 -46.61 32.09
C LEU A 602 6.35 -46.73 30.82
N VAL A 603 6.28 -45.64 30.06
CA VAL A 603 5.37 -45.60 28.92
C VAL A 603 5.90 -44.79 27.75
N GLU A 604 5.81 -45.35 26.55
CA GLU A 604 5.91 -44.61 25.30
C GLU A 604 4.53 -44.15 24.84
N VAL A 605 4.32 -42.85 24.89
CA VAL A 605 3.09 -42.24 24.40
C VAL A 605 3.00 -42.40 22.88
N LYS A 606 1.92 -43.03 22.40
CA LYS A 606 1.70 -43.18 20.97
C LYS A 606 0.21 -43.18 20.66
N GLY A 607 -0.15 -43.61 19.45
CA GLY A 607 -1.54 -43.68 19.05
C GLY A 607 -1.69 -43.98 17.57
N PRO A 608 -2.94 -44.06 17.11
CA PRO A 608 -3.19 -44.11 15.67
C PRO A 608 -2.61 -42.89 14.98
N ASN A 609 -2.57 -42.97 13.64
CA ASN A 609 -1.88 -42.02 12.77
C ASN A 609 -0.47 -41.69 13.29
N ASP A 610 0.13 -42.66 13.98
CA ASP A 610 1.46 -42.54 14.55
C ASP A 610 2.05 -43.92 14.69
N ARG A 611 3.37 -43.98 14.83
CA ARG A 611 4.08 -45.25 14.90
C ARG A 611 5.42 -45.03 15.60
N LEU A 612 5.99 -46.12 16.11
CA LEU A 612 7.27 -46.12 16.80
C LEU A 612 8.37 -46.14 15.76
N SER A 613 9.29 -45.19 15.84
CA SER A 613 10.40 -45.14 14.91
C SER A 613 11.33 -46.34 15.13
N HIS A 614 12.04 -46.69 14.05
CA HIS A 614 13.11 -47.69 14.09
C HIS A 614 14.00 -47.60 15.33
N LYS A 615 14.50 -46.39 15.64
CA LYS A 615 15.30 -46.23 16.84
C LYS A 615 14.46 -46.27 18.11
N GLN A 616 13.16 -45.96 17.99
CA GLN A 616 12.33 -45.75 19.17
C GLN A 616 12.29 -46.98 20.06
N MET A 617 12.13 -48.17 19.46
CA MET A 617 12.06 -49.38 20.26
C MET A 617 13.44 -49.89 20.63
N ILE A 618 14.48 -49.37 19.99
CA ILE A 618 15.85 -49.72 20.36
C ILE A 618 16.07 -49.33 21.80
N TRP A 619 15.35 -48.31 22.27
CA TRP A 619 15.30 -48.09 23.70
C TRP A 619 14.54 -49.26 24.31
N LEU A 620 13.29 -49.44 23.88
CA LEU A 620 12.38 -50.40 24.51
C LEU A 620 12.90 -51.82 24.45
N ALA A 621 13.47 -52.23 23.31
CA ALA A 621 13.93 -53.61 23.16
C ALA A 621 14.94 -53.95 24.24
N GLU A 622 15.97 -53.13 24.40
CA GLU A 622 16.90 -53.31 25.49
C GLU A 622 16.26 -53.00 26.84
N LEU A 623 15.32 -52.04 26.89
CA LEU A 623 14.57 -51.85 28.13
C LEU A 623 13.79 -53.11 28.48
N GLN A 624 13.02 -53.63 27.54
CA GLN A 624 12.35 -54.90 27.78
C GLN A 624 13.34 -56.05 27.92
N LYS A 625 14.53 -55.91 27.34
CA LYS A 625 15.57 -56.92 27.55
C LYS A 625 16.00 -56.98 29.01
N LEU A 626 16.17 -55.82 29.65
CA LEU A 626 16.40 -55.76 31.09
C LEU A 626 15.09 -55.81 31.87
N GLY A 627 13.98 -56.16 31.20
CA GLY A 627 12.70 -56.28 31.85
C GLY A 627 12.15 -54.98 32.39
N ALA A 628 12.31 -53.89 31.64
CA ALA A 628 11.70 -52.64 32.03
C ALA A 628 10.19 -52.72 31.82
N GLU A 629 9.47 -51.79 32.44
CA GLU A 629 8.01 -51.77 32.39
C GLU A 629 7.48 -50.80 31.36
N VAL A 630 8.16 -50.63 30.22
CA VAL A 630 7.66 -49.73 29.20
C VAL A 630 6.34 -50.25 28.67
N GLU A 631 5.38 -49.35 28.48
CA GLU A 631 4.02 -49.70 28.08
C GLU A 631 3.59 -48.77 26.93
N VAL A 632 3.59 -49.30 25.72
CA VAL A 632 3.14 -48.53 24.56
C VAL A 632 1.68 -48.12 24.78
N CYS A 633 1.43 -46.82 24.77
CA CYS A 633 0.10 -46.29 25.07
C CYS A 633 -0.45 -45.61 23.83
N HIS A 634 -1.09 -46.40 22.97
CA HIS A 634 -1.84 -45.82 21.86
C HIS A 634 -3.04 -45.04 22.40
N VAL A 635 -3.48 -44.05 21.63
CA VAL A 635 -4.56 -43.17 22.06
C VAL A 635 -5.60 -43.03 20.95
N VAL A 636 -6.75 -43.68 21.13
CA VAL A 636 -7.86 -43.57 20.18
C VAL A 636 -8.23 -42.10 20.01
N ALA A 637 -8.38 -41.67 18.75
CA ALA A 637 -8.80 -40.30 18.51
C ALA A 637 -10.22 -40.13 19.06
N VAL A 638 -10.32 -39.45 20.21
CA VAL A 638 -11.57 -39.30 20.93
C VAL A 638 -11.75 -37.83 21.26
N GLY A 639 -12.88 -37.27 20.85
CA GLY A 639 -13.07 -35.85 21.01
C GLY A 639 -13.98 -35.51 22.17
N ALA A 640 -14.24 -34.22 22.38
CA ALA A 640 -15.13 -33.78 23.44
C ALA A 640 -16.54 -34.30 23.18
N LYS A 641 -17.03 -34.12 21.95
CA LYS A 641 -18.37 -34.56 21.57
C LYS A 641 -18.51 -36.08 21.61
N SER A 642 -17.46 -36.78 21.20
CA SER A 642 -17.50 -38.23 20.97
C SER A 642 -18.06 -39.03 22.13
N GLN A 643 -17.61 -38.73 23.35
CA GLN A 643 -18.03 -39.50 24.52
C GLN A 643 -19.52 -39.34 24.80
N SER A 644 -20.11 -38.23 24.36
CA SER A 644 -21.53 -37.99 24.57
C SER A 644 -22.39 -38.96 23.77
N LEU A 645 -21.82 -39.56 22.72
CA LEU A 645 -22.55 -40.47 21.85
C LEU A 645 -23.05 -41.70 22.61
N SER A 646 -22.21 -42.27 23.47
CA SER A 646 -22.58 -43.45 24.24
C SER A 646 -23.59 -43.10 25.32
N MET B 1 -2.96 -11.56 -43.25
CA MET B 1 -3.06 -10.13 -43.50
C MET B 1 -4.50 -9.66 -43.30
N PHE B 2 -4.94 -9.60 -42.05
CA PHE B 2 -6.25 -9.07 -41.71
C PHE B 2 -6.19 -7.55 -41.74
N GLU B 3 -7.15 -6.93 -42.43
CA GLU B 3 -7.24 -5.48 -42.48
C GLU B 3 -8.70 -5.06 -42.42
N ALA B 4 -9.01 -4.09 -41.58
CA ALA B 4 -10.35 -3.52 -41.48
C ALA B 4 -10.24 -2.01 -41.43
N ARG B 5 -10.84 -1.34 -42.40
CA ARG B 5 -10.83 0.12 -42.49
C ARG B 5 -12.25 0.62 -42.29
N LEU B 6 -12.49 1.30 -41.17
CA LEU B 6 -13.79 1.89 -40.86
C LEU B 6 -13.61 3.39 -40.69
N VAL B 7 -14.39 4.16 -41.44
CA VAL B 7 -14.29 5.61 -41.37
C VAL B 7 -14.76 6.13 -40.01
N GLN B 8 -15.89 5.61 -39.53
CA GLN B 8 -16.49 6.07 -38.28
C GLN B 8 -15.66 5.53 -37.11
N GLY B 9 -14.69 6.35 -36.69
CA GLY B 9 -13.90 5.99 -35.52
C GLY B 9 -14.66 6.10 -34.22
N SER B 10 -15.65 6.99 -34.15
CA SER B 10 -16.39 7.18 -32.91
C SER B 10 -17.16 5.93 -32.52
N ILE B 11 -17.75 5.24 -33.49
CA ILE B 11 -18.49 4.01 -33.16
C ILE B 11 -17.54 2.96 -32.60
N LEU B 12 -16.33 2.88 -33.17
CA LEU B 12 -15.30 2.04 -32.56
C LEU B 12 -14.90 2.58 -31.20
N LYS B 13 -14.88 3.91 -31.06
CA LYS B 13 -14.70 4.50 -29.74
C LYS B 13 -15.84 4.12 -28.82
N LYS B 14 -17.07 4.11 -29.36
CA LYS B 14 -18.26 3.90 -28.53
C LYS B 14 -18.36 2.46 -28.02
N VAL B 15 -17.75 1.50 -28.73
CA VAL B 15 -17.94 0.11 -28.34
C VAL B 15 -17.01 -0.27 -27.18
N LEU B 16 -15.84 0.35 -27.11
CA LEU B 16 -14.85 -0.10 -26.13
C LEU B 16 -15.27 0.21 -24.70
N GLU B 17 -15.71 1.45 -24.43
CA GLU B 17 -15.92 1.86 -23.05
C GLU B 17 -17.02 1.01 -22.39
N ALA B 18 -17.98 0.54 -23.18
CA ALA B 18 -19.00 -0.33 -22.64
C ALA B 18 -18.40 -1.66 -22.16
N LEU B 19 -17.34 -2.10 -22.81
CA LEU B 19 -16.70 -3.37 -22.50
C LEU B 19 -15.69 -3.28 -21.38
N LYS B 20 -15.26 -2.06 -21.00
CA LYS B 20 -14.16 -1.93 -20.05
C LYS B 20 -14.52 -2.51 -18.69
N ASP B 21 -15.72 -2.22 -18.21
CA ASP B 21 -16.07 -2.49 -16.82
C ASP B 21 -16.51 -3.92 -16.55
N LEU B 22 -16.59 -4.77 -17.58
CA LEU B 22 -17.12 -6.11 -17.40
C LEU B 22 -16.17 -7.22 -17.80
N ILE B 23 -15.27 -6.98 -18.75
CA ILE B 23 -14.40 -8.02 -19.29
C ILE B 23 -12.95 -7.55 -19.20
N ASN B 24 -12.07 -8.46 -18.78
CA ASN B 24 -10.65 -8.16 -18.70
C ASN B 24 -9.89 -8.60 -19.94
N GLU B 25 -10.14 -9.82 -20.41
CA GLU B 25 -9.52 -10.34 -21.63
C GLU B 25 -10.54 -11.18 -22.38
N ALA B 26 -10.37 -11.27 -23.70
CA ALA B 26 -11.29 -12.01 -24.56
C ALA B 26 -10.58 -12.46 -25.82
N CYS B 27 -11.22 -13.38 -26.54
CA CYS B 27 -10.69 -13.91 -27.79
C CYS B 27 -11.44 -13.27 -28.96
N TRP B 28 -10.68 -12.72 -29.91
CA TRP B 28 -11.26 -12.01 -31.05
C TRP B 28 -11.47 -12.98 -32.20
N ASP B 29 -12.71 -13.39 -32.42
CA ASP B 29 -13.03 -14.31 -33.50
C ASP B 29 -13.35 -13.50 -34.76
N ILE B 30 -12.36 -13.34 -35.62
CA ILE B 30 -12.49 -12.58 -36.84
C ILE B 30 -12.53 -13.55 -38.01
N SER B 31 -13.34 -13.23 -39.03
CA SER B 31 -13.48 -14.05 -40.22
C SER B 31 -13.74 -13.15 -41.40
N SER B 32 -13.72 -13.73 -42.60
CA SER B 32 -14.07 -12.97 -43.79
C SER B 32 -15.49 -12.47 -43.74
N SER B 33 -16.36 -13.17 -43.00
CA SER B 33 -17.71 -12.67 -42.76
C SER B 33 -17.68 -11.37 -41.97
N GLY B 34 -16.72 -11.23 -41.06
CA GLY B 34 -16.56 -10.01 -40.30
C GLY B 34 -16.02 -10.30 -38.92
N VAL B 35 -16.05 -9.28 -38.09
CA VAL B 35 -15.54 -9.38 -36.72
C VAL B 35 -16.65 -9.86 -35.81
N ASN B 36 -16.38 -10.94 -35.06
CA ASN B 36 -17.36 -11.51 -34.15
C ASN B 36 -16.73 -11.71 -32.79
N LEU B 37 -17.39 -11.19 -31.76
CA LEU B 37 -16.91 -11.33 -30.39
C LEU B 37 -17.92 -12.12 -29.57
N GLN B 38 -17.45 -13.18 -28.95
CA GLN B 38 -18.28 -14.00 -28.06
C GLN B 38 -17.48 -14.19 -26.78
N SER B 39 -17.80 -13.39 -25.76
CA SER B 39 -16.96 -13.35 -24.57
C SER B 39 -17.85 -13.21 -23.33
N MET B 40 -17.89 -14.26 -22.53
CA MET B 40 -18.61 -14.23 -21.27
C MET B 40 -17.81 -13.43 -20.24
N ASP B 41 -18.54 -12.75 -19.34
CA ASP B 41 -17.97 -11.69 -18.53
C ASP B 41 -16.94 -12.24 -17.52
N SER B 42 -16.09 -11.33 -17.04
CA SER B 42 -15.11 -11.70 -16.03
C SER B 42 -15.78 -12.12 -14.73
N SER B 43 -16.90 -11.47 -14.38
CA SER B 43 -17.62 -11.83 -13.17
C SER B 43 -18.30 -13.19 -13.29
N HIS B 44 -18.30 -13.80 -14.47
CA HIS B 44 -18.84 -15.14 -14.68
C HIS B 44 -20.31 -15.21 -14.31
N VAL B 45 -21.05 -14.16 -14.65
CA VAL B 45 -22.49 -14.11 -14.44
C VAL B 45 -23.18 -13.79 -15.74
N SER B 46 -22.76 -12.72 -16.40
CA SER B 46 -23.38 -12.23 -17.62
C SER B 46 -22.59 -12.69 -18.84
N LEU B 47 -23.24 -12.62 -20.00
CA LEU B 47 -22.62 -12.95 -21.27
C LEU B 47 -22.80 -11.79 -22.23
N VAL B 48 -21.75 -11.50 -23.01
CA VAL B 48 -21.77 -10.43 -23.99
C VAL B 48 -21.31 -10.98 -25.33
N GLN B 49 -22.07 -10.70 -26.37
CA GLN B 49 -21.72 -11.11 -27.73
C GLN B 49 -21.72 -9.88 -28.63
N LEU B 50 -20.76 -9.85 -29.56
CA LEU B 50 -20.66 -8.77 -30.52
C LEU B 50 -20.27 -9.33 -31.88
N THR B 51 -20.93 -8.85 -32.93
CA THR B 51 -20.60 -9.27 -34.28
C THR B 51 -20.62 -8.05 -35.20
N LEU B 52 -19.57 -7.92 -36.01
CA LEU B 52 -19.46 -6.83 -36.97
C LEU B 52 -19.36 -7.44 -38.35
N ARG B 53 -20.35 -7.16 -39.20
CA ARG B 53 -20.33 -7.66 -40.56
C ARG B 53 -19.22 -6.98 -41.37
N SER B 54 -18.58 -7.76 -42.24
CA SER B 54 -17.48 -7.25 -43.03
C SER B 54 -17.91 -6.12 -43.94
N GLU B 55 -19.11 -6.24 -44.55
CA GLU B 55 -19.60 -5.20 -45.45
C GLU B 55 -19.79 -3.87 -44.75
N GLY B 56 -20.08 -3.88 -43.44
CA GLY B 56 -20.18 -2.64 -42.70
C GLY B 56 -18.88 -1.85 -42.72
N PHE B 57 -17.74 -2.54 -42.67
CA PHE B 57 -16.46 -1.88 -42.79
C PHE B 57 -16.31 -1.29 -44.18
N ASP B 58 -15.71 -0.10 -44.25
CA ASP B 58 -15.44 0.52 -45.54
C ASP B 58 -14.49 -0.35 -46.37
N THR B 59 -13.46 -0.90 -45.74
CA THR B 59 -12.55 -1.83 -46.39
C THR B 59 -12.25 -2.95 -45.41
N TYR B 60 -12.71 -4.16 -45.74
CA TYR B 60 -12.51 -5.33 -44.90
C TYR B 60 -11.81 -6.42 -45.70
N ARG B 61 -10.86 -7.09 -45.07
CA ARG B 61 -10.22 -8.25 -45.66
C ARG B 61 -9.82 -9.19 -44.54
N CYS B 62 -9.87 -10.50 -44.82
CA CYS B 62 -9.49 -11.50 -43.84
C CYS B 62 -9.06 -12.74 -44.60
N ASP B 63 -7.74 -12.93 -44.76
CA ASP B 63 -7.23 -14.09 -45.46
C ASP B 63 -7.52 -15.37 -44.67
N ARG B 64 -7.28 -15.35 -43.37
CA ARG B 64 -7.49 -16.51 -42.50
C ARG B 64 -8.17 -16.05 -41.23
N ASN B 65 -9.04 -16.90 -40.69
CA ASN B 65 -9.75 -16.55 -39.46
C ASN B 65 -8.83 -16.71 -38.26
N LEU B 66 -8.45 -15.58 -37.67
CA LEU B 66 -7.58 -15.56 -36.50
C LEU B 66 -8.42 -15.44 -35.24
N ALA B 67 -7.82 -15.81 -34.11
CA ALA B 67 -8.48 -15.71 -32.82
C ALA B 67 -7.43 -15.26 -31.81
N MET B 68 -7.33 -13.95 -31.59
CA MET B 68 -6.29 -13.38 -30.74
C MET B 68 -6.89 -12.98 -29.40
N GLY B 69 -6.16 -13.28 -28.33
CA GLY B 69 -6.53 -12.85 -27.00
C GLY B 69 -5.79 -11.59 -26.57
N VAL B 70 -6.47 -10.45 -26.59
CA VAL B 70 -5.86 -9.16 -26.34
C VAL B 70 -6.40 -8.62 -25.02
N ASN B 71 -5.53 -8.01 -24.22
CA ASN B 71 -5.93 -7.38 -22.97
C ASN B 71 -6.95 -6.27 -23.24
N LEU B 72 -8.16 -6.45 -22.73
CA LEU B 72 -9.25 -5.52 -23.06
C LEU B 72 -9.11 -4.19 -22.36
N THR B 73 -8.56 -4.18 -21.14
CA THR B 73 -8.53 -2.94 -20.35
C THR B 73 -7.67 -1.87 -21.02
N SER B 74 -6.50 -2.24 -21.54
CA SER B 74 -5.55 -1.25 -22.03
C SER B 74 -5.99 -0.65 -23.36
N MET B 75 -6.96 -1.27 -24.03
CA MET B 75 -7.31 -0.84 -25.39
C MET B 75 -7.87 0.57 -25.41
N SER B 76 -8.70 0.93 -24.43
CA SER B 76 -9.34 2.24 -24.44
C SER B 76 -8.32 3.36 -24.36
N LYS B 77 -7.28 3.20 -23.53
CA LYS B 77 -6.30 4.26 -23.36
C LYS B 77 -5.63 4.61 -24.68
N ILE B 78 -5.24 3.60 -25.45
CA ILE B 78 -4.77 3.84 -26.81
C ILE B 78 -5.88 4.44 -27.65
N LEU B 79 -7.09 3.91 -27.52
CA LEU B 79 -8.24 4.46 -28.23
C LEU B 79 -8.58 5.87 -27.75
N LYS B 80 -8.33 6.19 -26.48
CA LYS B 80 -8.58 7.54 -26.01
C LYS B 80 -7.74 8.57 -26.74
N CYS B 81 -6.62 8.15 -27.33
CA CYS B 81 -5.86 9.05 -28.19
C CYS B 81 -6.61 9.34 -29.50
N ALA B 82 -7.37 8.38 -30.00
CA ALA B 82 -8.09 8.55 -31.25
C ALA B 82 -9.18 9.60 -31.11
N GLY B 83 -9.32 10.43 -32.13
CA GLY B 83 -10.34 11.46 -32.14
C GLY B 83 -11.71 10.91 -32.45
N ASN B 84 -12.71 11.75 -32.22
CA ASN B 84 -14.11 11.39 -32.45
C ASN B 84 -14.44 11.23 -33.94
N GLU B 85 -13.55 11.63 -34.84
CA GLU B 85 -13.87 11.63 -36.26
C GLU B 85 -12.73 11.07 -37.11
N ASP B 86 -11.83 10.29 -36.54
CA ASP B 86 -10.72 9.74 -37.30
C ASP B 86 -11.11 8.41 -37.95
N ILE B 87 -10.41 8.09 -39.04
CA ILE B 87 -10.67 6.85 -39.77
C ILE B 87 -9.76 5.75 -39.25
N ILE B 88 -10.35 4.75 -38.59
CA ILE B 88 -9.55 3.67 -38.02
C ILE B 88 -9.26 2.64 -39.09
N THR B 89 -8.10 1.99 -38.98
CA THR B 89 -7.59 1.10 -40.02
C THR B 89 -7.05 -0.19 -39.39
N LEU B 90 -7.90 -0.87 -38.61
CA LEU B 90 -7.58 -2.18 -38.06
C LEU B 90 -6.82 -3.05 -39.06
N ARG B 91 -5.71 -3.63 -38.62
CA ARG B 91 -4.85 -4.37 -39.52
C ARG B 91 -3.98 -5.34 -38.73
N ALA B 92 -3.93 -6.59 -39.19
CA ALA B 92 -3.08 -7.62 -38.58
C ALA B 92 -2.19 -8.22 -39.66
N GLU B 93 -0.99 -8.65 -39.26
CA GLU B 93 0.03 -9.09 -40.20
C GLU B 93 0.64 -10.41 -39.75
N ASP B 94 0.46 -11.45 -40.58
CA ASP B 94 1.10 -12.75 -40.43
C ASP B 94 0.98 -13.34 -39.03
N ASN B 95 2.11 -13.78 -38.46
CA ASN B 95 2.14 -14.52 -37.20
C ASN B 95 2.72 -13.69 -36.06
N ALA B 96 2.88 -12.38 -36.28
CA ALA B 96 3.36 -11.51 -35.21
C ALA B 96 2.27 -11.33 -34.16
N ASP B 97 2.66 -10.82 -33.00
CA ASP B 97 1.76 -10.63 -31.87
C ASP B 97 1.47 -9.16 -31.61
N THR B 98 1.30 -8.38 -32.69
CA THR B 98 1.08 -6.94 -32.59
C THR B 98 -0.08 -6.55 -33.50
N LEU B 99 -0.96 -5.68 -33.01
CA LEU B 99 -2.03 -5.12 -33.81
C LEU B 99 -1.67 -3.68 -34.19
N ALA B 100 -2.00 -3.29 -35.41
CA ALA B 100 -1.64 -1.97 -35.93
C ALA B 100 -2.89 -1.09 -35.92
N LEU B 101 -2.82 0.02 -35.18
CA LEU B 101 -3.87 1.03 -35.23
C LEU B 101 -3.32 2.33 -35.78
N VAL B 102 -4.03 2.89 -36.76
CA VAL B 102 -3.65 4.16 -37.38
C VAL B 102 -4.83 5.11 -37.29
N PHE B 103 -4.59 6.29 -36.75
CA PHE B 103 -5.62 7.33 -36.65
C PHE B 103 -5.26 8.46 -37.60
N GLU B 104 -6.19 8.80 -38.48
CA GLU B 104 -5.98 9.82 -39.50
C GLU B 104 -6.94 10.98 -39.25
N ALA B 105 -6.38 12.18 -39.13
CA ALA B 105 -7.22 13.36 -39.01
C ALA B 105 -7.99 13.59 -40.29
N PRO B 106 -9.21 14.14 -40.20
CA PRO B 106 -10.00 14.37 -41.41
C PRO B 106 -9.33 15.26 -42.44
N ASN B 107 -8.52 16.22 -42.00
CA ASN B 107 -7.79 17.08 -42.92
C ASN B 107 -6.51 16.44 -43.45
N GLN B 108 -6.21 15.22 -43.03
CA GLN B 108 -5.01 14.50 -43.45
C GLN B 108 -3.74 15.28 -43.10
N GLU B 109 -3.81 16.03 -41.99
CA GLU B 109 -2.66 16.74 -41.47
C GLU B 109 -2.08 16.10 -40.21
N LYS B 110 -2.81 15.18 -39.59
CA LYS B 110 -2.36 14.51 -38.38
C LYS B 110 -2.58 13.01 -38.56
N VAL B 111 -1.50 12.26 -38.62
CA VAL B 111 -1.55 10.81 -38.74
C VAL B 111 -0.98 10.21 -37.47
N SER B 112 -1.81 9.48 -36.74
CA SER B 112 -1.41 8.86 -35.48
C SER B 112 -1.34 7.35 -35.65
N ASP B 113 -0.21 6.77 -35.26
CA ASP B 113 0.02 5.34 -35.37
C ASP B 113 0.35 4.79 -33.98
N TYR B 114 -0.14 3.59 -33.70
CA TYR B 114 0.02 2.99 -32.38
C TYR B 114 0.19 1.49 -32.51
N GLU B 115 0.81 0.90 -31.50
CA GLU B 115 1.11 -0.53 -31.48
C GLU B 115 0.90 -1.09 -30.08
N MET B 116 0.18 -2.20 -30.01
CA MET B 116 -0.07 -2.91 -28.76
C MET B 116 0.55 -4.30 -28.81
N LYS B 117 0.40 -5.04 -27.72
CA LYS B 117 1.02 -6.34 -27.54
C LYS B 117 -0.07 -7.39 -27.36
N LEU B 118 -0.01 -8.45 -28.16
CA LEU B 118 -1.01 -9.50 -28.06
C LEU B 118 -0.58 -10.57 -27.07
N MET B 119 -1.57 -11.20 -26.43
CA MET B 119 -1.37 -12.29 -25.49
C MET B 119 -2.05 -13.55 -26.02
N ASP B 120 -1.80 -14.67 -25.34
CA ASP B 120 -2.40 -15.94 -25.70
C ASP B 120 -3.58 -16.22 -24.78
N LEU B 121 -4.78 -16.31 -25.36
CA LEU B 121 -5.99 -16.60 -24.62
C LEU B 121 -6.65 -17.86 -25.18
N ASP B 122 -7.16 -18.70 -24.29
CA ASP B 122 -7.83 -19.93 -24.70
C ASP B 122 -9.12 -19.59 -25.44
N VAL B 123 -9.40 -20.33 -26.51
CA VAL B 123 -10.58 -20.12 -27.33
C VAL B 123 -11.70 -20.97 -26.72
N GLU B 124 -12.47 -20.38 -25.81
CA GLU B 124 -13.59 -21.06 -25.18
C GLU B 124 -14.87 -20.63 -25.89
N GLN B 125 -15.59 -21.60 -26.46
CA GLN B 125 -16.80 -21.34 -27.20
C GLN B 125 -18.00 -21.87 -26.42
N LEU B 126 -19.06 -21.07 -26.35
CA LEU B 126 -20.29 -21.43 -25.67
C LEU B 126 -21.44 -21.46 -26.69
N GLY B 127 -22.27 -22.49 -26.60
CA GLY B 127 -23.37 -22.63 -27.54
C GLY B 127 -24.37 -21.49 -27.39
N ILE B 128 -24.91 -21.06 -28.54
CA ILE B 128 -25.89 -19.97 -28.58
C ILE B 128 -27.22 -20.52 -29.09
N PRO B 129 -28.19 -20.75 -28.22
CA PRO B 129 -29.50 -21.25 -28.69
C PRO B 129 -30.40 -20.10 -29.11
N GLU B 130 -31.11 -20.29 -30.22
CA GLU B 130 -32.01 -19.28 -30.75
C GLU B 130 -33.46 -19.68 -30.51
N GLN B 131 -34.22 -18.78 -29.90
CA GLN B 131 -35.62 -19.06 -29.56
C GLN B 131 -36.36 -17.74 -29.38
N GLU B 132 -37.68 -17.84 -29.30
CA GLU B 132 -38.54 -16.69 -29.07
C GLU B 132 -38.68 -16.42 -27.57
N TYR B 133 -39.36 -15.32 -27.25
CA TYR B 133 -39.44 -14.84 -25.89
C TYR B 133 -40.87 -14.39 -25.56
N SER B 134 -41.11 -14.13 -24.28
CA SER B 134 -42.44 -13.81 -23.80
C SER B 134 -42.77 -12.32 -23.92
N CYS B 135 -42.02 -11.48 -23.21
CA CYS B 135 -42.21 -10.04 -23.25
C CYS B 135 -41.11 -9.40 -24.09
N VAL B 136 -41.49 -8.91 -25.27
CA VAL B 136 -40.56 -8.26 -26.19
C VAL B 136 -41.01 -6.83 -26.39
N VAL B 137 -40.08 -5.88 -26.23
CA VAL B 137 -40.38 -4.47 -26.34
C VAL B 137 -39.24 -3.78 -27.08
N LYS B 138 -39.59 -2.85 -27.97
CA LYS B 138 -38.64 -1.93 -28.58
C LYS B 138 -38.79 -0.62 -27.81
N MET B 139 -37.80 -0.30 -26.99
CA MET B 139 -37.93 0.72 -25.96
C MET B 139 -36.69 1.61 -25.98
N PRO B 140 -36.88 2.93 -25.94
CA PRO B 140 -35.76 3.86 -26.21
C PRO B 140 -34.62 3.74 -25.20
N SER B 141 -33.39 3.89 -25.71
CA SER B 141 -32.21 3.70 -24.86
C SER B 141 -32.09 4.79 -23.80
N GLY B 142 -32.22 6.05 -24.19
CA GLY B 142 -32.12 7.13 -23.22
C GLY B 142 -33.19 7.07 -22.17
N GLU B 143 -34.33 6.45 -22.50
CA GLU B 143 -35.41 6.28 -21.53
C GLU B 143 -34.93 5.45 -20.35
N PHE B 144 -34.35 4.27 -20.61
CA PHE B 144 -33.99 3.36 -19.53
C PHE B 144 -32.72 3.81 -18.81
N ALA B 145 -31.93 4.68 -19.45
CA ALA B 145 -30.66 5.10 -18.86
C ALA B 145 -30.86 5.62 -17.44
N ARG B 146 -31.90 6.42 -17.22
CA ARG B 146 -32.23 6.83 -15.87
C ARG B 146 -32.90 5.70 -15.10
N ILE B 147 -33.68 4.86 -15.80
CA ILE B 147 -34.54 3.91 -15.11
C ILE B 147 -33.73 2.93 -14.27
N CYS B 148 -32.65 2.42 -14.83
CA CYS B 148 -31.73 1.62 -14.03
C CYS B 148 -31.11 2.47 -12.93
N ARG B 149 -30.74 3.71 -13.26
CA ARG B 149 -30.10 4.58 -12.29
C ARG B 149 -31.09 5.08 -11.25
N ASP B 150 -32.27 5.53 -11.68
CA ASP B 150 -33.22 6.15 -10.77
C ASP B 150 -33.65 5.18 -9.68
N LEU B 151 -33.94 3.94 -10.06
CA LEU B 151 -34.33 2.91 -9.10
C LEU B 151 -33.13 2.25 -8.45
N SER B 152 -31.91 2.52 -8.92
CA SER B 152 -30.72 2.08 -8.20
C SER B 152 -30.63 2.74 -6.83
N HIS B 153 -31.37 3.83 -6.64
CA HIS B 153 -31.44 4.49 -5.34
C HIS B 153 -32.36 3.77 -4.37
N ILE B 154 -33.21 2.87 -4.86
CA ILE B 154 -34.21 2.21 -4.02
C ILE B 154 -33.65 0.90 -3.49
N GLY B 155 -33.32 -0.01 -4.38
CA GLY B 155 -32.82 -1.33 -3.99
C GLY B 155 -31.96 -1.92 -5.09
N ASP B 156 -31.82 -3.25 -5.05
CA ASP B 156 -31.00 -3.96 -6.02
C ASP B 156 -31.70 -5.22 -6.54
N ALA B 157 -33.03 -5.24 -6.48
CA ALA B 157 -33.79 -6.41 -6.92
C ALA B 157 -35.14 -5.94 -7.44
N VAL B 158 -35.25 -5.79 -8.76
CA VAL B 158 -36.51 -5.41 -9.37
C VAL B 158 -37.29 -6.67 -9.75
N VAL B 159 -38.61 -6.57 -9.64
CA VAL B 159 -39.51 -7.67 -9.99
C VAL B 159 -40.30 -7.20 -11.21
N ILE B 160 -39.82 -7.55 -12.40
CA ILE B 160 -40.49 -7.15 -13.63
C ILE B 160 -41.73 -8.02 -13.82
N SER B 161 -42.87 -7.37 -14.02
CA SER B 161 -44.15 -8.03 -14.19
C SER B 161 -44.83 -7.53 -15.47
N CYS B 162 -44.07 -7.56 -16.56
CA CYS B 162 -44.52 -7.11 -17.87
C CYS B 162 -45.93 -7.61 -18.18
N ALA B 163 -46.77 -6.71 -18.69
CA ALA B 163 -48.18 -6.99 -18.90
C ALA B 163 -48.59 -6.42 -20.26
N LYS B 164 -49.88 -6.39 -20.52
CA LYS B 164 -50.41 -6.06 -21.84
C LYS B 164 -50.53 -4.57 -22.09
N ASP B 165 -50.32 -3.72 -21.08
CA ASP B 165 -50.59 -2.29 -21.23
C ASP B 165 -49.40 -1.45 -20.78
N GLY B 166 -48.19 -1.98 -20.83
CA GLY B 166 -47.01 -1.22 -20.47
C GLY B 166 -46.05 -2.08 -19.67
N VAL B 167 -45.26 -1.41 -18.84
CA VAL B 167 -44.27 -2.07 -18.00
C VAL B 167 -44.60 -1.77 -16.54
N LYS B 168 -44.13 -2.66 -15.66
CA LYS B 168 -44.37 -2.55 -14.23
C LYS B 168 -43.05 -2.74 -13.50
N PHE B 169 -42.04 -1.97 -13.94
CA PHE B 169 -40.67 -2.10 -13.45
C PHE B 169 -40.60 -1.55 -12.03
N SER B 170 -41.05 -2.37 -11.08
CA SER B 170 -41.09 -1.96 -9.69
C SER B 170 -39.81 -2.38 -8.97
N ALA B 171 -39.57 -1.74 -7.83
CA ALA B 171 -38.41 -2.02 -7.00
C ALA B 171 -38.82 -1.83 -5.55
N SER B 172 -37.89 -2.13 -4.64
CA SER B 172 -38.17 -2.01 -3.21
C SER B 172 -36.85 -1.89 -2.46
N GLY B 173 -36.95 -1.44 -1.22
CA GLY B 173 -35.78 -1.28 -0.39
C GLY B 173 -36.18 -0.87 1.02
N GLU B 174 -35.16 -0.70 1.86
CA GLU B 174 -35.42 -0.34 3.26
C GLU B 174 -36.02 1.06 3.37
N LEU B 175 -35.55 2.01 2.55
CA LEU B 175 -36.13 3.35 2.58
C LEU B 175 -37.52 3.38 1.97
N GLY B 176 -37.86 2.40 1.15
CA GLY B 176 -39.16 2.37 0.50
C GLY B 176 -39.09 1.55 -0.78
N ASN B 177 -40.03 1.82 -1.67
CA ASN B 177 -40.11 1.11 -2.94
C ASN B 177 -40.20 2.10 -4.08
N GLY B 178 -39.56 1.77 -5.20
CA GLY B 178 -39.66 2.58 -6.39
C GLY B 178 -40.58 1.94 -7.41
N ASN B 179 -41.68 2.62 -7.72
CA ASN B 179 -42.74 2.05 -8.54
C ASN B 179 -42.96 2.96 -9.75
N ILE B 180 -42.38 2.59 -10.89
CA ILE B 180 -42.58 3.30 -12.14
C ILE B 180 -43.36 2.41 -13.10
N LYS B 181 -44.37 2.97 -13.75
CA LYS B 181 -45.18 2.27 -14.73
C LYS B 181 -45.29 3.15 -15.98
N LEU B 182 -44.60 2.76 -17.04
CA LEU B 182 -44.66 3.52 -18.29
C LEU B 182 -45.84 3.06 -19.13
N SER B 183 -46.49 4.03 -19.77
CA SER B 183 -47.68 3.78 -20.58
C SER B 183 -47.28 3.45 -22.02
N GLN B 184 -47.85 2.36 -22.53
CA GLN B 184 -47.53 1.92 -23.89
C GLN B 184 -48.03 2.94 -24.91
N THR B 185 -47.17 3.28 -25.86
CA THR B 185 -47.47 4.25 -26.91
C THR B 185 -47.27 3.61 -28.26
N SER B 186 -48.22 3.86 -29.16
CA SER B 186 -48.15 3.33 -30.51
C SER B 186 -48.32 4.40 -31.59
N ASN B 187 -49.09 5.45 -31.30
CA ASN B 187 -49.38 6.50 -32.28
C ASN B 187 -48.29 7.57 -32.17
N VAL B 188 -47.06 7.18 -32.53
CA VAL B 188 -45.92 8.09 -32.53
C VAL B 188 -45.33 8.10 -33.93
N ASP B 189 -45.13 9.31 -34.47
CA ASP B 189 -44.59 9.44 -35.82
C ASP B 189 -43.18 8.85 -35.91
N LYS B 190 -42.36 9.10 -34.90
CA LYS B 190 -40.99 8.58 -34.88
C LYS B 190 -40.96 7.21 -34.23
N GLU B 191 -40.00 6.39 -34.65
CA GLU B 191 -39.77 5.09 -34.05
C GLU B 191 -38.83 5.16 -32.86
N GLU B 192 -38.27 6.33 -32.57
CA GLU B 192 -37.39 6.53 -31.43
C GLU B 192 -38.16 6.72 -30.14
N GLU B 193 -39.48 6.95 -30.23
CA GLU B 193 -40.31 7.15 -29.05
C GLU B 193 -41.35 6.05 -28.89
N ALA B 194 -41.35 5.04 -29.77
CA ALA B 194 -42.31 3.95 -29.70
C ALA B 194 -41.87 2.93 -28.66
N VAL B 195 -42.82 2.45 -27.87
CA VAL B 195 -42.56 1.46 -26.83
C VAL B 195 -43.50 0.27 -27.05
N THR B 196 -43.80 0.00 -28.32
CA THR B 196 -44.74 -1.05 -28.68
C THR B 196 -44.29 -2.39 -28.10
N ILE B 197 -45.26 -3.14 -27.55
CA ILE B 197 -45.00 -4.40 -26.85
C ILE B 197 -45.82 -5.50 -27.50
N GLU B 198 -45.19 -6.65 -27.71
CA GLU B 198 -45.87 -7.85 -28.18
C GLU B 198 -45.91 -8.88 -27.06
N MET B 199 -47.11 -9.33 -26.71
CA MET B 199 -47.33 -10.21 -25.57
C MET B 199 -47.89 -11.55 -26.01
N ASN B 200 -47.37 -12.61 -25.40
CA ASN B 200 -47.94 -13.95 -25.50
C ASN B 200 -48.23 -14.56 -24.14
N GLU B 201 -47.43 -14.24 -23.13
CA GLU B 201 -47.58 -14.76 -21.78
C GLU B 201 -46.81 -13.89 -20.80
N PRO B 202 -47.48 -13.35 -19.78
CA PRO B 202 -46.78 -12.53 -18.79
C PRO B 202 -45.78 -13.34 -17.98
N VAL B 203 -44.67 -12.69 -17.63
CA VAL B 203 -43.59 -13.34 -16.89
C VAL B 203 -43.13 -12.41 -15.77
N GLN B 204 -42.84 -13.00 -14.61
CA GLN B 204 -42.41 -12.26 -13.43
C GLN B 204 -41.08 -12.83 -12.94
N LEU B 205 -40.01 -12.05 -13.06
CA LEU B 205 -38.67 -12.49 -12.67
C LEU B 205 -37.96 -11.35 -11.95
N THR B 206 -36.68 -11.57 -11.64
CA THR B 206 -35.94 -10.65 -10.78
C THR B 206 -34.49 -10.53 -11.26
N PHE B 207 -33.91 -9.34 -11.09
CA PHE B 207 -32.53 -9.06 -11.45
C PHE B 207 -31.85 -8.21 -10.39
N ALA B 208 -30.52 -8.15 -10.47
CA ALA B 208 -29.72 -7.24 -9.67
C ALA B 208 -29.40 -5.99 -10.50
N LEU B 209 -29.62 -4.82 -9.91
CA LEU B 209 -29.52 -3.57 -10.66
C LEU B 209 -28.08 -3.18 -10.97
N ARG B 210 -27.12 -3.70 -10.19
CA ARG B 210 -25.72 -3.39 -10.44
C ARG B 210 -25.32 -3.72 -11.86
N TYR B 211 -25.65 -4.92 -12.33
CA TYR B 211 -25.39 -5.26 -13.73
C TYR B 211 -26.19 -4.36 -14.66
N LEU B 212 -27.46 -4.12 -14.33
CA LEU B 212 -28.30 -3.26 -15.17
C LEU B 212 -27.63 -1.91 -15.40
N ASN B 213 -27.02 -1.35 -14.37
CA ASN B 213 -26.28 -0.11 -14.54
C ASN B 213 -25.09 -0.31 -15.47
N PHE B 214 -24.42 -1.45 -15.36
CA PHE B 214 -23.32 -1.77 -16.27
C PHE B 214 -23.82 -1.96 -17.69
N PHE B 215 -24.99 -2.59 -17.86
CA PHE B 215 -25.50 -2.84 -19.20
C PHE B 215 -25.97 -1.58 -19.90
N THR B 216 -26.05 -0.45 -19.20
CA THR B 216 -26.50 0.81 -19.77
C THR B 216 -25.35 1.69 -20.24
N LYS B 217 -24.11 1.20 -20.14
CA LYS B 217 -22.96 1.99 -20.59
C LYS B 217 -22.95 2.16 -22.10
N ALA B 218 -23.64 1.29 -22.84
CA ALA B 218 -23.66 1.34 -24.29
C ALA B 218 -24.78 2.24 -24.83
N THR B 219 -25.23 3.20 -24.04
CA THR B 219 -26.31 4.07 -24.50
C THR B 219 -25.97 4.86 -25.76
N PRO B 220 -24.78 5.45 -25.92
CA PRO B 220 -24.52 6.23 -27.15
C PRO B 220 -24.50 5.39 -28.42
N LEU B 221 -24.47 4.06 -28.32
CA LEU B 221 -24.36 3.23 -29.52
C LEU B 221 -25.58 3.39 -30.42
N SER B 222 -26.77 3.38 -29.84
CA SER B 222 -28.00 3.49 -30.61
C SER B 222 -29.04 4.21 -29.76
N SER B 223 -30.28 4.24 -30.26
CA SER B 223 -31.39 4.86 -29.53
C SER B 223 -32.60 3.93 -29.44
N THR B 224 -32.45 2.68 -29.85
CA THR B 224 -33.57 1.73 -29.87
C THR B 224 -33.07 0.41 -29.32
N VAL B 225 -33.58 0.02 -28.15
CA VAL B 225 -33.17 -1.20 -27.48
C VAL B 225 -34.11 -2.34 -27.86
N THR B 226 -33.57 -3.53 -28.02
CA THR B 226 -34.35 -4.72 -28.35
C THR B 226 -34.29 -5.73 -27.21
N LEU B 227 -34.45 -5.24 -25.98
CA LEU B 227 -34.48 -6.14 -24.83
C LEU B 227 -35.76 -6.98 -24.84
N SER B 228 -35.64 -8.21 -24.35
CA SER B 228 -36.74 -9.18 -24.39
C SER B 228 -36.62 -10.11 -23.19
N MET B 229 -37.68 -10.86 -22.92
CA MET B 229 -37.65 -11.84 -21.85
C MET B 229 -38.61 -12.98 -22.10
N SER B 230 -38.26 -14.14 -21.52
CA SER B 230 -39.11 -15.31 -21.42
C SER B 230 -38.84 -15.95 -20.07
N ALA B 231 -39.67 -16.94 -19.72
CA ALA B 231 -39.48 -17.64 -18.45
C ALA B 231 -38.16 -18.40 -18.46
N ASP B 232 -37.46 -18.37 -17.32
CA ASP B 232 -36.24 -19.11 -17.01
C ASP B 232 -35.24 -19.18 -18.16
N VAL B 233 -35.15 -18.09 -18.92
CA VAL B 233 -34.20 -17.99 -20.03
C VAL B 233 -33.44 -16.69 -19.81
N PRO B 234 -32.12 -16.68 -19.99
CA PRO B 234 -31.36 -15.47 -19.68
C PRO B 234 -31.85 -14.28 -20.49
N LEU B 235 -31.76 -13.10 -19.88
CA LEU B 235 -32.13 -11.85 -20.53
C LEU B 235 -31.28 -11.63 -21.78
N VAL B 236 -31.89 -11.01 -22.78
CA VAL B 236 -31.19 -10.56 -23.99
C VAL B 236 -31.36 -9.05 -24.10
N VAL B 237 -30.25 -8.34 -24.27
CA VAL B 237 -30.27 -6.91 -24.52
C VAL B 237 -29.45 -6.65 -25.78
N GLU B 238 -30.13 -6.38 -26.89
CA GLU B 238 -29.48 -6.26 -28.18
C GLU B 238 -29.52 -4.82 -28.63
N TYR B 239 -28.36 -4.30 -29.03
CA TYR B 239 -28.24 -2.96 -29.58
C TYR B 239 -27.83 -3.06 -31.04
N LYS B 240 -28.60 -2.42 -31.92
CA LYS B 240 -28.24 -2.34 -33.32
C LYS B 240 -27.15 -1.29 -33.46
N ILE B 241 -26.02 -1.69 -34.04
CA ILE B 241 -24.89 -0.76 -34.23
C ILE B 241 -25.08 -0.13 -35.60
N ALA B 242 -25.93 0.91 -35.64
CA ALA B 242 -26.30 1.58 -36.87
C ALA B 242 -26.62 0.56 -37.96
N ASP B 243 -25.80 0.55 -39.01
CA ASP B 243 -25.81 -0.50 -40.01
C ASP B 243 -24.45 -1.20 -40.03
N MET B 244 -23.79 -1.23 -38.87
CA MET B 244 -22.43 -1.73 -38.74
C MET B 244 -22.34 -3.07 -38.03
N GLY B 245 -23.14 -3.26 -36.98
CA GLY B 245 -23.09 -4.51 -36.24
C GLY B 245 -24.27 -4.62 -35.31
N HIS B 246 -24.21 -5.60 -34.42
CA HIS B 246 -25.20 -5.74 -33.36
C HIS B 246 -24.50 -6.07 -32.06
N LEU B 247 -24.98 -5.46 -30.98
CA LEU B 247 -24.40 -5.61 -29.65
C LEU B 247 -25.45 -6.22 -28.74
N LYS B 248 -25.25 -7.47 -28.35
CA LYS B 248 -26.21 -8.21 -27.54
C LYS B 248 -25.63 -8.52 -26.18
N TYR B 249 -26.48 -8.45 -25.16
CA TYR B 249 -26.09 -8.68 -23.78
C TYR B 249 -26.95 -9.77 -23.19
N TYR B 250 -26.33 -10.69 -22.44
CA TYR B 250 -27.02 -11.81 -21.83
C TYR B 250 -26.85 -11.76 -20.32
N LEU B 251 -27.94 -12.02 -19.59
CA LEU B 251 -27.88 -12.09 -18.14
C LEU B 251 -29.01 -13.00 -17.66
N ALA B 252 -28.65 -14.01 -16.89
CA ALA B 252 -29.65 -14.94 -16.37
C ALA B 252 -30.50 -14.24 -15.30
N PRO B 253 -31.79 -14.53 -15.25
CA PRO B 253 -32.63 -13.95 -14.19
C PRO B 253 -32.23 -14.46 -12.82
N LYS B 254 -32.40 -13.60 -11.82
CA LYS B 254 -32.10 -14.00 -10.45
C LYS B 254 -33.26 -14.79 -9.86
N ILE B 255 -32.93 -15.92 -9.25
CA ILE B 255 -33.92 -16.84 -8.71
C ILE B 255 -34.48 -16.26 -7.42
N GLU B 256 -35.80 -16.35 -7.26
CA GLU B 256 -36.44 -15.72 -6.11
C GLU B 256 -36.12 -16.42 -4.80
N ASP B 257 -35.55 -17.62 -4.86
CA ASP B 257 -35.25 -18.36 -3.63
C ASP B 257 -34.22 -17.63 -2.77
N GLU B 258 -33.19 -17.04 -3.39
CA GLU B 258 -32.17 -16.33 -2.63
C GLU B 258 -32.74 -15.09 -1.96
N GLU B 259 -33.79 -14.50 -2.52
CA GLU B 259 -34.44 -13.36 -1.88
C GLU B 259 -35.05 -13.72 -0.54
N GLY B 260 -35.57 -14.94 -0.40
CA GLY B 260 -36.09 -15.37 0.90
C GLY B 260 -34.99 -15.45 1.95
N SER B 261 -33.80 -15.87 1.54
CA SER B 261 -32.66 -15.96 2.45
C SER B 261 -32.05 -14.58 2.68
N MET C 1 9.72 55.16 -8.31
CA MET C 1 8.48 54.51 -7.89
C MET C 1 7.88 53.87 -9.13
N PHE C 2 7.90 52.53 -9.16
CA PHE C 2 7.49 51.77 -10.33
C PHE C 2 5.97 51.68 -10.40
N GLU C 3 5.41 51.93 -11.58
CA GLU C 3 3.99 51.78 -11.81
C GLU C 3 3.77 51.52 -13.29
N ALA C 4 3.24 50.34 -13.61
CA ALA C 4 2.99 49.93 -14.98
C ALA C 4 1.53 49.53 -15.15
N ARG C 5 0.89 50.06 -16.18
CA ARG C 5 -0.54 49.83 -16.43
C ARG C 5 -0.66 49.08 -17.75
N LEU C 6 -1.19 47.86 -17.70
CA LEU C 6 -1.40 47.04 -18.89
C LEU C 6 -2.89 46.88 -19.13
N VAL C 7 -3.34 47.20 -20.35
CA VAL C 7 -4.75 47.09 -20.69
C VAL C 7 -5.20 45.63 -20.67
N GLN C 8 -4.41 44.75 -21.26
CA GLN C 8 -4.78 43.34 -21.38
C GLN C 8 -4.34 42.62 -20.11
N GLY C 9 -5.22 42.64 -19.10
CA GLY C 9 -4.93 41.96 -17.85
C GLY C 9 -4.91 40.45 -17.96
N SER C 10 -5.55 39.90 -18.99
CA SER C 10 -5.57 38.44 -19.16
C SER C 10 -4.18 37.91 -19.43
N ILE C 11 -3.33 38.69 -20.11
CA ILE C 11 -1.95 38.25 -20.35
C ILE C 11 -1.22 38.04 -19.03
N LEU C 12 -1.37 38.99 -18.11
CA LEU C 12 -0.79 38.81 -16.78
C LEU C 12 -1.46 37.67 -16.03
N LYS C 13 -2.72 37.39 -16.35
CA LYS C 13 -3.38 36.23 -15.76
C LYS C 13 -2.81 34.93 -16.31
N LYS C 14 -2.61 34.87 -17.63
CA LYS C 14 -2.15 33.62 -18.26
C LYS C 14 -0.73 33.28 -17.85
N VAL C 15 0.14 34.29 -17.73
CA VAL C 15 1.56 34.02 -17.50
C VAL C 15 1.76 33.32 -16.16
N LEU C 16 0.95 33.68 -15.16
CA LEU C 16 1.06 33.03 -13.86
C LEU C 16 0.62 31.58 -13.93
N GLU C 17 -0.29 31.25 -14.86
CA GLU C 17 -0.83 29.91 -14.93
C GLU C 17 0.27 28.86 -15.09
N ALA C 18 1.21 29.10 -16.01
CA ALA C 18 2.32 28.18 -16.18
C ALA C 18 3.27 28.24 -14.99
N LEU C 19 3.52 29.43 -14.45
CA LEU C 19 4.44 29.60 -13.33
C LEU C 19 3.81 29.32 -11.98
N LYS C 20 2.51 29.01 -11.95
CA LYS C 20 1.82 28.86 -10.67
C LYS C 20 2.39 27.72 -9.85
N ASP C 21 2.64 26.57 -10.49
CA ASP C 21 3.17 25.42 -9.78
C ASP C 21 4.57 25.03 -10.19
N LEU C 22 4.99 25.38 -11.41
CA LEU C 22 6.34 25.07 -11.85
C LEU C 22 7.40 25.74 -10.99
N ILE C 23 7.14 26.98 -10.56
CA ILE C 23 8.05 27.73 -9.70
C ILE C 23 7.26 28.19 -8.48
N ASN C 24 7.87 28.06 -7.30
CA ASN C 24 7.20 28.45 -6.06
C ASN C 24 7.59 29.84 -5.57
N GLU C 25 8.87 30.19 -5.66
CA GLU C 25 9.35 31.51 -5.26
C GLU C 25 10.33 32.04 -6.29
N ALA C 26 10.29 33.35 -6.53
CA ALA C 26 11.15 33.97 -7.54
C ALA C 26 11.32 35.44 -7.22
N CYS C 27 12.33 36.03 -7.84
CA CYS C 27 12.60 37.46 -7.71
C CYS C 27 12.04 38.20 -8.91
N TRP C 28 11.26 39.25 -8.65
CA TRP C 28 10.63 40.05 -9.70
C TRP C 28 11.57 41.19 -10.11
N ASP C 29 12.52 40.83 -10.97
CA ASP C 29 13.46 41.81 -11.48
C ASP C 29 12.78 42.70 -12.51
N ILE C 30 12.91 44.02 -12.33
CA ILE C 30 12.26 44.99 -13.20
C ILE C 30 13.26 46.08 -13.55
N SER C 31 13.30 46.46 -14.83
CA SER C 31 14.18 47.50 -15.31
C SER C 31 13.37 48.51 -16.12
N SER C 32 14.04 49.57 -16.57
CA SER C 32 13.37 50.62 -17.32
C SER C 32 13.05 50.20 -18.75
N SER C 33 13.65 49.13 -19.26
CA SER C 33 13.41 48.67 -20.62
C SER C 33 12.33 47.60 -20.72
N GLY C 34 11.76 47.18 -19.59
CA GLY C 34 10.72 46.17 -19.61
C GLY C 34 10.82 45.18 -18.47
N VAL C 35 9.97 44.15 -18.49
CA VAL C 35 9.92 43.14 -17.45
C VAL C 35 10.74 41.93 -17.88
N ASN C 36 11.52 41.40 -16.95
CA ASN C 36 12.32 40.20 -17.21
C ASN C 36 12.29 39.32 -15.96
N LEU C 37 11.71 38.13 -16.08
CA LEU C 37 11.63 37.19 -14.98
C LEU C 37 12.48 35.97 -15.29
N GLN C 38 13.23 35.51 -14.30
CA GLN C 38 14.15 34.39 -14.48
C GLN C 38 14.44 33.80 -13.11
N SER C 39 14.17 32.51 -12.94
CA SER C 39 14.40 31.85 -11.66
C SER C 39 14.62 30.36 -11.94
N MET C 40 14.66 29.57 -10.87
CA MET C 40 14.93 28.14 -10.96
C MET C 40 13.91 27.39 -10.12
N ASP C 41 13.69 26.13 -10.48
CA ASP C 41 12.79 25.27 -9.74
C ASP C 41 13.51 24.64 -8.55
N SER C 42 12.72 24.00 -7.67
CA SER C 42 13.29 23.37 -6.49
C SER C 42 14.12 22.15 -6.86
N SER C 43 13.87 21.58 -8.04
CA SER C 43 14.61 20.41 -8.49
C SER C 43 15.86 20.75 -9.27
N HIS C 44 16.14 22.03 -9.52
CA HIS C 44 17.33 22.45 -10.27
C HIS C 44 17.39 21.77 -11.63
N VAL C 45 16.25 21.76 -12.35
CA VAL C 45 16.15 20.99 -13.58
C VAL C 45 15.73 21.83 -14.78
N SER C 46 15.00 22.92 -14.62
CA SER C 46 14.53 23.69 -15.78
C SER C 46 14.58 25.17 -15.46
N LEU C 47 14.72 25.98 -16.52
CA LEU C 47 14.83 27.42 -16.40
C LEU C 47 13.70 28.08 -17.18
N VAL C 48 13.12 29.13 -16.60
CA VAL C 48 12.06 29.91 -17.21
C VAL C 48 12.56 31.33 -17.42
N GLN C 49 12.28 31.89 -18.60
CA GLN C 49 12.77 33.21 -18.97
C GLN C 49 11.62 34.06 -19.49
N LEU C 50 11.59 35.32 -19.05
CA LEU C 50 10.61 36.29 -19.51
C LEU C 50 11.32 37.50 -20.11
N THR C 51 10.79 37.99 -21.23
CA THR C 51 11.37 39.12 -21.94
C THR C 51 10.28 40.13 -22.28
N LEU C 52 9.50 40.52 -21.27
CA LEU C 52 8.44 41.50 -21.47
C LEU C 52 9.04 42.88 -21.66
N ARG C 53 8.78 43.48 -22.82
CA ARG C 53 9.37 44.77 -23.15
C ARG C 53 8.54 45.90 -22.53
N SER C 54 9.15 47.08 -22.43
CA SER C 54 8.45 48.29 -22.00
C SER C 54 7.54 48.86 -23.07
N GLU C 55 7.77 48.51 -24.34
CA GLU C 55 6.94 49.03 -25.42
C GLU C 55 5.52 48.49 -25.34
N GLY C 56 5.37 47.22 -24.94
CA GLY C 56 4.05 46.61 -24.91
C GLY C 56 3.13 47.25 -23.88
N PHE C 57 3.68 47.80 -22.81
CA PHE C 57 2.86 48.44 -21.80
C PHE C 57 2.17 49.68 -22.36
N ASP C 58 0.90 49.84 -22.02
CA ASP C 58 0.21 51.06 -22.43
C ASP C 58 0.84 52.29 -21.79
N THR C 59 1.11 52.24 -20.49
CA THR C 59 1.82 53.30 -19.77
C THR C 59 2.84 52.64 -18.85
N TYR C 60 4.10 53.04 -18.99
CA TYR C 60 5.21 52.44 -18.28
C TYR C 60 6.11 53.52 -17.69
N ARG C 61 6.54 53.33 -16.45
CA ARG C 61 7.64 54.12 -15.90
C ARG C 61 8.27 53.36 -14.74
N CYS C 62 9.58 53.23 -14.78
CA CYS C 62 10.35 52.51 -13.77
C CYS C 62 11.53 53.40 -13.39
N ASP C 63 11.33 54.21 -12.34
CA ASP C 63 12.30 55.26 -12.02
C ASP C 63 13.66 54.68 -11.64
N ARG C 64 13.68 53.60 -10.85
CA ARG C 64 14.92 52.97 -10.48
C ARG C 64 14.78 51.46 -10.60
N ASN C 65 15.91 50.79 -10.75
CA ASN C 65 15.92 49.34 -10.88
C ASN C 65 15.46 48.69 -9.58
N LEU C 66 14.54 47.73 -9.69
CA LEU C 66 14.09 46.92 -8.57
C LEU C 66 14.23 45.44 -8.92
N ALA C 67 14.40 44.63 -7.88
CA ALA C 67 14.48 43.18 -8.01
C ALA C 67 13.93 42.59 -6.72
N MET C 68 12.66 42.18 -6.75
CA MET C 68 11.91 41.93 -5.52
C MET C 68 11.39 40.51 -5.54
N GLY C 69 11.44 39.83 -4.39
CA GLY C 69 10.97 38.46 -4.31
C GLY C 69 9.60 38.33 -3.68
N VAL C 70 8.65 37.74 -4.39
CA VAL C 70 7.30 37.54 -3.90
C VAL C 70 6.87 36.11 -4.19
N ASN C 71 6.00 35.57 -3.33
CA ASN C 71 5.52 34.19 -3.49
C ASN C 71 4.73 34.05 -4.78
N LEU C 72 4.98 32.97 -5.51
CA LEU C 72 4.21 32.69 -6.72
C LEU C 72 2.76 32.35 -6.39
N THR C 73 2.54 31.55 -5.35
CA THR C 73 1.18 31.13 -5.00
C THR C 73 0.33 32.32 -4.60
N SER C 74 0.89 33.24 -3.82
CA SER C 74 0.14 34.40 -3.41
C SER C 74 -0.38 35.18 -4.61
N MET C 75 0.47 35.36 -5.63
CA MET C 75 0.04 36.11 -6.81
C MET C 75 -1.07 35.40 -7.56
N SER C 76 -0.97 34.08 -7.72
CA SER C 76 -1.98 33.34 -8.47
C SER C 76 -3.33 33.40 -7.79
N LYS C 77 -3.35 33.48 -6.45
CA LYS C 77 -4.60 33.64 -5.73
C LYS C 77 -5.28 34.96 -6.07
N ILE C 78 -4.50 35.98 -6.47
CA ILE C 78 -5.07 37.28 -6.76
C ILE C 78 -5.44 37.40 -8.23
N LEU C 79 -4.60 36.87 -9.12
CA LEU C 79 -4.89 36.94 -10.55
C LEU C 79 -6.17 36.20 -10.89
N LYS C 80 -6.51 35.16 -10.12
CA LYS C 80 -7.74 34.42 -10.38
C LYS C 80 -8.99 35.24 -10.08
N CYS C 81 -8.93 36.20 -9.18
CA CYS C 81 -10.10 36.95 -8.75
C CYS C 81 -10.42 38.14 -9.64
N ALA C 82 -9.64 38.36 -10.70
CA ALA C 82 -9.88 39.43 -11.64
C ALA C 82 -10.40 38.86 -12.95
N GLY C 83 -11.31 39.59 -13.58
CA GLY C 83 -11.84 39.16 -14.87
C GLY C 83 -10.79 39.20 -15.96
N ASN C 84 -11.09 38.51 -17.05
CA ASN C 84 -10.18 38.42 -18.18
C ASN C 84 -10.10 39.72 -18.98
N GLU C 85 -10.71 40.79 -18.48
CA GLU C 85 -10.77 42.05 -19.21
C GLU C 85 -10.46 43.26 -18.36
N ASP C 86 -10.17 43.09 -17.07
CA ASP C 86 -9.86 44.24 -16.22
C ASP C 86 -8.51 44.84 -16.62
N ILE C 87 -8.34 46.12 -16.31
CA ILE C 87 -7.13 46.86 -16.66
C ILE C 87 -6.21 46.81 -15.46
N ILE C 88 -5.05 46.18 -15.63
CA ILE C 88 -4.08 46.10 -14.53
C ILE C 88 -3.44 47.46 -14.32
N THR C 89 -3.31 47.85 -13.06
CA THR C 89 -2.75 49.14 -12.66
C THR C 89 -1.61 48.90 -11.68
N LEU C 90 -0.70 48.01 -12.06
CA LEU C 90 0.43 47.63 -11.24
C LEU C 90 1.22 48.86 -10.81
N ARG C 91 1.48 48.94 -9.50
CA ARG C 91 2.20 50.08 -8.92
C ARG C 91 2.98 49.60 -7.71
N ALA C 92 4.31 49.64 -7.81
CA ALA C 92 5.19 49.17 -6.75
C ALA C 92 5.95 50.35 -6.17
N GLU C 93 5.92 50.47 -4.85
CA GLU C 93 6.50 51.60 -4.14
C GLU C 93 7.95 51.28 -3.81
N ASP C 94 8.78 52.32 -3.78
CA ASP C 94 10.19 52.13 -3.42
C ASP C 94 10.33 51.70 -1.97
N ASN C 95 10.89 50.51 -1.78
CA ASN C 95 11.17 49.91 -0.47
C ASN C 95 10.04 50.16 0.54
N ALA C 96 8.84 49.76 0.14
CA ALA C 96 7.67 49.86 1.00
C ALA C 96 6.97 48.53 1.25
N ASP C 97 7.36 47.46 0.56
CA ASP C 97 6.78 46.14 0.74
C ASP C 97 5.27 46.14 0.49
N THR C 98 4.81 46.94 -0.48
CA THR C 98 3.40 47.03 -0.83
C THR C 98 3.29 47.11 -2.34
N LEU C 99 2.58 46.15 -2.95
CA LEU C 99 2.37 46.13 -4.39
C LEU C 99 0.90 46.47 -4.63
N ALA C 100 0.66 47.56 -5.36
CA ALA C 100 -0.70 48.06 -5.60
C ALA C 100 -1.25 47.39 -6.85
N LEU C 101 -2.04 46.34 -6.66
CA LEU C 101 -2.76 45.73 -7.77
C LEU C 101 -4.19 46.25 -7.83
N VAL C 102 -4.49 46.98 -8.89
CA VAL C 102 -5.81 47.55 -9.10
C VAL C 102 -6.38 46.95 -10.38
N PHE C 103 -7.57 46.37 -10.29
CA PHE C 103 -8.23 45.75 -11.43
C PHE C 103 -9.34 46.69 -11.88
N GLU C 104 -9.07 47.47 -12.92
CA GLU C 104 -9.97 48.52 -13.37
C GLU C 104 -11.12 47.91 -14.15
N ALA C 105 -12.33 48.33 -13.84
CA ALA C 105 -13.51 47.83 -14.52
C ALA C 105 -13.63 48.45 -15.90
N PRO C 106 -13.71 47.66 -16.97
CA PRO C 106 -14.07 48.23 -18.28
C PRO C 106 -15.44 48.86 -18.28
N ASN C 107 -16.35 48.36 -17.45
CA ASN C 107 -17.65 48.96 -17.23
C ASN C 107 -17.58 50.27 -16.45
N GLN C 108 -16.47 50.52 -15.75
CA GLN C 108 -16.30 51.73 -14.94
C GLN C 108 -17.33 51.82 -13.82
N GLU C 109 -17.69 50.67 -13.25
CA GLU C 109 -18.63 50.63 -12.14
C GLU C 109 -18.06 50.00 -10.87
N LYS C 110 -17.23 48.98 -10.99
CA LYS C 110 -16.63 48.32 -9.83
C LYS C 110 -15.19 48.80 -9.68
N VAL C 111 -14.72 48.82 -8.43
CA VAL C 111 -13.33 49.14 -8.14
C VAL C 111 -12.73 47.95 -7.40
N SER C 112 -11.60 47.47 -7.90
CA SER C 112 -10.93 46.29 -7.35
C SER C 112 -9.47 46.63 -7.11
N ASP C 113 -9.06 46.65 -5.85
CA ASP C 113 -7.69 46.94 -5.47
C ASP C 113 -7.23 45.93 -4.43
N TYR C 114 -5.97 45.53 -4.52
CA TYR C 114 -5.43 44.52 -3.62
C TYR C 114 -3.95 44.76 -3.36
N GLU C 115 -3.53 44.43 -2.15
CA GLU C 115 -2.14 44.52 -1.72
C GLU C 115 -1.76 43.24 -1.00
N MET C 116 -0.51 42.81 -1.15
CA MET C 116 -0.02 41.59 -0.54
C MET C 116 1.34 41.85 0.12
N LYS C 117 1.68 41.01 1.09
CA LYS C 117 2.98 41.05 1.74
C LYS C 117 4.08 40.69 0.76
N LEU C 118 5.25 41.29 0.95
CA LEU C 118 6.42 41.05 0.12
C LEU C 118 7.46 40.28 0.92
N MET C 119 7.97 39.21 0.33
CA MET C 119 9.02 38.41 0.95
C MET C 119 10.39 38.81 0.42
N ASP C 120 11.40 38.01 0.78
CA ASP C 120 12.81 38.30 0.48
C ASP C 120 13.47 37.03 -0.08
N LEU C 121 13.70 37.03 -1.39
CA LEU C 121 14.39 35.93 -2.06
C LEU C 121 15.89 36.24 -2.16
N ASP C 122 16.61 35.41 -2.91
CA ASP C 122 18.03 35.60 -3.17
C ASP C 122 18.32 35.41 -4.65
N VAL C 123 19.25 36.20 -5.17
CA VAL C 123 19.62 36.18 -6.58
C VAL C 123 20.90 35.38 -6.74
N GLU C 124 20.93 34.51 -7.76
CA GLU C 124 22.09 33.66 -8.00
C GLU C 124 22.65 33.80 -9.40
N GLN C 125 22.40 34.92 -10.09
CA GLN C 125 22.99 35.27 -11.38
C GLN C 125 23.03 34.06 -12.34
N LEU C 126 21.84 33.57 -12.67
CA LEU C 126 21.72 32.41 -13.54
C LEU C 126 22.42 32.66 -14.86
N GLY C 127 23.22 31.70 -15.29
CA GLY C 127 23.94 31.84 -16.55
C GLY C 127 23.07 31.39 -17.70
N ILE C 128 23.09 32.17 -18.79
CA ILE C 128 22.30 31.85 -19.98
C ILE C 128 23.26 31.60 -21.13
N PRO C 129 23.67 30.37 -21.36
CA PRO C 129 24.60 30.07 -22.47
C PRO C 129 23.87 30.12 -23.80
N GLU C 130 24.15 31.16 -24.59
CA GLU C 130 23.54 31.27 -25.91
C GLU C 130 24.30 30.40 -26.91
N GLN C 131 23.55 29.65 -27.72
CA GLN C 131 24.16 28.75 -28.69
C GLN C 131 23.18 28.49 -29.81
N GLU C 132 23.71 28.23 -31.01
CA GLU C 132 22.87 27.89 -32.15
C GLU C 132 22.39 26.45 -32.04
N TYR C 133 21.21 26.19 -32.61
CA TYR C 133 20.58 24.88 -32.53
C TYR C 133 20.40 24.31 -33.93
N SER C 134 20.89 23.09 -34.13
CA SER C 134 20.85 22.48 -35.46
C SER C 134 19.43 22.22 -35.91
N CYS C 135 18.59 21.69 -35.03
CA CYS C 135 17.20 21.38 -35.36
C CYS C 135 16.30 22.43 -34.74
N VAL C 136 15.64 23.22 -35.58
CA VAL C 136 14.71 24.26 -35.14
C VAL C 136 13.34 23.91 -35.69
N VAL C 137 12.36 23.78 -34.79
CA VAL C 137 11.01 23.37 -35.15
C VAL C 137 10.03 24.41 -34.65
N LYS C 138 9.24 24.96 -35.57
CA LYS C 138 8.13 25.83 -35.22
C LYS C 138 6.84 25.17 -35.67
N MET C 139 5.87 25.11 -34.76
CA MET C 139 4.64 24.38 -35.00
C MET C 139 3.60 24.83 -33.99
N PRO C 140 2.30 24.71 -34.30
CA PRO C 140 1.27 25.32 -33.45
C PRO C 140 1.25 24.75 -32.04
N SER C 141 0.92 25.62 -31.08
CA SER C 141 0.96 25.23 -29.67
C SER C 141 -0.05 24.14 -29.37
N GLY C 142 -1.26 24.26 -29.92
CA GLY C 142 -2.30 23.29 -29.60
C GLY C 142 -1.91 21.86 -29.96
N GLU C 143 -1.38 21.68 -31.17
CA GLU C 143 -0.91 20.37 -31.58
C GLU C 143 0.22 19.89 -30.69
N PHE C 144 1.08 20.81 -30.26
CA PHE C 144 2.18 20.45 -29.36
C PHE C 144 1.63 19.93 -28.03
N ALA C 145 0.56 20.56 -27.53
CA ALA C 145 -0.01 20.15 -26.26
C ALA C 145 -0.50 18.71 -26.31
N ARG C 146 -1.13 18.31 -27.41
CA ARG C 146 -1.60 16.94 -27.54
C ARG C 146 -0.45 15.95 -27.50
N ILE C 147 0.57 16.16 -28.34
CA ILE C 147 1.63 15.18 -28.51
C ILE C 147 2.31 14.91 -27.18
N CYS C 148 2.60 15.97 -26.42
CA CYS C 148 3.15 15.80 -25.09
C CYS C 148 2.18 15.11 -24.15
N ARG C 149 0.88 15.44 -24.23
CA ARG C 149 -0.09 14.84 -23.33
C ARG C 149 -0.40 13.40 -23.71
N ASP C 150 -0.50 13.12 -25.02
CA ASP C 150 -0.87 11.78 -25.46
C ASP C 150 0.22 10.77 -25.10
N LEU C 151 1.49 11.12 -25.30
CA LEU C 151 2.58 10.20 -25.02
C LEU C 151 2.88 10.06 -23.54
N SER C 152 2.19 10.82 -22.68
CA SER C 152 2.45 10.75 -21.25
C SER C 152 2.11 9.37 -20.68
N HIS C 153 1.04 8.76 -21.17
CA HIS C 153 0.56 7.52 -20.56
C HIS C 153 1.43 6.33 -20.98
N ILE C 154 1.91 6.33 -22.21
CA ILE C 154 2.63 5.16 -22.72
C ILE C 154 3.98 5.02 -22.03
N GLY C 155 4.68 6.12 -21.78
CA GLY C 155 5.99 6.06 -21.17
C GLY C 155 6.35 7.25 -20.32
N ASP C 156 7.62 7.34 -19.91
CA ASP C 156 8.10 8.45 -19.09
C ASP C 156 9.18 9.29 -19.74
N ALA C 157 9.78 8.83 -20.83
CA ALA C 157 10.78 9.59 -21.56
C ALA C 157 10.51 9.47 -23.05
N VAL C 158 10.95 10.47 -23.81
CA VAL C 158 10.76 10.51 -25.25
C VAL C 158 12.12 10.64 -25.93
N VAL C 159 12.33 9.85 -26.97
CA VAL C 159 13.50 9.98 -27.82
C VAL C 159 13.07 10.76 -29.05
N ILE C 160 13.58 11.99 -29.17
CA ILE C 160 13.18 12.89 -30.24
C ILE C 160 14.18 12.75 -31.37
N SER C 161 13.69 12.46 -32.57
CA SER C 161 14.53 12.32 -33.76
C SER C 161 14.12 13.39 -34.75
N CYS C 162 15.02 14.32 -35.02
CA CYS C 162 14.76 15.42 -35.94
C CYS C 162 14.97 14.92 -37.37
N ALA C 163 13.95 14.25 -37.90
CA ALA C 163 13.98 13.76 -39.26
C ALA C 163 13.59 14.88 -40.23
N LYS C 164 14.39 15.03 -41.29
CA LYS C 164 14.12 16.08 -42.27
C LYS C 164 12.79 15.89 -42.97
N ASP C 165 12.34 14.64 -43.10
CA ASP C 165 11.03 14.35 -43.66
C ASP C 165 9.88 14.73 -42.73
N GLY C 166 10.18 15.11 -41.50
CA GLY C 166 9.16 15.40 -40.51
C GLY C 166 9.56 14.89 -39.14
N VAL C 167 9.48 15.76 -38.13
CA VAL C 167 9.91 15.39 -36.79
C VAL C 167 9.02 14.28 -36.27
N LYS C 168 9.61 13.35 -35.53
CA LYS C 168 8.92 12.17 -35.03
C LYS C 168 9.04 12.10 -33.52
N PHE C 169 7.92 11.81 -32.85
CA PHE C 169 7.86 11.65 -31.41
C PHE C 169 7.62 10.19 -31.09
N SER C 170 8.58 9.56 -30.39
CA SER C 170 8.51 8.15 -30.06
C SER C 170 8.63 7.96 -28.56
N ALA C 171 7.70 7.20 -27.99
CA ALA C 171 7.71 6.90 -26.57
C ALA C 171 7.41 5.42 -26.38
N SER C 172 8.10 4.82 -25.41
CA SER C 172 8.00 3.39 -25.14
C SER C 172 7.67 3.15 -23.68
N GLY C 173 6.98 2.05 -23.41
CA GLY C 173 6.65 1.68 -22.05
C GLY C 173 6.28 0.21 -21.98
N GLU C 174 5.89 -0.22 -20.78
CA GLU C 174 5.45 -1.60 -20.61
C GLU C 174 4.21 -1.93 -21.43
N LEU C 175 3.44 -0.92 -21.84
CA LEU C 175 2.34 -1.12 -22.76
C LEU C 175 2.79 -1.36 -24.19
N GLY C 176 3.98 -0.89 -24.55
CA GLY C 176 4.50 -1.02 -25.89
C GLY C 176 5.17 0.25 -26.33
N ASN C 177 5.30 0.41 -27.64
CA ASN C 177 5.95 1.56 -28.24
C ASN C 177 4.99 2.26 -29.18
N GLY C 178 5.07 3.60 -29.19
CA GLY C 178 4.25 4.40 -30.07
C GLY C 178 5.00 5.60 -30.60
N ASN C 179 5.08 5.74 -31.91
CA ASN C 179 5.79 6.83 -32.55
C ASN C 179 4.81 7.70 -33.32
N ILE C 180 4.92 9.01 -33.14
CA ILE C 180 4.06 9.98 -33.81
C ILE C 180 4.96 10.96 -34.56
N LYS C 181 4.69 11.13 -35.85
CA LYS C 181 5.44 12.08 -36.66
C LYS C 181 4.47 12.89 -37.50
N LEU C 182 4.91 14.08 -37.88
CA LEU C 182 4.12 15.00 -38.69
C LEU C 182 4.84 15.31 -39.98
N SER C 183 4.14 16.02 -40.87
CA SER C 183 4.69 16.46 -42.14
C SER C 183 4.73 17.97 -42.16
N GLN C 184 5.86 18.52 -42.61
CA GLN C 184 6.01 19.97 -42.67
C GLN C 184 4.98 20.58 -43.61
N THR C 185 4.32 21.64 -43.14
CA THR C 185 3.29 22.30 -43.92
C THR C 185 3.93 23.06 -45.08
N SER C 186 3.38 22.86 -46.28
CA SER C 186 3.90 23.48 -47.49
C SER C 186 2.93 24.49 -48.09
N ASN C 187 1.67 24.09 -48.30
CA ASN C 187 0.71 24.94 -48.98
C ASN C 187 -0.20 25.73 -48.05
N VAL C 188 -0.49 25.23 -46.87
CA VAL C 188 -1.35 25.95 -45.93
C VAL C 188 -0.58 27.16 -45.41
N ASP C 189 -0.97 28.35 -45.86
CA ASP C 189 -0.28 29.58 -45.50
C ASP C 189 -0.58 30.03 -44.08
N LYS C 190 -1.53 29.39 -43.40
CA LYS C 190 -1.88 29.79 -42.04
C LYS C 190 -0.70 29.56 -41.10
N GLU C 191 -0.36 30.60 -40.33
CA GLU C 191 0.70 30.48 -39.34
C GLU C 191 0.34 29.49 -38.23
N GLU C 192 -0.95 29.30 -37.96
CA GLU C 192 -1.41 28.33 -36.99
C GLU C 192 -1.50 26.92 -37.56
N GLU C 193 -0.86 26.69 -38.71
CA GLU C 193 -0.80 25.37 -39.32
C GLU C 193 0.59 24.99 -39.81
N ALA C 194 1.57 25.88 -39.76
CA ALA C 194 2.89 25.57 -40.28
C ALA C 194 3.59 24.52 -39.41
N VAL C 195 4.23 23.57 -40.08
CA VAL C 195 4.98 22.52 -39.40
C VAL C 195 6.41 22.64 -39.93
N THR C 196 6.81 23.88 -40.24
CA THR C 196 8.13 24.13 -40.82
C THR C 196 9.22 23.71 -39.85
N ILE C 197 10.23 23.01 -40.39
CA ILE C 197 11.35 22.50 -39.61
C ILE C 197 12.64 23.00 -40.24
N GLU C 198 13.55 23.51 -39.41
CA GLU C 198 14.87 23.94 -39.85
C GLU C 198 15.87 22.82 -39.59
N MET C 199 16.57 22.41 -40.64
CA MET C 199 17.38 21.19 -40.62
C MET C 199 18.83 21.52 -40.90
N ASN C 200 19.72 21.17 -39.97
CA ASN C 200 21.15 21.20 -40.22
C ASN C 200 21.84 19.86 -39.98
N GLU C 201 21.49 19.15 -38.91
CA GLU C 201 21.98 17.80 -38.68
C GLU C 201 21.03 17.09 -37.73
N PRO C 202 20.69 15.83 -38.00
CA PRO C 202 19.74 15.13 -37.14
C PRO C 202 20.30 14.95 -35.74
N VAL C 203 19.41 15.05 -34.75
CA VAL C 203 19.78 14.94 -33.35
C VAL C 203 18.76 14.07 -32.64
N GLN C 204 19.25 13.18 -31.78
CA GLN C 204 18.40 12.27 -31.03
C GLN C 204 18.73 12.37 -29.56
N LEU C 205 17.81 12.96 -28.79
CA LEU C 205 18.03 13.21 -27.37
C LEU C 205 16.84 12.64 -26.61
N THR C 206 16.93 12.67 -25.28
CA THR C 206 15.90 12.12 -24.42
C THR C 206 15.62 13.10 -23.30
N PHE C 207 14.36 13.15 -22.86
CA PHE C 207 13.94 14.09 -21.84
C PHE C 207 12.84 13.47 -20.99
N ALA C 208 12.62 14.05 -19.81
CA ALA C 208 11.56 13.60 -18.92
C ALA C 208 10.22 14.07 -19.44
N LEU C 209 9.24 13.18 -19.46
CA LEU C 209 7.90 13.55 -19.89
C LEU C 209 7.08 14.18 -18.77
N ARG C 210 7.56 14.11 -17.53
CA ARG C 210 6.80 14.64 -16.40
C ARG C 210 6.83 16.16 -16.35
N TYR C 211 7.62 16.80 -17.21
CA TYR C 211 7.69 18.26 -17.25
C TYR C 211 6.95 18.86 -18.43
N LEU C 212 6.79 18.11 -19.51
CA LEU C 212 6.17 18.65 -20.72
C LEU C 212 4.76 19.14 -20.43
N ASN C 213 4.06 18.46 -19.52
CA ASN C 213 2.75 18.92 -19.08
C ASN C 213 2.84 20.33 -18.49
N PHE C 214 3.85 20.58 -17.66
CA PHE C 214 3.98 21.88 -17.01
C PHE C 214 4.22 22.97 -18.04
N PHE C 215 5.12 22.73 -18.99
CA PHE C 215 5.46 23.73 -19.99
C PHE C 215 4.26 24.02 -20.90
N THR C 216 3.50 22.99 -21.25
CA THR C 216 2.34 23.14 -22.12
C THR C 216 1.19 23.90 -21.47
N LYS C 217 1.34 24.33 -20.22
CA LYS C 217 0.34 25.20 -19.63
C LYS C 217 0.26 26.56 -20.32
N ALA C 218 1.28 26.92 -21.11
CA ALA C 218 1.35 28.20 -21.77
C ALA C 218 0.67 28.20 -23.14
N THR C 219 -0.04 27.12 -23.48
CA THR C 219 -0.81 27.11 -24.71
C THR C 219 -1.80 28.26 -24.84
N PRO C 220 -2.51 28.69 -23.79
CA PRO C 220 -3.37 29.87 -23.95
C PRO C 220 -2.61 31.14 -24.31
N LEU C 221 -1.29 31.18 -24.09
CA LEU C 221 -0.53 32.38 -24.36
C LEU C 221 -0.39 32.63 -25.85
N SER C 222 -0.07 31.59 -26.62
CA SER C 222 0.23 31.75 -28.04
C SER C 222 -0.30 30.56 -28.82
N SER C 223 -0.44 30.76 -30.13
CA SER C 223 -0.96 29.72 -31.01
C SER C 223 0.13 28.80 -31.53
N THR C 224 1.37 29.26 -31.60
CA THR C 224 2.48 28.49 -32.13
C THR C 224 3.63 28.44 -31.13
N VAL C 225 4.28 27.28 -31.03
CA VAL C 225 5.47 27.10 -30.21
C VAL C 225 6.66 26.86 -31.13
N THR C 226 7.84 27.20 -30.63
CA THR C 226 9.09 27.00 -31.35
C THR C 226 10.02 26.14 -30.48
N LEU C 227 10.51 25.06 -31.06
CA LEU C 227 11.46 24.16 -30.39
C LEU C 227 12.72 24.04 -31.22
N SER C 228 13.87 24.28 -30.60
CA SER C 228 15.15 24.23 -31.28
C SER C 228 16.07 23.26 -30.56
N MET C 229 16.83 22.49 -31.35
CA MET C 229 17.69 21.46 -30.78
C MET C 229 18.97 21.32 -31.59
N SER C 230 19.95 20.70 -30.95
CA SER C 230 21.23 20.32 -31.54
C SER C 230 21.78 19.17 -30.72
N ALA C 231 23.07 18.89 -30.89
CA ALA C 231 23.70 17.80 -30.13
C ALA C 231 24.06 18.28 -28.73
N ASP C 232 23.59 17.55 -27.71
CA ASP C 232 23.93 17.79 -26.32
C ASP C 232 23.64 19.23 -25.89
N VAL C 233 22.45 19.71 -26.24
CA VAL C 233 22.02 21.05 -25.83
C VAL C 233 20.67 20.94 -25.14
N PRO C 234 20.33 21.86 -24.24
CA PRO C 234 19.03 21.80 -23.58
C PRO C 234 17.88 22.04 -24.54
N LEU C 235 16.75 21.42 -24.24
CA LEU C 235 15.52 21.70 -24.97
C LEU C 235 15.07 23.12 -24.72
N VAL C 236 14.65 23.80 -25.80
CA VAL C 236 14.15 25.16 -25.71
C VAL C 236 12.73 25.18 -26.28
N VAL C 237 11.80 25.75 -25.52
CA VAL C 237 10.43 25.98 -25.96
C VAL C 237 10.14 27.46 -25.81
N GLU C 238 9.88 28.13 -26.92
CA GLU C 238 9.69 29.57 -26.93
C GLU C 238 8.25 29.89 -27.30
N TYR C 239 7.63 30.80 -26.55
CA TYR C 239 6.32 31.31 -26.88
C TYR C 239 6.44 32.80 -27.20
N LYS C 240 5.84 33.20 -28.31
CA LYS C 240 5.88 34.58 -28.77
C LYS C 240 4.61 35.28 -28.32
N ILE C 241 4.75 36.19 -27.37
CA ILE C 241 3.60 36.91 -26.83
C ILE C 241 3.39 38.17 -27.65
N ALA C 242 2.71 38.03 -28.79
CA ALA C 242 2.43 39.13 -29.71
C ALA C 242 3.67 39.97 -29.96
N ASP C 243 3.58 41.27 -29.66
CA ASP C 243 4.72 42.18 -29.68
C ASP C 243 5.20 42.51 -28.28
N MET C 244 4.62 41.87 -27.27
CA MET C 244 4.98 42.09 -25.88
C MET C 244 6.33 41.49 -25.51
N GLY C 245 6.70 40.37 -26.13
CA GLY C 245 7.97 39.74 -25.82
C GLY C 245 7.89 38.25 -26.10
N HIS C 246 8.92 37.56 -25.65
CA HIS C 246 9.00 36.11 -25.80
C HIS C 246 9.36 35.49 -24.46
N LEU C 247 8.83 34.30 -24.22
CA LEU C 247 9.17 33.50 -23.05
C LEU C 247 9.76 32.19 -23.55
N LYS C 248 10.86 31.76 -22.95
CA LYS C 248 11.60 30.60 -23.41
C LYS C 248 11.76 29.59 -22.28
N TYR C 249 11.50 28.33 -22.61
CA TYR C 249 11.57 27.23 -21.65
C TYR C 249 12.84 26.42 -21.87
N TYR C 250 13.65 26.32 -20.82
CA TYR C 250 14.92 25.62 -20.87
C TYR C 250 14.77 24.26 -20.20
N LEU C 251 15.29 23.22 -20.84
CA LEU C 251 15.28 21.86 -20.30
C LEU C 251 16.53 21.13 -20.74
N ALA C 252 17.45 20.94 -19.81
CA ALA C 252 18.67 20.20 -20.10
C ALA C 252 18.32 18.75 -20.45
N PRO C 253 19.01 18.15 -21.42
CA PRO C 253 18.63 16.80 -21.86
C PRO C 253 18.86 15.75 -20.77
N LYS C 254 18.04 14.70 -20.82
CA LYS C 254 18.23 13.57 -19.92
C LYS C 254 19.51 12.83 -20.27
N ILE C 255 20.29 12.47 -19.24
CA ILE C 255 21.53 11.76 -19.47
C ILE C 255 21.23 10.33 -19.94
N GLU C 256 22.03 9.85 -20.89
CA GLU C 256 21.78 8.56 -21.52
C GLU C 256 22.03 7.40 -20.58
N ASP C 257 22.89 7.56 -19.59
CA ASP C 257 23.22 6.48 -18.66
C ASP C 257 22.28 6.41 -17.47
N GLU C 258 21.35 7.37 -17.35
CA GLU C 258 20.36 7.29 -16.28
C GLU C 258 19.49 6.05 -16.44
N GLU C 259 19.11 5.74 -17.68
CA GLU C 259 18.36 4.52 -17.93
C GLU C 259 19.24 3.28 -17.74
N GLY C 260 20.54 3.41 -17.97
CA GLY C 260 21.43 2.27 -17.84
C GLY C 260 21.52 1.77 -16.40
N SER C 261 21.50 2.68 -15.44
CA SER C 261 21.60 2.30 -14.04
C SER C 261 20.53 3.01 -13.20
N MET D 1 -58.46 16.94 0.80
CA MET D 1 -57.30 16.44 0.05
C MET D 1 -56.67 17.64 -0.65
N PHE D 2 -55.36 17.76 -0.55
CA PHE D 2 -54.62 18.93 -1.01
C PHE D 2 -53.98 18.65 -2.35
N GLU D 3 -54.26 19.51 -3.33
CA GLU D 3 -53.66 19.41 -4.66
C GLU D 3 -53.07 20.76 -5.04
N ALA D 4 -51.81 20.76 -5.45
CA ALA D 4 -51.15 21.98 -5.91
C ALA D 4 -50.46 21.69 -7.24
N ARG D 5 -51.02 22.21 -8.32
CA ARG D 5 -50.45 22.06 -9.65
C ARG D 5 -49.61 23.30 -9.95
N LEU D 6 -48.34 23.08 -10.28
CA LEU D 6 -47.41 24.16 -10.57
C LEU D 6 -46.84 23.93 -11.97
N VAL D 7 -47.13 24.85 -12.88
CA VAL D 7 -46.58 24.75 -14.24
C VAL D 7 -45.06 24.91 -14.21
N GLN D 8 -44.58 25.88 -13.42
CA GLN D 8 -43.14 26.16 -13.34
C GLN D 8 -42.55 25.34 -12.20
N GLY D 9 -42.24 24.08 -12.48
CA GLY D 9 -41.63 23.23 -11.48
C GLY D 9 -40.18 23.58 -11.20
N SER D 10 -39.52 24.24 -12.17
CA SER D 10 -38.13 24.63 -11.99
C SER D 10 -37.96 25.54 -10.79
N ILE D 11 -38.90 26.48 -10.58
CA ILE D 11 -38.87 27.31 -9.38
C ILE D 11 -38.99 26.43 -8.15
N LEU D 12 -39.89 25.46 -8.17
CA LEU D 12 -39.99 24.53 -7.06
C LEU D 12 -38.75 23.63 -6.97
N LYS D 13 -38.16 23.29 -8.11
CA LYS D 13 -36.99 22.41 -8.09
C LYS D 13 -35.81 23.07 -7.39
N LYS D 14 -35.52 24.33 -7.73
CA LYS D 14 -34.24 24.93 -7.35
C LYS D 14 -34.29 25.46 -5.92
N VAL D 15 -35.47 25.43 -5.30
CA VAL D 15 -35.61 25.81 -3.89
C VAL D 15 -34.81 24.87 -3.00
N LEU D 16 -34.81 23.57 -3.33
CA LEU D 16 -34.35 22.56 -2.38
C LEU D 16 -32.84 22.67 -2.11
N GLU D 17 -32.06 23.06 -3.12
CA GLU D 17 -30.61 23.13 -2.94
C GLU D 17 -30.23 24.13 -1.86
N ALA D 18 -30.91 25.27 -1.81
CA ALA D 18 -30.62 26.26 -0.76
C ALA D 18 -30.89 25.69 0.62
N LEU D 19 -31.97 24.90 0.75
CA LEU D 19 -32.36 24.35 2.04
C LEU D 19 -31.64 23.04 2.37
N LYS D 20 -30.96 22.43 1.41
CA LYS D 20 -30.32 21.14 1.67
C LYS D 20 -29.19 21.26 2.70
N ASP D 21 -28.19 22.07 2.39
CA ASP D 21 -26.97 22.15 3.19
C ASP D 21 -27.19 22.74 4.59
N LEU D 22 -28.36 23.32 4.85
CA LEU D 22 -28.64 23.91 6.15
C LEU D 22 -29.84 23.32 6.86
N ILE D 23 -30.76 22.69 6.13
CA ILE D 23 -31.97 22.13 6.71
C ILE D 23 -32.12 20.68 6.27
N ASN D 24 -32.54 19.83 7.21
CA ASN D 24 -32.83 18.42 6.91
C ASN D 24 -34.30 18.09 7.13
N GLU D 25 -34.88 18.56 8.22
CA GLU D 25 -36.28 18.34 8.52
C GLU D 25 -37.00 19.67 8.60
N ALA D 26 -38.26 19.70 8.16
CA ALA D 26 -39.05 20.92 8.17
C ALA D 26 -40.52 20.58 8.15
N CYS D 27 -41.34 21.57 8.49
CA CYS D 27 -42.79 21.46 8.48
C CYS D 27 -43.35 22.49 7.50
N TRP D 28 -44.35 22.08 6.73
CA TRP D 28 -44.94 22.94 5.69
C TRP D 28 -46.31 23.39 6.17
N ASP D 29 -46.37 24.61 6.71
CA ASP D 29 -47.64 25.20 7.09
C ASP D 29 -48.44 25.53 5.83
N ILE D 30 -49.44 24.70 5.54
CA ILE D 30 -50.21 24.78 4.30
C ILE D 30 -51.58 25.35 4.62
N SER D 31 -51.94 26.43 3.95
CA SER D 31 -53.24 27.07 4.13
C SER D 31 -53.73 27.57 2.78
N SER D 32 -54.94 28.15 2.78
CA SER D 32 -55.48 28.73 1.56
C SER D 32 -54.66 29.93 1.08
N SER D 33 -53.90 30.56 1.98
CA SER D 33 -53.02 31.64 1.56
C SER D 33 -51.92 31.12 0.63
N GLY D 34 -51.40 29.94 0.92
CA GLY D 34 -50.37 29.35 0.09
C GLY D 34 -49.53 28.39 0.93
N VAL D 35 -48.25 28.30 0.55
CA VAL D 35 -47.29 27.41 1.20
C VAL D 35 -46.40 28.26 2.10
N ASN D 36 -46.26 27.83 3.36
CA ASN D 36 -45.43 28.52 4.34
C ASN D 36 -44.44 27.53 4.94
N LEU D 37 -43.28 28.04 5.31
CA LEU D 37 -42.22 27.20 5.87
C LEU D 37 -41.38 28.02 6.83
N GLN D 38 -41.23 27.51 8.05
CA GLN D 38 -40.34 28.09 9.05
C GLN D 38 -39.61 26.95 9.74
N SER D 39 -38.28 27.05 9.79
CA SER D 39 -37.48 25.97 10.38
C SER D 39 -36.15 26.56 10.83
N MET D 40 -35.86 26.41 12.13
CA MET D 40 -34.57 26.82 12.65
C MET D 40 -33.48 25.90 12.11
N ASP D 41 -32.30 26.46 11.83
CA ASP D 41 -31.24 25.68 11.22
C ASP D 41 -30.74 24.61 12.19
N SER D 42 -30.04 23.62 11.64
CA SER D 42 -29.58 22.49 12.44
C SER D 42 -28.61 22.93 13.54
N SER D 43 -27.79 23.94 13.25
CA SER D 43 -26.80 24.43 14.19
C SER D 43 -27.37 25.43 15.18
N HIS D 44 -28.65 25.77 15.08
CA HIS D 44 -29.32 26.67 16.02
C HIS D 44 -28.64 28.04 16.05
N VAL D 45 -28.28 28.53 14.87
CA VAL D 45 -27.67 29.86 14.75
C VAL D 45 -28.49 30.73 13.80
N SER D 46 -28.64 30.30 12.55
CA SER D 46 -29.34 31.05 11.53
C SER D 46 -30.78 30.57 11.40
N LEU D 47 -31.65 31.45 10.93
CA LEU D 47 -33.05 31.11 10.73
C LEU D 47 -33.40 31.23 9.26
N VAL D 48 -34.06 30.21 8.73
CA VAL D 48 -34.45 30.14 7.33
C VAL D 48 -35.96 30.00 7.27
N GLN D 49 -36.61 30.88 6.51
CA GLN D 49 -38.06 30.90 6.38
C GLN D 49 -38.44 31.04 4.92
N LEU D 50 -39.55 30.39 4.55
CA LEU D 50 -40.03 30.35 3.18
C LEU D 50 -41.52 30.61 3.13
N THR D 51 -41.95 31.37 2.13
CA THR D 51 -43.36 31.71 1.96
C THR D 51 -43.71 31.70 0.48
N LEU D 52 -44.84 31.10 0.15
CA LEU D 52 -45.38 31.10 -1.20
C LEU D 52 -46.85 31.46 -1.14
N ARG D 53 -47.29 32.37 -2.02
CA ARG D 53 -48.73 32.60 -2.17
C ARG D 53 -49.37 31.53 -3.03
N SER D 54 -50.60 31.16 -2.66
CA SER D 54 -51.36 30.17 -3.41
C SER D 54 -51.69 30.66 -4.81
N GLU D 55 -51.84 31.97 -4.98
CA GLU D 55 -52.24 32.51 -6.28
C GLU D 55 -51.20 32.25 -7.35
N GLY D 56 -49.93 32.11 -6.96
CA GLY D 56 -48.90 31.78 -7.93
C GLY D 56 -49.09 30.42 -8.56
N PHE D 57 -49.64 29.47 -7.83
CA PHE D 57 -49.86 28.13 -8.36
C PHE D 57 -50.88 28.16 -9.49
N ASP D 58 -50.66 27.32 -10.50
CA ASP D 58 -51.66 27.15 -11.56
C ASP D 58 -52.95 26.59 -11.00
N THR D 59 -52.85 25.60 -10.11
CA THR D 59 -54.00 25.05 -9.40
C THR D 59 -53.62 24.83 -7.96
N TYR D 60 -54.49 25.26 -7.05
CA TYR D 60 -54.21 25.17 -5.63
C TYR D 60 -55.53 25.26 -4.87
N ARG D 61 -55.73 24.35 -3.92
CA ARG D 61 -56.86 24.43 -3.00
C ARG D 61 -56.58 23.54 -1.81
N CYS D 62 -56.82 24.08 -0.62
CA CYS D 62 -56.53 23.36 0.62
C CYS D 62 -57.67 23.61 1.59
N ASP D 63 -58.46 22.57 1.85
CA ASP D 63 -59.65 22.73 2.69
C ASP D 63 -59.26 22.91 4.16
N ARG D 64 -58.31 22.13 4.66
CA ARG D 64 -57.93 22.14 6.07
C ARG D 64 -56.42 22.28 6.18
N ASN D 65 -55.98 23.13 7.12
CA ASN D 65 -54.56 23.41 7.27
C ASN D 65 -53.80 22.19 7.80
N LEU D 66 -52.56 22.03 7.34
CA LEU D 66 -51.76 20.88 7.73
C LEU D 66 -50.33 21.33 8.02
N ALA D 67 -49.73 20.73 9.05
CA ALA D 67 -48.32 20.91 9.36
C ALA D 67 -47.69 19.52 9.43
N MET D 68 -46.98 19.14 8.38
CA MET D 68 -46.45 17.80 8.23
C MET D 68 -44.99 17.89 7.81
N GLY D 69 -44.20 16.88 8.17
CA GLY D 69 -42.77 16.91 7.94
C GLY D 69 -42.22 15.83 7.03
N VAL D 70 -41.21 16.18 6.24
CA VAL D 70 -40.47 15.24 5.39
C VAL D 70 -39.01 15.62 5.45
N ASN D 71 -38.12 14.63 5.38
CA ASN D 71 -36.70 14.92 5.26
C ASN D 71 -36.43 15.68 3.97
N LEU D 72 -35.68 16.77 4.08
CA LEU D 72 -35.29 17.53 2.91
C LEU D 72 -34.32 16.72 2.05
N THR D 73 -33.49 15.90 2.69
CA THR D 73 -32.49 15.13 1.95
C THR D 73 -33.12 14.18 0.96
N SER D 74 -34.14 13.45 1.38
CA SER D 74 -34.76 12.44 0.52
C SER D 74 -35.42 13.09 -0.70
N MET D 75 -36.11 14.21 -0.49
CA MET D 75 -36.92 14.78 -1.56
C MET D 75 -36.08 15.33 -2.70
N SER D 76 -34.89 15.85 -2.39
CA SER D 76 -34.06 16.42 -3.45
C SER D 76 -33.49 15.35 -4.36
N LYS D 77 -33.13 14.20 -3.77
CA LYS D 77 -32.64 13.10 -4.60
C LYS D 77 -33.72 12.63 -5.56
N ILE D 78 -34.97 12.60 -5.12
CA ILE D 78 -36.08 12.30 -6.01
C ILE D 78 -36.18 13.36 -7.10
N LEU D 79 -36.11 14.62 -6.69
CA LEU D 79 -36.24 15.73 -7.62
C LEU D 79 -35.03 15.87 -8.53
N LYS D 80 -33.95 15.15 -8.22
CA LYS D 80 -32.75 15.17 -9.06
C LYS D 80 -33.03 14.66 -10.47
N CYS D 81 -33.80 13.59 -10.60
CA CYS D 81 -34.02 12.96 -11.90
C CYS D 81 -35.03 13.70 -12.76
N ALA D 82 -35.66 14.74 -12.24
CA ALA D 82 -36.69 15.47 -12.96
C ALA D 82 -36.08 16.55 -13.85
N GLY D 83 -36.81 16.92 -14.89
CA GLY D 83 -36.36 17.98 -15.77
C GLY D 83 -36.81 19.36 -15.32
N ASN D 84 -36.27 20.38 -15.99
CA ASN D 84 -36.51 21.75 -15.57
C ASN D 84 -37.79 22.34 -16.18
N GLU D 85 -38.24 21.84 -17.33
CA GLU D 85 -39.38 22.41 -18.03
C GLU D 85 -40.63 21.54 -17.89
N ASP D 86 -40.75 20.78 -16.80
CA ASP D 86 -41.85 19.86 -16.63
C ASP D 86 -43.03 20.54 -15.94
N ILE D 87 -44.13 19.81 -15.82
CA ILE D 87 -45.34 20.28 -15.17
C ILE D 87 -45.55 19.40 -13.95
N ILE D 88 -45.59 20.02 -12.77
CA ILE D 88 -45.77 19.25 -11.55
C ILE D 88 -47.11 19.60 -10.91
N THR D 89 -47.69 18.63 -10.22
CA THR D 89 -49.05 18.71 -9.67
C THR D 89 -49.06 18.20 -8.23
N LEU D 90 -48.18 18.75 -7.39
CA LEU D 90 -48.07 18.39 -5.98
C LEU D 90 -49.45 18.10 -5.37
N ARG D 91 -49.55 16.94 -4.72
CA ARG D 91 -50.83 16.48 -4.22
C ARG D 91 -50.61 15.66 -2.95
N ALA D 92 -51.44 15.92 -1.94
CA ALA D 92 -51.33 15.23 -0.67
C ALA D 92 -52.73 14.96 -0.13
N GLU D 93 -52.93 13.78 0.44
CA GLU D 93 -54.21 13.39 0.99
C GLU D 93 -54.37 13.91 2.42
N ASP D 94 -55.60 13.83 2.93
CA ASP D 94 -55.90 14.35 4.26
C ASP D 94 -55.12 13.61 5.34
N ASN D 95 -55.20 12.27 5.33
CA ASN D 95 -54.41 11.48 6.27
C ASN D 95 -52.93 11.45 5.87
N ALA D 96 -52.15 12.32 6.51
CA ALA D 96 -50.78 12.56 6.08
C ALA D 96 -49.92 11.33 6.38
N ASP D 97 -49.72 10.50 5.36
CA ASP D 97 -48.83 9.35 5.46
C ASP D 97 -47.91 9.20 4.26
N THR D 98 -48.31 9.63 3.07
CA THR D 98 -47.48 9.50 1.88
C THR D 98 -47.62 10.76 1.04
N LEU D 99 -46.64 10.99 0.17
CA LEU D 99 -46.66 12.09 -0.78
C LEU D 99 -46.52 11.53 -2.19
N ALA D 100 -47.48 11.85 -3.06
CA ALA D 100 -47.53 11.34 -4.41
C ALA D 100 -47.01 12.41 -5.37
N LEU D 101 -46.24 11.98 -6.37
CA LEU D 101 -45.64 12.89 -7.34
C LEU D 101 -46.37 12.74 -8.67
N VAL D 102 -46.79 13.86 -9.24
CA VAL D 102 -47.66 13.86 -10.41
C VAL D 102 -46.88 14.49 -11.56
N PHE D 103 -45.57 14.27 -11.57
CA PHE D 103 -44.68 14.72 -12.63
C PHE D 103 -45.28 14.51 -14.01
N GLU D 104 -45.26 15.56 -14.82
CA GLU D 104 -45.76 15.54 -16.19
C GLU D 104 -44.63 15.91 -17.14
N ALA D 105 -44.94 15.92 -18.44
CA ALA D 105 -43.94 16.22 -19.45
C ALA D 105 -44.46 17.30 -20.40
N PRO D 106 -43.56 18.12 -20.96
CA PRO D 106 -44.00 19.15 -21.90
C PRO D 106 -44.70 18.58 -23.13
N ASN D 107 -44.25 17.43 -23.62
CA ASN D 107 -44.92 16.76 -24.73
C ASN D 107 -46.06 15.88 -24.28
N GLN D 108 -46.28 15.75 -22.96
CA GLN D 108 -47.34 14.92 -22.40
C GLN D 108 -47.24 13.48 -22.91
N GLU D 109 -46.01 13.00 -23.08
CA GLU D 109 -45.75 11.65 -23.55
C GLU D 109 -45.18 10.73 -22.50
N LYS D 110 -44.49 11.27 -21.49
CA LYS D 110 -43.88 10.45 -20.45
C LYS D 110 -44.31 11.01 -19.10
N VAL D 111 -44.91 10.14 -18.28
CA VAL D 111 -45.37 10.52 -16.94
C VAL D 111 -44.83 9.51 -15.95
N SER D 112 -44.43 10.01 -14.79
CA SER D 112 -43.86 9.17 -13.73
C SER D 112 -44.40 9.62 -12.38
N ASP D 113 -44.84 8.65 -11.58
CA ASP D 113 -45.34 8.90 -10.24
C ASP D 113 -44.39 8.27 -9.23
N TYR D 114 -44.09 9.01 -8.18
CA TYR D 114 -43.30 8.49 -7.08
C TYR D 114 -44.01 8.79 -5.76
N GLU D 115 -43.71 7.97 -4.76
CA GLU D 115 -44.39 8.00 -3.47
C GLU D 115 -43.36 8.23 -2.38
N MET D 116 -43.58 9.25 -1.57
CA MET D 116 -42.68 9.63 -0.49
C MET D 116 -43.29 9.34 0.87
N LYS D 117 -42.48 8.73 1.74
CA LYS D 117 -42.88 8.49 3.12
C LYS D 117 -42.85 9.79 3.90
N LEU D 118 -43.93 10.08 4.62
CA LEU D 118 -43.94 11.26 5.47
C LEU D 118 -43.52 10.90 6.89
N MET D 119 -43.28 11.94 7.69
CA MET D 119 -42.82 11.78 9.07
C MET D 119 -43.34 12.94 9.91
N ASP D 120 -43.31 12.75 11.22
CA ASP D 120 -43.87 13.72 12.16
C ASP D 120 -42.76 14.55 12.79
N LEU D 121 -43.02 15.84 12.96
CA LEU D 121 -42.12 16.77 13.62
C LEU D 121 -42.89 17.59 14.63
N ASP D 122 -42.20 18.03 15.68
CA ASP D 122 -42.80 18.93 16.66
C ASP D 122 -42.88 20.33 16.05
N VAL D 123 -44.08 20.91 16.05
CA VAL D 123 -44.30 22.21 15.43
C VAL D 123 -43.82 23.27 16.42
N GLU D 124 -42.58 23.73 16.22
CA GLU D 124 -41.97 24.77 17.05
C GLU D 124 -42.04 26.08 16.27
N GLN D 125 -42.92 26.98 16.69
CA GLN D 125 -43.10 28.26 16.03
C GLN D 125 -42.42 29.37 16.85
N LEU D 126 -41.66 30.20 16.15
CA LEU D 126 -40.96 31.33 16.77
C LEU D 126 -41.46 32.62 16.11
N GLY D 127 -41.85 33.58 16.94
CA GLY D 127 -42.38 34.84 16.44
C GLY D 127 -41.30 35.84 16.08
N ILE D 128 -41.00 35.95 14.78
CA ILE D 128 -39.97 36.86 14.29
C ILE D 128 -40.49 38.29 14.40
N PRO D 129 -39.62 39.27 14.66
CA PRO D 129 -40.07 40.67 14.73
C PRO D 129 -39.94 41.40 13.40
N GLU D 130 -40.84 42.34 13.20
CA GLU D 130 -40.84 43.19 12.00
C GLU D 130 -40.46 44.61 12.42
N GLN D 131 -39.40 45.13 11.82
CA GLN D 131 -38.90 46.45 12.19
C GLN D 131 -38.12 47.05 11.03
N GLU D 132 -37.91 48.36 11.10
CA GLU D 132 -37.09 49.05 10.12
C GLU D 132 -35.61 48.78 10.41
N TYR D 133 -34.81 48.84 9.34
CA TYR D 133 -33.39 48.56 9.43
C TYR D 133 -32.59 49.81 9.11
N SER D 134 -31.37 49.87 9.67
CA SER D 134 -30.55 51.07 9.52
C SER D 134 -30.08 51.24 8.08
N CYS D 135 -29.30 50.29 7.57
CA CYS D 135 -28.81 50.33 6.21
C CYS D 135 -29.40 49.16 5.44
N VAL D 136 -30.10 49.46 4.34
CA VAL D 136 -30.73 48.46 3.49
C VAL D 136 -30.09 48.54 2.11
N VAL D 137 -29.66 47.39 1.59
CA VAL D 137 -28.91 47.34 0.35
C VAL D 137 -29.57 46.36 -0.61
N LYS D 138 -29.88 46.84 -1.81
CA LYS D 138 -30.32 45.99 -2.92
C LYS D 138 -29.24 46.05 -4.00
N MET D 139 -28.85 44.88 -4.50
CA MET D 139 -27.70 44.79 -5.39
C MET D 139 -27.75 43.45 -6.11
N PRO D 140 -27.03 43.30 -7.23
CA PRO D 140 -27.13 42.06 -8.01
C PRO D 140 -26.73 40.84 -7.18
N SER D 141 -27.66 39.88 -7.11
CA SER D 141 -27.45 38.70 -6.28
C SER D 141 -26.24 37.90 -6.75
N GLY D 142 -26.08 37.75 -8.06
CA GLY D 142 -24.92 37.05 -8.57
C GLY D 142 -23.61 37.72 -8.19
N GLU D 143 -23.62 39.06 -8.14
CA GLU D 143 -22.44 39.78 -7.70
C GLU D 143 -22.13 39.50 -6.24
N PHE D 144 -23.18 39.39 -5.41
CA PHE D 144 -22.98 39.16 -3.98
C PHE D 144 -22.23 37.86 -3.73
N ALA D 145 -22.63 36.78 -4.41
CA ALA D 145 -21.93 35.52 -4.26
C ALA D 145 -20.49 35.61 -4.74
N ARG D 146 -20.27 36.35 -5.83
CA ARG D 146 -18.93 36.49 -6.38
C ARG D 146 -17.99 37.14 -5.36
N ILE D 147 -18.51 38.10 -4.59
CA ILE D 147 -17.68 38.76 -3.58
C ILE D 147 -17.33 37.79 -2.46
N CYS D 148 -18.27 36.90 -2.10
CA CYS D 148 -18.10 36.09 -0.91
C CYS D 148 -16.90 35.16 -1.01
N ARG D 149 -16.78 34.40 -2.11
CA ARG D 149 -15.76 33.36 -2.16
C ARG D 149 -14.36 33.94 -2.34
N ASP D 150 -14.24 35.18 -2.81
CA ASP D 150 -12.94 35.86 -2.73
C ASP D 150 -12.56 36.10 -1.28
N LEU D 151 -13.48 36.65 -0.49
CA LEU D 151 -13.17 36.97 0.90
C LEU D 151 -13.07 35.72 1.77
N SER D 152 -13.65 34.60 1.33
CA SER D 152 -13.48 33.35 2.06
C SER D 152 -12.05 32.84 2.02
N HIS D 153 -11.32 33.11 0.93
CA HIS D 153 -9.91 32.77 0.86
C HIS D 153 -9.08 33.49 1.92
N ILE D 154 -9.52 34.64 2.39
CA ILE D 154 -8.75 35.43 3.34
C ILE D 154 -9.07 34.96 4.76
N GLY D 155 -10.33 35.09 5.15
CA GLY D 155 -10.75 34.66 6.46
C GLY D 155 -12.14 34.07 6.48
N ASP D 156 -12.78 34.09 7.65
CA ASP D 156 -14.15 33.62 7.81
C ASP D 156 -15.01 34.70 8.47
N ALA D 157 -14.63 35.96 8.28
CA ALA D 157 -15.31 37.06 8.94
C ALA D 157 -15.21 38.29 8.06
N VAL D 158 -16.36 38.79 7.58
CA VAL D 158 -16.42 39.97 6.74
C VAL D 158 -17.05 41.10 7.54
N VAL D 159 -16.38 42.24 7.56
CA VAL D 159 -16.85 43.42 8.28
C VAL D 159 -17.89 44.12 7.40
N ILE D 160 -19.14 44.09 7.83
CA ILE D 160 -20.21 44.79 7.13
C ILE D 160 -20.19 46.25 7.54
N SER D 161 -20.08 47.15 6.56
CA SER D 161 -19.97 48.57 6.84
C SER D 161 -20.71 49.34 5.76
N CYS D 162 -21.96 49.71 6.05
CA CYS D 162 -22.72 50.55 5.13
C CYS D 162 -22.12 51.96 5.14
N ALA D 163 -21.55 52.36 4.02
CA ALA D 163 -20.83 53.62 3.90
C ALA D 163 -21.60 54.57 3.00
N LYS D 164 -21.01 55.75 2.75
CA LYS D 164 -21.70 56.79 1.99
C LYS D 164 -21.91 56.36 0.53
N ASP D 165 -20.93 55.70 -0.05
CA ASP D 165 -20.96 55.32 -1.46
C ASP D 165 -20.90 53.81 -1.63
N GLY D 166 -21.65 53.07 -0.80
CA GLY D 166 -21.71 51.64 -0.92
C GLY D 166 -21.33 50.98 0.39
N VAL D 167 -20.86 49.74 0.29
CA VAL D 167 -20.48 48.95 1.45
C VAL D 167 -18.97 48.85 1.49
N LYS D 168 -18.44 48.41 2.63
CA LYS D 168 -17.01 48.34 2.90
C LYS D 168 -16.63 46.93 3.32
N PHE D 169 -17.04 45.95 2.51
CA PHE D 169 -16.69 44.56 2.72
C PHE D 169 -15.21 44.39 3.00
N SER D 170 -14.88 43.88 4.18
CA SER D 170 -13.50 43.78 4.63
C SER D 170 -13.30 42.42 5.28
N ALA D 171 -12.42 41.61 4.70
CA ALA D 171 -12.03 40.33 5.27
C ALA D 171 -10.63 40.43 5.84
N SER D 172 -10.46 39.89 7.05
CA SER D 172 -9.19 39.97 7.77
C SER D 172 -8.75 38.54 8.11
N GLY D 173 -7.79 38.02 7.34
CA GLY D 173 -7.27 36.70 7.54
C GLY D 173 -5.79 36.70 7.86
N GLU D 174 -5.28 35.49 8.13
CA GLU D 174 -3.87 35.34 8.47
C GLU D 174 -2.96 35.66 7.30
N LEU D 175 -3.35 35.29 6.08
CA LEU D 175 -2.48 35.51 4.93
C LEU D 175 -2.45 36.98 4.50
N GLY D 176 -3.53 37.72 4.73
CA GLY D 176 -3.57 39.11 4.32
C GLY D 176 -4.90 39.72 4.66
N ASN D 177 -5.16 40.87 4.04
CA ASN D 177 -6.39 41.62 4.25
C ASN D 177 -7.05 41.90 2.91
N GLY D 178 -8.36 41.74 2.86
CA GLY D 178 -9.10 41.99 1.64
C GLY D 178 -10.22 43.00 1.83
N ASN D 179 -10.11 44.14 1.16
CA ASN D 179 -11.10 45.21 1.24
C ASN D 179 -11.75 45.38 -0.12
N ILE D 180 -13.08 45.32 -0.14
CA ILE D 180 -13.85 45.48 -1.37
C ILE D 180 -14.94 46.50 -1.12
N LYS D 181 -14.98 47.53 -1.96
CA LYS D 181 -16.03 48.54 -1.92
C LYS D 181 -16.59 48.72 -3.31
N LEU D 182 -17.90 48.90 -3.41
CA LEU D 182 -18.58 49.11 -4.67
C LEU D 182 -19.26 50.47 -4.67
N SER D 183 -19.03 51.25 -5.72
CA SER D 183 -19.62 52.57 -5.83
C SER D 183 -21.13 52.45 -5.97
N GLN D 184 -21.86 53.27 -5.21
CA GLN D 184 -23.32 53.26 -5.29
C GLN D 184 -23.74 53.84 -6.63
N THR D 185 -24.20 52.97 -7.53
CA THR D 185 -24.62 53.37 -8.87
C THR D 185 -26.11 53.14 -9.02
N SER D 186 -26.83 54.21 -9.34
CA SER D 186 -28.27 54.14 -9.56
C SER D 186 -28.73 54.73 -10.87
N ASN D 187 -27.84 55.37 -11.64
CA ASN D 187 -28.19 55.93 -12.94
C ASN D 187 -28.43 54.86 -13.99
N VAL D 188 -28.03 53.61 -13.73
CA VAL D 188 -28.23 52.53 -14.70
C VAL D 188 -29.73 52.23 -14.80
N ASP D 189 -30.24 52.23 -16.03
CA ASP D 189 -31.65 51.91 -16.23
C ASP D 189 -31.97 50.49 -15.81
N LYS D 190 -31.07 49.55 -16.08
CA LYS D 190 -31.24 48.17 -15.66
C LYS D 190 -31.12 48.09 -14.14
N GLU D 191 -32.25 47.91 -13.47
CA GLU D 191 -32.24 47.82 -12.01
C GLU D 191 -31.49 46.57 -11.54
N GLU D 192 -31.50 45.51 -12.35
CA GLU D 192 -30.77 44.30 -11.97
C GLU D 192 -29.27 44.57 -11.90
N GLU D 193 -28.74 45.36 -12.81
CA GLU D 193 -27.33 45.77 -12.78
C GLU D 193 -27.17 47.13 -12.12
N ALA D 194 -27.62 47.22 -10.86
CA ALA D 194 -27.53 48.47 -10.11
C ALA D 194 -27.58 48.17 -8.62
N VAL D 195 -27.11 49.11 -7.82
CA VAL D 195 -27.12 49.00 -6.37
C VAL D 195 -27.77 50.26 -5.79
N THR D 196 -28.68 50.07 -4.84
CA THR D 196 -29.34 51.18 -4.17
C THR D 196 -29.27 50.95 -2.66
N ILE D 197 -28.65 51.88 -1.94
CA ILE D 197 -28.51 51.82 -0.50
C ILE D 197 -29.18 53.04 0.10
N GLU D 198 -30.01 52.80 1.12
CA GLU D 198 -30.72 53.88 1.81
C GLU D 198 -30.05 54.14 3.15
N MET D 199 -29.88 55.42 3.47
CA MET D 199 -29.11 55.84 4.65
C MET D 199 -30.05 56.25 5.77
N ASN D 200 -29.94 55.56 6.90
CA ASN D 200 -30.54 56.01 8.16
C ASN D 200 -29.50 56.30 9.22
N GLU D 201 -28.58 55.35 9.48
CA GLU D 201 -27.48 55.55 10.40
C GLU D 201 -26.42 54.52 10.09
N PRO D 202 -25.15 54.91 9.99
CA PRO D 202 -24.10 53.92 9.75
C PRO D 202 -24.02 52.93 10.90
N VAL D 203 -23.79 51.67 10.55
CA VAL D 203 -23.69 50.60 11.54
C VAL D 203 -22.76 49.52 10.98
N GLN D 204 -21.87 49.01 11.84
CA GLN D 204 -20.84 48.07 11.43
C GLN D 204 -20.94 46.80 12.24
N LEU D 205 -21.02 45.66 11.54
CA LEU D 205 -21.08 44.35 12.16
C LEU D 205 -20.25 43.37 11.34
N THR D 206 -20.03 42.19 11.88
CA THR D 206 -19.25 41.15 11.20
C THR D 206 -20.00 39.84 11.31
N PHE D 207 -19.91 39.02 10.25
CA PHE D 207 -20.63 37.76 10.18
C PHE D 207 -19.70 36.66 9.72
N ALA D 208 -20.02 35.43 10.12
CA ALA D 208 -19.22 34.29 9.72
C ALA D 208 -19.43 33.95 8.26
N LEU D 209 -18.33 33.78 7.53
CA LEU D 209 -18.42 33.47 6.11
C LEU D 209 -18.93 32.06 5.84
N ARG D 210 -18.95 31.20 6.87
CA ARG D 210 -19.46 29.84 6.67
C ARG D 210 -20.94 29.88 6.28
N TYR D 211 -21.74 30.69 6.98
CA TYR D 211 -23.15 30.79 6.66
C TYR D 211 -23.40 31.59 5.40
N LEU D 212 -22.56 32.60 5.13
CA LEU D 212 -22.70 33.37 3.91
C LEU D 212 -22.55 32.49 2.67
N ASN D 213 -21.61 31.54 2.71
CA ASN D 213 -21.48 30.60 1.61
C ASN D 213 -22.76 29.79 1.43
N PHE D 214 -23.34 29.32 2.54
CA PHE D 214 -24.61 28.61 2.44
C PHE D 214 -25.73 29.53 2.00
N PHE D 215 -25.73 30.78 2.48
CA PHE D 215 -26.77 31.72 2.08
C PHE D 215 -26.68 32.07 0.61
N THR D 216 -25.47 32.08 0.05
CA THR D 216 -25.29 32.38 -1.37
C THR D 216 -25.79 31.27 -2.27
N LYS D 217 -26.17 30.12 -1.72
CA LYS D 217 -26.72 29.04 -2.54
C LYS D 217 -27.98 29.45 -3.28
N ALA D 218 -28.73 30.44 -2.77
CA ALA D 218 -29.98 30.86 -3.37
C ALA D 218 -29.80 31.93 -4.43
N THR D 219 -28.60 32.05 -4.99
CA THR D 219 -28.30 33.18 -5.88
C THR D 219 -29.17 33.17 -7.14
N PRO D 220 -29.29 32.08 -7.90
CA PRO D 220 -30.17 32.10 -9.08
C PRO D 220 -31.68 32.15 -8.77
N LEU D 221 -32.12 32.29 -7.51
CA LEU D 221 -33.54 32.57 -7.28
C LEU D 221 -33.95 33.90 -7.90
N SER D 222 -33.12 34.94 -7.71
CA SER D 222 -33.37 36.27 -8.25
C SER D 222 -32.04 36.89 -8.66
N SER D 223 -32.09 37.76 -9.65
CA SER D 223 -30.87 38.43 -10.11
C SER D 223 -30.34 39.43 -9.10
N THR D 224 -31.17 39.90 -8.17
CA THR D 224 -30.77 40.86 -7.15
C THR D 224 -31.11 40.33 -5.77
N VAL D 225 -30.26 40.67 -4.79
CA VAL D 225 -30.49 40.30 -3.40
C VAL D 225 -30.58 41.58 -2.57
N THR D 226 -31.55 41.60 -1.66
CA THR D 226 -31.77 42.75 -0.80
C THR D 226 -31.26 42.43 0.60
N LEU D 227 -30.40 43.30 1.12
CA LEU D 227 -29.82 43.12 2.44
C LEU D 227 -30.28 44.26 3.34
N SER D 228 -30.87 43.90 4.49
CA SER D 228 -31.30 44.87 5.48
C SER D 228 -30.49 44.64 6.74
N MET D 229 -29.82 45.68 7.21
CA MET D 229 -28.91 45.54 8.34
C MET D 229 -29.27 46.58 9.39
N SER D 230 -29.05 46.21 10.65
CA SER D 230 -29.35 47.11 11.76
C SER D 230 -28.46 46.70 12.94
N ALA D 231 -28.36 47.59 13.93
CA ALA D 231 -27.49 47.35 15.07
C ALA D 231 -28.05 46.24 15.95
N ASP D 232 -27.19 45.27 16.28
CA ASP D 232 -27.57 44.14 17.13
C ASP D 232 -28.82 43.42 16.58
N VAL D 233 -28.85 43.25 15.27
CA VAL D 233 -29.99 42.62 14.60
C VAL D 233 -29.47 41.49 13.72
N PRO D 234 -30.14 40.35 13.66
CA PRO D 234 -29.69 39.29 12.75
C PRO D 234 -29.70 39.74 11.31
N LEU D 235 -28.73 39.24 10.54
CA LEU D 235 -28.59 39.60 9.14
C LEU D 235 -29.82 39.17 8.35
N VAL D 236 -30.22 40.00 7.40
CA VAL D 236 -31.35 39.72 6.52
C VAL D 236 -30.84 39.61 5.10
N VAL D 237 -31.03 38.43 4.51
CA VAL D 237 -30.68 38.16 3.12
C VAL D 237 -31.91 37.59 2.44
N GLU D 238 -32.57 38.41 1.62
CA GLU D 238 -33.86 38.08 1.06
C GLU D 238 -33.74 37.84 -0.44
N TYR D 239 -34.41 36.81 -0.93
CA TYR D 239 -34.47 36.53 -2.36
C TYR D 239 -35.93 36.51 -2.79
N LYS D 240 -36.27 37.32 -3.79
CA LYS D 240 -37.62 37.33 -4.33
C LYS D 240 -37.78 36.15 -5.28
N ILE D 241 -38.83 35.36 -5.07
CA ILE D 241 -39.04 34.15 -5.88
C ILE D 241 -39.93 34.59 -7.04
N ALA D 242 -39.32 35.26 -8.02
CA ALA D 242 -40.05 35.88 -9.12
C ALA D 242 -41.29 36.58 -8.59
N ASP D 243 -42.45 36.18 -9.11
CA ASP D 243 -43.73 36.54 -8.53
C ASP D 243 -44.33 35.42 -7.69
N MET D 244 -43.64 34.29 -7.57
CA MET D 244 -44.18 33.16 -6.83
C MET D 244 -44.20 33.45 -5.33
N GLY D 245 -43.10 34.01 -4.82
CA GLY D 245 -43.02 34.32 -3.41
C GLY D 245 -41.77 35.11 -3.06
N HIS D 246 -41.25 34.89 -1.86
CA HIS D 246 -40.00 35.48 -1.39
C HIS D 246 -39.34 34.52 -0.42
N LEU D 247 -38.03 34.67 -0.27
CA LEU D 247 -37.22 33.83 0.60
C LEU D 247 -36.18 34.73 1.28
N LYS D 248 -36.25 34.83 2.60
CA LYS D 248 -35.34 35.67 3.37
C LYS D 248 -34.65 34.86 4.46
N TYR D 249 -33.46 35.29 4.85
CA TYR D 249 -32.62 34.56 5.80
C TYR D 249 -32.37 35.42 7.03
N TYR D 250 -32.27 34.77 8.18
CA TYR D 250 -31.83 35.40 9.42
C TYR D 250 -30.53 34.76 9.89
N LEU D 251 -29.65 35.59 10.44
CA LEU D 251 -28.39 35.12 11.00
C LEU D 251 -27.93 36.12 12.05
N ALA D 252 -27.97 35.70 13.32
CA ALA D 252 -27.66 36.61 14.41
C ALA D 252 -26.18 37.04 14.33
N PRO D 253 -25.89 38.31 14.54
CA PRO D 253 -24.51 38.78 14.46
C PRO D 253 -23.66 38.23 15.59
N LYS D 254 -22.38 38.02 15.29
CA LYS D 254 -21.45 37.54 16.29
C LYS D 254 -21.17 38.63 17.32
N ILE D 255 -20.93 38.22 18.56
CA ILE D 255 -20.63 39.14 19.63
C ILE D 255 -19.16 39.53 19.52
N GLU D 256 -18.90 40.83 19.38
CA GLU D 256 -17.54 41.33 19.20
C GLU D 256 -16.74 41.10 20.48
N ASP D 257 -15.78 40.18 20.43
CA ASP D 257 -14.93 39.92 21.57
C ASP D 257 -14.02 41.11 21.83
N GLU D 258 -13.58 41.24 23.09
CA GLU D 258 -12.69 42.32 23.50
C GLU D 258 -11.23 41.99 23.14
N GLU D 259 -10.99 41.87 21.84
CA GLU D 259 -9.65 41.56 21.35
C GLU D 259 -8.71 42.75 21.49
N GLY D 260 -9.23 43.97 21.53
CA GLY D 260 -8.36 45.13 21.71
C GLY D 260 -7.68 45.15 23.06
N SER D 261 -8.38 44.70 24.10
CA SER D 261 -7.81 44.66 25.45
C SER D 261 -6.72 43.60 25.56
#